data_2Z1K
#
_entry.id   2Z1K
#
_cell.length_a   67.144
_cell.length_b   95.897
_cell.length_c   140.598
_cell.angle_alpha   90.00
_cell.angle_beta   94.40
_cell.angle_gamma   90.00
#
_symmetry.space_group_name_H-M   'P 1 21 1'
#
loop_
_entity.id
_entity.type
_entity.pdbx_description
1 polymer (Neo)pullulanase
2 branched Cycloheptakis-(1-4)-(alpha-D-glucopyranose)
3 branched alpha-D-glucopyranose-(1-4)-alpha-D-glucopyranose-(1-4)-alpha-D-glucopyranose
4 non-polymer 'PHOSPHATE ION'
5 water water
#
_entity_poly.entity_id   1
_entity_poly.type   'polypeptide(L)'
_entity_poly.pdbx_seq_one_letter_code
;(MSE)AWYEGAFFYQIFPDRFFRAGPPGRPAPAGPFEPWEAPPTLRGFKGGTLWGVAEKLPYLLDLGVEAIYLNPVFAST
ANHRYHTVDYFQVDPILGGNEALRHLLEVAHAHGVRVILDGVFNHTGRGFFAFQHL(MSE)ENGEQSPYRDWYHVKGFPL
KAYTAHPNYEAWWGNPELPKLKVETPAVREYLLAVAEHWIRFGVDGWRLDVPNEIPDPTFWREFRQRVKGANPEAYIVGE
IWEEADFWLQGD(MSE)FDAV(MSE)NYPLARAVLGFVGGEALDRDLAAQTGLGRIEPLQALAFSHRLEDLFGRYRPEVV
RAQ(MSE)NLLTSHDTPRLLSL(MSE)RGSVERARLALALLFLLPGNPTVYYGEEVG(MSE)AGGKDPENRGG(MSE)VW
EEARWQKDLRETVKRLARLRKEHPALRTAPYLRIYAQDGHLAFARGPYLAVVNASPHPFRQDFPLHGVFPRGGRAVDLLS
GEVCTPQGGRLCGPVLPPFSLALWREA
;
_entity_poly.pdbx_strand_id   A,B,C,D
#
# COMPACT_ATOMS: atom_id res chain seq x y z
N ALA A 2 -50.35 4.96 -10.26
CA ALA A 2 -51.44 5.90 -10.67
C ALA A 2 -51.05 7.35 -10.39
N TRP A 3 -51.51 7.87 -9.26
CA TRP A 3 -51.22 9.26 -8.89
C TRP A 3 -49.74 9.46 -8.57
N TYR A 4 -49.06 8.42 -8.12
CA TYR A 4 -47.66 8.54 -7.76
C TYR A 4 -46.67 8.32 -8.89
N GLU A 5 -47.09 8.53 -10.12
CA GLU A 5 -46.20 8.37 -11.25
C GLU A 5 -46.03 9.68 -12.03
N GLY A 6 -45.24 10.59 -11.47
CA GLY A 6 -45.00 11.87 -12.11
C GLY A 6 -45.37 13.04 -11.22
N ALA A 7 -45.88 12.73 -10.05
CA ALA A 7 -46.31 13.73 -9.09
C ALA A 7 -45.19 14.57 -8.46
N PHE A 8 -45.50 15.82 -8.19
CA PHE A 8 -44.58 16.76 -7.57
C PHE A 8 -44.66 16.55 -6.07
N PHE A 9 -43.58 16.05 -5.49
CA PHE A 9 -43.49 15.77 -4.06
C PHE A 9 -42.73 16.86 -3.33
N TYR A 10 -43.16 17.16 -2.11
CA TYR A 10 -42.51 18.17 -1.29
C TYR A 10 -42.24 17.53 0.07
N GLN A 11 -40.98 17.48 0.48
CA GLN A 11 -40.60 16.88 1.75
C GLN A 11 -40.56 17.87 2.91
N ILE A 12 -41.31 17.56 3.96
CA ILE A 12 -41.36 18.42 5.13
C ILE A 12 -40.81 17.75 6.39
N PHE A 13 -39.98 18.49 7.10
CA PHE A 13 -39.38 18.04 8.36
C PHE A 13 -40.32 18.75 9.36
N PRO A 14 -41.33 18.04 9.87
CA PRO A 14 -42.35 18.50 10.82
C PRO A 14 -41.99 19.57 11.85
N ASP A 15 -40.90 19.35 12.58
CA ASP A 15 -40.48 20.29 13.61
C ASP A 15 -39.98 21.63 13.05
N ARG A 16 -39.77 21.69 11.74
CA ARG A 16 -39.23 22.92 11.15
C ARG A 16 -40.06 23.60 10.06
N PHE A 17 -41.34 23.26 9.90
CA PHE A 17 -42.10 23.92 8.86
C PHE A 17 -42.83 25.16 9.36
N PHE A 18 -43.82 24.98 10.22
CA PHE A 18 -44.55 26.11 10.78
C PHE A 18 -45.18 25.75 12.11
N ARG A 19 -44.99 26.61 13.10
CA ARG A 19 -45.52 26.37 14.44
C ARG A 19 -46.89 27.00 14.64
N ALA A 20 -47.91 26.19 14.85
CA ALA A 20 -49.27 26.68 15.07
C ALA A 20 -50.15 25.64 15.76
N GLY A 21 -51.28 26.10 16.30
CA GLY A 21 -52.21 25.19 16.96
C GLY A 21 -51.82 24.65 18.33
N PRO A 22 -52.74 23.91 18.98
CA PRO A 22 -52.51 23.31 20.30
C PRO A 22 -51.74 22.00 20.24
N PRO A 23 -50.87 21.76 21.22
CA PRO A 23 -50.10 20.51 21.27
C PRO A 23 -51.01 19.39 21.72
N GLY A 24 -50.53 18.16 21.59
CA GLY A 24 -51.30 17.03 22.02
C GLY A 24 -50.97 16.77 23.48
N ARG A 25 -51.48 15.69 24.03
CA ARG A 25 -51.23 15.33 25.41
C ARG A 25 -50.27 14.13 25.35
N PRO A 26 -49.22 14.12 26.19
CA PRO A 26 -48.72 15.04 27.21
C PRO A 26 -48.20 16.32 26.58
N ALA A 27 -48.71 17.46 27.02
CA ALA A 27 -48.29 18.75 26.47
C ALA A 27 -46.93 19.16 27.01
N PRO A 28 -46.09 19.74 26.15
CA PRO A 28 -44.77 20.17 26.59
C PRO A 28 -44.93 21.32 27.57
N ALA A 29 -44.00 21.45 28.50
CA ALA A 29 -44.03 22.51 29.50
C ALA A 29 -42.62 23.04 29.67
N GLY A 30 -42.21 23.86 28.71
CA GLY A 30 -40.88 24.44 28.71
C GLY A 30 -40.75 25.27 27.45
N PRO A 31 -39.73 26.13 27.35
CA PRO A 31 -39.57 26.94 26.14
C PRO A 31 -39.05 26.16 24.94
N PHE A 32 -39.44 26.60 23.74
CA PHE A 32 -38.99 25.99 22.51
C PHE A 32 -37.82 26.81 21.99
N GLU A 33 -36.89 26.14 21.31
CA GLU A 33 -35.73 26.81 20.75
C GLU A 33 -36.29 27.86 19.81
N PRO A 34 -35.82 29.12 19.92
CA PRO A 34 -36.36 30.16 19.02
C PRO A 34 -36.26 29.73 17.54
N TRP A 35 -37.28 30.08 16.79
CA TRP A 35 -37.38 29.70 15.39
C TRP A 35 -36.18 30.04 14.51
N GLU A 36 -35.77 31.30 14.53
CA GLU A 36 -34.67 31.74 13.70
C GLU A 36 -33.27 31.45 14.23
N ALA A 37 -33.19 30.67 15.31
CA ALA A 37 -31.90 30.33 15.89
C ALA A 37 -31.29 29.13 15.17
N PRO A 38 -29.95 28.98 15.24
CA PRO A 38 -29.26 27.86 14.58
C PRO A 38 -29.78 26.50 15.06
N PRO A 39 -30.11 25.62 14.11
CA PRO A 39 -30.61 24.29 14.47
C PRO A 39 -29.56 23.52 15.25
N THR A 40 -30.00 22.78 16.26
CA THR A 40 -29.07 21.99 17.07
C THR A 40 -29.42 20.51 16.98
N LEU A 41 -28.60 19.68 17.63
CA LEU A 41 -28.82 18.25 17.61
C LEU A 41 -30.02 17.81 18.46
N ARG A 42 -30.30 18.52 19.54
CA ARG A 42 -31.41 18.14 20.41
C ARG A 42 -32.52 19.18 20.51
N GLY A 43 -32.32 20.35 19.94
CA GLY A 43 -33.31 21.41 20.01
C GLY A 43 -34.61 21.20 19.24
N PHE A 44 -35.70 21.66 19.86
CA PHE A 44 -37.04 21.58 19.27
C PHE A 44 -37.51 23.01 18.99
N LYS A 45 -38.00 23.27 17.79
CA LYS A 45 -38.50 24.61 17.45
C LYS A 45 -40.01 24.65 17.61
N GLY A 46 -40.61 23.46 17.68
CA GLY A 46 -42.04 23.37 17.90
C GLY A 46 -42.97 23.37 16.70
N GLY A 47 -42.46 23.12 15.50
CA GLY A 47 -43.33 23.09 14.34
C GLY A 47 -44.40 22.04 14.62
N THR A 48 -45.59 22.20 14.04
CA THR A 48 -46.68 21.26 14.26
C THR A 48 -47.32 20.85 12.95
N LEU A 49 -48.19 19.83 12.99
CA LEU A 49 -48.87 19.41 11.77
C LEU A 49 -50.02 20.38 11.52
N TRP A 50 -50.48 21.07 12.57
CA TRP A 50 -51.54 22.06 12.43
C TRP A 50 -51.00 23.14 11.50
N GLY A 51 -49.73 23.52 11.73
CA GLY A 51 -49.08 24.53 10.92
C GLY A 51 -48.91 24.09 9.48
N VAL A 52 -48.59 22.81 9.27
CA VAL A 52 -48.42 22.31 7.91
C VAL A 52 -49.75 22.50 7.18
N ALA A 53 -50.86 22.17 7.85
CA ALA A 53 -52.18 22.31 7.25
C ALA A 53 -52.47 23.78 6.95
N GLU A 54 -51.99 24.67 7.82
CA GLU A 54 -52.19 26.11 7.62
C GLU A 54 -51.43 26.64 6.41
N LYS A 55 -50.28 26.03 6.13
CA LYS A 55 -49.44 26.45 5.00
C LYS A 55 -49.77 25.77 3.68
N LEU A 56 -50.87 25.03 3.64
CA LEU A 56 -51.26 24.35 2.41
C LEU A 56 -51.43 25.32 1.24
N PRO A 57 -52.07 26.48 1.46
CA PRO A 57 -52.23 27.39 0.32
C PRO A 57 -50.88 27.76 -0.30
N TYR A 58 -49.84 27.81 0.53
CA TYR A 58 -48.49 28.10 0.04
C TYR A 58 -48.04 26.95 -0.87
N LEU A 59 -48.28 25.72 -0.42
CA LEU A 59 -47.90 24.53 -1.19
C LEU A 59 -48.71 24.39 -2.46
N LEU A 60 -50.00 24.75 -2.40
CA LEU A 60 -50.86 24.69 -3.58
C LEU A 60 -50.39 25.69 -4.62
N ASP A 61 -49.99 26.87 -4.17
CA ASP A 61 -49.49 27.89 -5.08
C ASP A 61 -48.26 27.37 -5.84
N LEU A 62 -47.37 26.71 -5.10
CA LEU A 62 -46.15 26.17 -5.67
C LEU A 62 -46.43 25.05 -6.66
N GLY A 63 -47.58 24.37 -6.49
CA GLY A 63 -47.95 23.30 -7.38
C GLY A 63 -47.79 21.91 -6.80
N VAL A 64 -47.55 21.84 -5.49
CA VAL A 64 -47.35 20.55 -4.80
C VAL A 64 -48.54 19.60 -4.96
N GLU A 65 -48.25 18.35 -5.32
CA GLU A 65 -49.30 17.35 -5.48
C GLU A 65 -49.26 16.30 -4.37
N ALA A 66 -48.13 16.23 -3.67
CA ALA A 66 -47.98 15.28 -2.58
C ALA A 66 -46.99 15.77 -1.55
N ILE A 67 -47.24 15.40 -0.30
CA ILE A 67 -46.37 15.79 0.80
C ILE A 67 -45.73 14.55 1.40
N TYR A 68 -44.41 14.58 1.51
CA TYR A 68 -43.69 13.47 2.12
C TYR A 68 -43.22 14.03 3.46
N LEU A 69 -43.72 13.47 4.55
CA LEU A 69 -43.36 13.92 5.90
C LEU A 69 -42.34 13.02 6.55
N ASN A 70 -41.38 13.61 7.26
CA ASN A 70 -40.40 12.82 8.00
C ASN A 70 -41.25 12.25 9.16
N PRO A 71 -40.72 11.32 9.95
CA PRO A 71 -41.48 10.73 11.06
C PRO A 71 -42.34 11.67 11.91
N VAL A 72 -43.59 11.26 12.13
CA VAL A 72 -44.52 12.06 12.92
C VAL A 72 -45.04 11.40 14.19
N PHE A 73 -44.64 10.16 14.45
CA PHE A 73 -45.11 9.48 15.65
C PHE A 73 -44.30 9.88 16.87
N ALA A 74 -44.89 9.69 18.05
CA ALA A 74 -44.23 10.05 19.30
C ALA A 74 -42.78 9.59 19.33
N SER A 75 -41.89 10.54 19.60
CA SER A 75 -40.45 10.29 19.65
C SER A 75 -39.77 11.31 20.57
N THR A 76 -38.58 10.98 21.03
CA THR A 76 -37.84 11.87 21.90
C THR A 76 -36.82 12.72 21.10
N ALA A 77 -36.69 12.44 19.80
CA ALA A 77 -35.74 13.16 18.96
C ALA A 77 -36.43 14.22 18.10
N ASN A 78 -35.80 15.38 17.94
CA ASN A 78 -36.41 16.43 17.12
C ASN A 78 -36.68 15.99 15.69
N HIS A 79 -35.90 15.03 15.19
CA HIS A 79 -36.09 14.51 13.85
C HIS A 79 -37.09 13.35 13.85
N ARG A 80 -37.34 12.82 15.04
CA ARG A 80 -38.29 11.73 15.29
C ARG A 80 -38.02 10.32 14.75
N TYR A 81 -36.75 10.01 14.48
CA TYR A 81 -36.41 8.68 14.00
C TYR A 81 -36.24 7.70 15.17
N HIS A 82 -36.35 8.22 16.40
CA HIS A 82 -36.24 7.40 17.61
C HIS A 82 -37.66 7.23 18.14
N THR A 83 -38.41 6.35 17.49
CA THR A 83 -39.81 6.11 17.82
C THR A 83 -40.08 5.58 19.22
N VAL A 84 -41.09 6.16 19.85
CA VAL A 84 -41.51 5.77 21.18
C VAL A 84 -42.90 5.11 21.13
N ASP A 85 -43.70 5.47 20.14
CA ASP A 85 -45.03 4.88 19.98
C ASP A 85 -45.54 5.06 18.56
N TYR A 86 -45.60 3.96 17.82
CA TYR A 86 -46.05 3.97 16.45
C TYR A 86 -47.54 4.27 16.26
N PHE A 87 -48.31 4.22 17.34
CA PHE A 87 -49.74 4.49 17.27
C PHE A 87 -50.19 5.89 17.70
N GLN A 88 -49.24 6.77 18.01
CA GLN A 88 -49.60 8.12 18.40
C GLN A 88 -48.74 9.16 17.70
N VAL A 89 -49.40 10.13 17.06
CA VAL A 89 -48.67 11.21 16.43
C VAL A 89 -48.10 12.01 17.60
N ASP A 90 -46.83 12.38 17.49
CA ASP A 90 -46.15 13.11 18.55
C ASP A 90 -46.98 14.26 19.13
N PRO A 91 -47.01 14.37 20.46
CA PRO A 91 -47.76 15.42 21.18
C PRO A 91 -47.41 16.82 20.67
N ILE A 92 -46.11 17.11 20.56
CA ILE A 92 -45.67 18.42 20.10
C ILE A 92 -46.23 18.76 18.72
N LEU A 93 -46.41 17.77 17.86
CA LEU A 93 -46.95 18.02 16.53
C LEU A 93 -48.46 18.24 16.59
N GLY A 94 -49.04 17.97 17.75
CA GLY A 94 -50.47 18.18 17.93
C GLY A 94 -51.32 16.93 18.08
N GLY A 95 -50.68 15.77 18.13
CA GLY A 95 -51.43 14.53 18.28
C GLY A 95 -52.16 14.09 17.02
N ASN A 96 -52.83 12.94 17.13
CA ASN A 96 -53.56 12.36 16.01
C ASN A 96 -54.54 13.31 15.33
N GLU A 97 -55.21 14.14 16.12
CA GLU A 97 -56.19 15.07 15.56
C GLU A 97 -55.52 16.06 14.59
N ALA A 98 -54.26 16.34 14.81
CA ALA A 98 -53.52 17.26 13.93
C ALA A 98 -53.30 16.58 12.58
N LEU A 99 -52.87 15.32 12.61
CA LEU A 99 -52.65 14.57 11.38
C LEU A 99 -53.95 14.40 10.63
N ARG A 100 -55.02 14.13 11.38
CA ARG A 100 -56.35 13.95 10.81
C ARG A 100 -56.76 15.22 10.08
N HIS A 101 -56.62 16.37 10.74
CA HIS A 101 -56.97 17.64 10.12
C HIS A 101 -56.12 17.89 8.88
N LEU A 102 -54.81 17.65 8.99
CA LEU A 102 -53.93 17.84 7.86
C LEU A 102 -54.40 17.02 6.66
N LEU A 103 -54.72 15.76 6.88
CA LEU A 103 -55.18 14.89 5.80
C LEU A 103 -56.47 15.37 5.16
N GLU A 104 -57.38 15.87 5.98
CA GLU A 104 -58.66 16.39 5.48
C GLU A 104 -58.44 17.56 4.53
N VAL A 105 -57.70 18.57 4.98
CA VAL A 105 -57.41 19.72 4.16
C VAL A 105 -56.61 19.34 2.90
N ALA A 106 -55.61 18.49 3.10
CA ALA A 106 -54.79 18.05 1.97
C ALA A 106 -55.65 17.40 0.91
N HIS A 107 -56.38 16.36 1.30
CA HIS A 107 -57.23 15.62 0.39
C HIS A 107 -58.34 16.46 -0.25
N ALA A 108 -58.91 17.38 0.52
CA ALA A 108 -59.96 18.25 0.02
C ALA A 108 -59.43 19.11 -1.14
N HIS A 109 -58.12 19.30 -1.18
CA HIS A 109 -57.51 20.10 -2.24
C HIS A 109 -56.70 19.22 -3.20
N GLY A 110 -56.96 17.92 -3.18
CA GLY A 110 -56.27 17.01 -4.07
C GLY A 110 -54.79 16.79 -3.82
N VAL A 111 -54.37 16.84 -2.56
CA VAL A 111 -52.98 16.61 -2.22
C VAL A 111 -52.82 15.34 -1.41
N ARG A 112 -51.90 14.47 -1.84
CA ARG A 112 -51.63 13.21 -1.14
C ARG A 112 -50.61 13.47 -0.03
N VAL A 113 -50.56 12.56 0.95
CA VAL A 113 -49.62 12.69 2.06
C VAL A 113 -49.06 11.32 2.45
N ILE A 114 -47.73 11.18 2.42
CA ILE A 114 -47.11 9.92 2.79
C ILE A 114 -46.27 10.11 4.04
N LEU A 115 -46.18 9.05 4.84
CA LEU A 115 -45.43 9.08 6.08
C LEU A 115 -44.12 8.31 5.99
N ASP A 116 -43.26 8.53 6.97
CA ASP A 116 -41.97 7.90 7.02
C ASP A 116 -42.04 6.75 8.03
N GLY A 117 -41.69 5.55 7.58
CA GLY A 117 -41.74 4.39 8.44
C GLY A 117 -40.38 3.94 8.87
N VAL A 118 -40.14 3.99 10.18
CA VAL A 118 -38.86 3.57 10.75
C VAL A 118 -39.13 2.26 11.47
N PHE A 119 -38.96 1.16 10.77
CA PHE A 119 -39.28 -0.14 11.35
C PHE A 119 -38.11 -1.05 11.73
N ASN A 120 -36.89 -0.60 11.44
CA ASN A 120 -35.72 -1.39 11.77
C ASN A 120 -35.38 -1.31 13.26
N HIS A 121 -35.69 -0.18 13.86
CA HIS A 121 -35.35 0.06 15.24
C HIS A 121 -36.34 1.02 15.90
N THR A 122 -36.19 1.18 17.20
CA THR A 122 -37.05 2.09 17.95
C THR A 122 -36.12 2.93 18.80
N GLY A 123 -36.69 3.91 19.51
CA GLY A 123 -35.88 4.72 20.39
C GLY A 123 -35.80 3.93 21.69
N ARG A 124 -34.99 4.39 22.64
CA ARG A 124 -34.86 3.71 23.91
C ARG A 124 -36.14 3.88 24.75
N GLY A 125 -36.93 4.88 24.39
CA GLY A 125 -38.17 5.16 25.12
C GLY A 125 -39.35 4.28 24.78
N PHE A 126 -39.21 3.42 23.76
CA PHE A 126 -40.29 2.53 23.37
C PHE A 126 -40.64 1.60 24.54
N PHE A 127 -41.92 1.28 24.67
CA PHE A 127 -42.40 0.42 25.77
C PHE A 127 -41.59 -0.86 26.00
N ALA A 128 -41.46 -1.67 24.95
CA ALA A 128 -40.73 -2.92 25.05
C ALA A 128 -39.28 -2.74 25.48
N PHE A 129 -38.63 -1.67 25.03
CA PHE A 129 -37.24 -1.47 25.43
C PHE A 129 -37.15 -1.06 26.89
N GLN A 130 -38.05 -0.19 27.31
CA GLN A 130 -38.09 0.25 28.70
C GLN A 130 -38.34 -0.94 29.58
N HIS A 131 -39.18 -1.86 29.10
CA HIS A 131 -39.50 -3.08 29.84
C HIS A 131 -38.24 -3.90 30.06
N LEU A 132 -37.40 -3.97 29.01
CA LEU A 132 -36.15 -4.72 29.08
C LEU A 132 -35.21 -4.12 30.12
N GLU A 134 -35.90 -2.18 32.80
CA GLU A 134 -36.37 -2.26 34.16
C GLU A 134 -36.40 -3.69 34.73
N ASN A 135 -36.62 -4.67 33.86
CA ASN A 135 -36.73 -6.05 34.32
C ASN A 135 -35.65 -7.03 33.87
N GLY A 136 -34.78 -6.61 32.95
CA GLY A 136 -33.71 -7.49 32.47
C GLY A 136 -34.22 -8.80 31.90
N GLU A 137 -33.62 -9.92 32.34
CA GLU A 137 -34.01 -11.25 31.88
C GLU A 137 -35.44 -11.64 32.20
N GLN A 138 -36.02 -11.03 33.22
CA GLN A 138 -37.37 -11.36 33.61
C GLN A 138 -38.44 -10.67 32.78
N SER A 139 -38.02 -9.80 31.86
CA SER A 139 -38.95 -9.08 31.01
C SER A 139 -39.53 -9.94 29.90
N PRO A 140 -40.86 -10.00 29.79
CA PRO A 140 -41.52 -10.80 28.76
C PRO A 140 -41.48 -10.15 27.37
N TYR A 141 -40.65 -9.10 27.22
CA TYR A 141 -40.49 -8.39 25.95
C TYR A 141 -39.06 -8.53 25.43
N ARG A 142 -38.27 -9.34 26.14
CA ARG A 142 -36.88 -9.60 25.78
C ARG A 142 -36.66 -9.87 24.30
N ASP A 143 -37.49 -10.74 23.72
CA ASP A 143 -37.37 -11.08 22.30
C ASP A 143 -37.82 -10.04 21.28
N TRP A 144 -38.00 -8.80 21.71
CA TRP A 144 -38.38 -7.73 20.78
C TRP A 144 -37.10 -7.14 20.21
N TYR A 145 -36.00 -7.34 20.93
CA TYR A 145 -34.70 -6.84 20.53
C TYR A 145 -33.66 -7.95 20.40
N HIS A 146 -32.45 -7.56 20.02
CA HIS A 146 -31.34 -8.50 19.87
C HIS A 146 -30.40 -8.28 21.04
N VAL A 147 -30.80 -8.80 22.20
CA VAL A 147 -30.02 -8.65 23.43
C VAL A 147 -28.76 -9.51 23.44
N LYS A 148 -27.63 -8.88 23.73
CA LYS A 148 -26.36 -9.59 23.77
C LYS A 148 -26.14 -10.10 25.19
N GLY A 149 -26.48 -9.27 26.17
CA GLY A 149 -26.32 -9.65 27.57
C GLY A 149 -26.84 -8.58 28.51
N PHE A 150 -26.75 -8.84 29.80
CA PHE A 150 -27.23 -7.89 30.81
C PHE A 150 -26.13 -7.52 31.81
N PRO A 151 -26.11 -6.25 32.28
CA PRO A 151 -27.06 -5.19 31.92
C PRO A 151 -26.92 -4.76 30.45
N LEU A 152 -27.84 -3.92 30.00
CA LEU A 152 -27.85 -3.47 28.61
C LEU A 152 -26.82 -2.40 28.26
N LYS A 153 -26.34 -1.65 29.25
CA LYS A 153 -25.36 -0.59 29.01
C LYS A 153 -25.89 0.29 27.88
N ALA A 154 -27.13 0.72 28.01
CA ALA A 154 -27.81 1.53 27.00
C ALA A 154 -27.33 2.96 26.85
N TYR A 155 -26.55 3.45 27.83
CA TYR A 155 -26.05 4.82 27.75
C TYR A 155 -24.54 4.91 27.66
N THR A 156 -23.94 3.85 27.12
CA THR A 156 -22.50 3.79 26.92
C THR A 156 -22.29 3.59 25.42
N ALA A 157 -21.06 3.79 24.96
CA ALA A 157 -20.76 3.63 23.54
C ALA A 157 -20.69 2.15 23.16
N HIS A 158 -20.95 1.28 24.13
CA HIS A 158 -20.90 -0.16 23.89
C HIS A 158 -22.17 -0.87 24.36
N PRO A 159 -23.32 -0.57 23.72
CA PRO A 159 -24.58 -1.20 24.12
C PRO A 159 -24.51 -2.73 24.05
N ASN A 160 -25.23 -3.39 24.95
CA ASN A 160 -25.24 -4.84 25.01
C ASN A 160 -26.38 -5.44 24.16
N TYR A 161 -26.64 -4.81 23.02
CA TYR A 161 -27.69 -5.24 22.10
C TYR A 161 -27.42 -4.69 20.70
N GLU A 162 -27.96 -5.34 19.67
CA GLU A 162 -27.77 -4.87 18.30
C GLU A 162 -28.44 -3.49 18.16
N ALA A 163 -27.71 -2.56 17.54
CA ALA A 163 -28.20 -1.19 17.34
C ALA A 163 -27.75 -0.60 15.99
N TRP A 164 -28.60 0.23 15.40
CA TRP A 164 -28.31 0.87 14.11
C TRP A 164 -26.96 1.57 14.14
N TRP A 165 -26.03 1.09 13.32
CA TRP A 165 -24.68 1.68 13.25
C TRP A 165 -24.01 1.69 14.62
N GLY A 166 -24.43 0.79 15.50
CA GLY A 166 -23.87 0.69 16.84
C GLY A 166 -24.24 1.82 17.79
N ASN A 167 -25.13 2.70 17.35
CA ASN A 167 -25.56 3.82 18.18
C ASN A 167 -26.55 3.28 19.21
N PRO A 168 -26.25 3.45 20.51
CA PRO A 168 -27.14 2.94 21.56
C PRO A 168 -28.54 3.57 21.62
N GLU A 169 -28.71 4.72 20.96
CA GLU A 169 -30.00 5.40 20.95
C GLU A 169 -31.01 4.73 20.03
N LEU A 170 -30.54 3.79 19.21
CA LEU A 170 -31.41 3.12 18.27
C LEU A 170 -31.40 1.58 18.32
N PRO A 171 -32.06 0.99 19.34
CA PRO A 171 -32.13 -0.46 19.52
C PRO A 171 -32.75 -1.12 18.28
N LYS A 172 -32.09 -2.14 17.74
CA LYS A 172 -32.59 -2.83 16.56
C LYS A 172 -33.68 -3.84 16.90
N LEU A 173 -34.80 -3.72 16.20
CA LEU A 173 -35.95 -4.59 16.38
C LEU A 173 -35.72 -6.01 15.84
N LYS A 174 -36.30 -6.99 16.52
CA LYS A 174 -36.19 -8.39 16.10
C LYS A 174 -37.48 -8.73 15.36
N VAL A 175 -37.50 -8.43 14.07
CA VAL A 175 -38.67 -8.64 13.22
C VAL A 175 -39.17 -10.07 13.06
N GLU A 176 -38.31 -11.07 13.23
CA GLU A 176 -38.76 -12.46 13.09
C GLU A 176 -39.66 -12.90 14.23
N THR A 177 -39.59 -12.19 15.36
CA THR A 177 -40.44 -12.51 16.51
C THR A 177 -41.88 -12.17 16.10
N PRO A 178 -42.78 -13.15 16.15
CA PRO A 178 -44.18 -12.91 15.77
C PRO A 178 -44.81 -11.63 16.34
N ALA A 179 -44.66 -11.41 17.66
CA ALA A 179 -45.23 -10.22 18.30
C ALA A 179 -44.74 -8.93 17.64
N VAL A 180 -43.47 -8.92 17.23
CA VAL A 180 -42.88 -7.75 16.59
C VAL A 180 -43.46 -7.56 15.18
N ARG A 181 -43.41 -8.60 14.37
CA ARG A 181 -43.92 -8.52 13.01
C ARG A 181 -45.41 -8.16 12.98
N GLU A 182 -46.15 -8.63 13.97
CA GLU A 182 -47.57 -8.35 14.06
C GLU A 182 -47.79 -6.88 14.36
N TYR A 183 -46.97 -6.36 15.27
CA TYR A 183 -47.05 -4.96 15.68
C TYR A 183 -46.74 -4.06 14.47
N LEU A 184 -45.59 -4.31 13.82
CA LEU A 184 -45.18 -3.51 12.66
C LEU A 184 -46.17 -3.59 11.51
N LEU A 185 -46.71 -4.77 11.24
CA LEU A 185 -47.66 -4.88 10.15
C LEU A 185 -48.98 -4.19 10.49
N ALA A 186 -49.36 -4.21 11.77
CA ALA A 186 -50.59 -3.55 12.16
C ALA A 186 -50.38 -2.04 12.02
N VAL A 187 -49.15 -1.59 12.28
CA VAL A 187 -48.81 -0.17 12.18
C VAL A 187 -48.96 0.28 10.73
N ALA A 188 -48.29 -0.43 9.85
CA ALA A 188 -48.30 -0.12 8.42
C ALA A 188 -49.74 -0.03 7.91
N GLU A 189 -50.58 -0.96 8.36
CA GLU A 189 -51.99 -1.02 7.95
C GLU A 189 -52.83 0.12 8.54
N HIS A 190 -52.76 0.25 9.85
CA HIS A 190 -53.51 1.25 10.59
C HIS A 190 -53.49 2.66 10.00
N TRP A 191 -52.29 3.19 9.79
CA TRP A 191 -52.17 4.53 9.26
C TRP A 191 -52.71 4.70 7.85
N ILE A 192 -52.66 3.62 7.07
CA ILE A 192 -53.18 3.69 5.71
C ILE A 192 -54.71 3.80 5.80
N ARG A 193 -55.31 3.14 6.78
CA ARG A 193 -56.75 3.20 6.97
C ARG A 193 -57.16 4.53 7.62
N PHE A 194 -56.24 5.11 8.39
CA PHE A 194 -56.47 6.39 9.05
C PHE A 194 -56.63 7.47 7.97
N GLY A 195 -56.06 7.23 6.79
CA GLY A 195 -56.17 8.20 5.71
C GLY A 195 -54.88 8.49 4.96
N VAL A 196 -53.77 8.01 5.50
CA VAL A 196 -52.46 8.21 4.89
C VAL A 196 -52.36 7.53 3.52
N ASP A 197 -51.71 8.21 2.58
CA ASP A 197 -51.59 7.72 1.21
C ASP A 197 -50.40 6.85 0.84
N GLY A 198 -49.49 6.60 1.78
CA GLY A 198 -48.36 5.76 1.43
C GLY A 198 -47.26 5.77 2.47
N TRP A 199 -46.16 5.07 2.18
CA TRP A 199 -45.04 5.00 3.11
C TRP A 199 -43.67 5.16 2.47
N ARG A 200 -42.80 5.87 3.17
CA ARG A 200 -41.41 6.04 2.75
C ARG A 200 -40.67 5.20 3.79
N LEU A 201 -40.07 4.10 3.35
CA LEU A 201 -39.37 3.22 4.26
C LEU A 201 -37.93 3.58 4.54
N ASP A 202 -37.64 3.72 5.83
CA ASP A 202 -36.31 4.07 6.34
C ASP A 202 -35.40 2.84 6.27
N VAL A 203 -34.18 3.03 5.78
CA VAL A 203 -33.18 1.97 5.66
C VAL A 203 -33.77 0.56 5.62
N PRO A 204 -34.63 0.28 4.62
CA PRO A 204 -35.23 -1.06 4.53
C PRO A 204 -34.25 -2.22 4.41
N ASN A 205 -33.00 -1.92 4.07
CA ASN A 205 -31.98 -2.96 3.92
C ASN A 205 -31.52 -3.53 5.28
N GLU A 206 -31.88 -2.86 6.37
CA GLU A 206 -31.50 -3.34 7.70
C GLU A 206 -32.40 -4.51 8.11
N ILE A 207 -33.44 -4.74 7.33
CA ILE A 207 -34.37 -5.85 7.55
C ILE A 207 -34.29 -6.69 6.28
N PRO A 208 -33.24 -7.52 6.16
CA PRO A 208 -33.01 -8.38 4.99
C PRO A 208 -34.09 -9.43 4.72
N ASP A 209 -34.87 -9.77 5.74
CA ASP A 209 -35.92 -10.77 5.55
C ASP A 209 -36.86 -10.35 4.43
N PRO A 210 -36.83 -11.07 3.30
CA PRO A 210 -37.66 -10.81 2.12
C PRO A 210 -39.16 -11.02 2.28
N THR A 211 -39.57 -11.86 3.22
CA THR A 211 -40.99 -12.12 3.44
C THR A 211 -41.70 -10.97 4.17
N PHE A 212 -40.94 -10.22 4.97
CA PHE A 212 -41.52 -9.10 5.71
C PHE A 212 -42.02 -8.02 4.77
N TRP A 213 -41.18 -7.57 3.85
CA TRP A 213 -41.55 -6.54 2.89
C TRP A 213 -42.66 -6.96 1.94
N ARG A 214 -42.71 -8.24 1.61
CA ARG A 214 -43.75 -8.75 0.73
C ARG A 214 -45.08 -8.72 1.49
N GLU A 215 -45.01 -9.07 2.78
CA GLU A 215 -46.21 -9.05 3.64
C GLU A 215 -46.64 -7.60 3.84
N PHE A 216 -45.65 -6.75 4.09
CA PHE A 216 -45.86 -5.31 4.29
C PHE A 216 -46.63 -4.74 3.10
N ARG A 217 -46.14 -5.03 1.90
CA ARG A 217 -46.77 -4.54 0.68
C ARG A 217 -48.22 -5.00 0.57
N GLN A 218 -48.46 -6.29 0.78
CA GLN A 218 -49.81 -6.83 0.69
C GLN A 218 -50.76 -6.22 1.72
N ARG A 219 -50.27 -5.98 2.93
CA ARG A 219 -51.09 -5.39 3.99
C ARG A 219 -51.42 -3.92 3.66
N VAL A 220 -50.42 -3.18 3.18
CA VAL A 220 -50.63 -1.77 2.82
C VAL A 220 -51.51 -1.64 1.57
N LYS A 221 -51.12 -2.31 0.49
CA LYS A 221 -51.90 -2.26 -0.73
C LYS A 221 -53.29 -2.83 -0.48
N GLY A 222 -53.39 -3.76 0.48
CA GLY A 222 -54.68 -4.33 0.80
C GLY A 222 -55.62 -3.33 1.44
N ALA A 223 -55.06 -2.41 2.23
CA ALA A 223 -55.86 -1.40 2.91
C ALA A 223 -56.19 -0.21 2.01
N ASN A 224 -55.39 -0.05 0.96
CA ASN A 224 -55.56 1.03 -0.02
C ASN A 224 -54.70 0.70 -1.23
N PRO A 225 -55.32 0.16 -2.30
CA PRO A 225 -54.61 -0.20 -3.53
C PRO A 225 -53.83 0.94 -4.19
N GLU A 226 -54.20 2.17 -3.87
CA GLU A 226 -53.55 3.33 -4.44
C GLU A 226 -52.41 3.85 -3.57
N ALA A 227 -52.16 3.17 -2.46
CA ALA A 227 -51.08 3.57 -1.56
C ALA A 227 -49.75 3.50 -2.29
N TYR A 228 -48.88 4.46 -1.99
CA TYR A 228 -47.56 4.55 -2.60
C TYR A 228 -46.52 4.02 -1.60
N ILE A 229 -45.64 3.15 -2.06
CA ILE A 229 -44.61 2.59 -1.18
C ILE A 229 -43.25 2.85 -1.81
N VAL A 230 -42.44 3.65 -1.13
CA VAL A 230 -41.11 3.99 -1.64
C VAL A 230 -40.06 3.74 -0.55
N GLY A 231 -38.94 3.13 -0.93
CA GLY A 231 -37.91 2.82 0.05
C GLY A 231 -36.63 3.60 -0.08
N GLU A 232 -35.95 3.81 1.05
CA GLU A 232 -34.68 4.53 1.06
C GLU A 232 -33.46 3.66 0.74
N ILE A 233 -33.02 3.70 -0.52
CA ILE A 233 -31.86 2.94 -0.96
C ILE A 233 -30.99 3.97 -1.69
N TRP A 234 -29.74 4.12 -1.27
CA TRP A 234 -28.86 5.13 -1.87
C TRP A 234 -28.11 4.75 -3.15
N GLU A 235 -28.18 3.49 -3.54
CA GLU A 235 -27.54 3.01 -4.76
C GLU A 235 -28.53 2.15 -5.52
N GLU A 236 -28.03 1.24 -6.36
CA GLU A 236 -28.90 0.36 -7.15
C GLU A 236 -29.84 -0.44 -6.24
N ALA A 237 -31.10 -0.57 -6.67
CA ALA A 237 -32.09 -1.28 -5.86
C ALA A 237 -32.98 -2.26 -6.62
N ASP A 238 -32.37 -3.09 -7.47
CA ASP A 238 -33.13 -4.06 -8.24
C ASP A 238 -33.93 -5.03 -7.37
N PHE A 239 -33.27 -5.54 -6.33
CA PHE A 239 -33.89 -6.49 -5.39
C PHE A 239 -35.24 -6.01 -4.84
N TRP A 240 -35.32 -4.74 -4.50
CA TRP A 240 -36.53 -4.15 -3.92
C TRP A 240 -37.54 -3.62 -4.94
N LEU A 241 -37.26 -3.80 -6.22
CA LEU A 241 -38.16 -3.29 -7.25
C LEU A 241 -38.63 -4.30 -8.28
N GLN A 242 -38.75 -5.57 -7.86
CA GLN A 242 -39.20 -6.60 -8.78
C GLN A 242 -40.72 -6.60 -8.91
N GLY A 243 -41.37 -5.78 -8.08
CA GLY A 243 -42.82 -5.69 -8.13
C GLY A 243 -43.55 -6.28 -6.95
N ASP A 244 -42.83 -7.05 -6.12
CA ASP A 244 -43.45 -7.67 -4.96
C ASP A 244 -43.05 -6.98 -3.64
N PHE A 246 -41.35 -2.78 -3.09
CA PHE A 246 -41.61 -1.34 -3.21
C PHE A 246 -42.07 -0.93 -4.60
N ASP A 247 -42.66 0.26 -4.70
CA ASP A 247 -43.10 0.77 -5.99
C ASP A 247 -41.97 1.60 -6.57
N ALA A 248 -41.09 2.06 -5.70
CA ALA A 248 -39.96 2.89 -6.12
C ALA A 248 -39.03 3.12 -4.95
N VAL A 249 -37.95 3.85 -5.21
CA VAL A 249 -36.99 4.17 -4.17
C VAL A 249 -36.60 5.63 -4.30
N ASN A 251 -34.33 8.18 -5.43
CA ASN A 251 -33.32 8.16 -6.48
C ASN A 251 -32.05 8.96 -6.23
N TYR A 252 -31.34 8.64 -5.15
CA TYR A 252 -30.09 9.33 -4.84
C TYR A 252 -29.06 9.25 -5.97
N PRO A 253 -29.08 8.16 -6.76
CA PRO A 253 -28.12 8.05 -7.87
C PRO A 253 -28.38 9.16 -8.91
N LEU A 254 -29.65 9.47 -9.11
CA LEU A 254 -30.05 10.52 -10.05
C LEU A 254 -29.61 11.86 -9.50
N ALA A 255 -29.65 11.99 -8.17
CA ALA A 255 -29.25 13.21 -7.50
C ALA A 255 -27.76 13.46 -7.70
N ARG A 256 -26.97 12.40 -7.61
CA ARG A 256 -25.53 12.50 -7.79
C ARG A 256 -25.20 12.93 -9.23
N ALA A 257 -25.94 12.37 -10.19
CA ALA A 257 -25.72 12.68 -11.61
C ALA A 257 -26.04 14.14 -11.95
N VAL A 258 -27.22 14.58 -11.55
CA VAL A 258 -27.64 15.95 -11.84
C VAL A 258 -26.70 16.95 -11.18
N LEU A 259 -26.34 16.68 -9.93
CA LEU A 259 -25.42 17.55 -9.19
C LEU A 259 -24.05 17.63 -9.86
N GLY A 260 -23.55 16.48 -10.31
CA GLY A 260 -22.25 16.46 -10.96
C GLY A 260 -22.25 17.18 -12.30
N PHE A 261 -23.31 16.99 -13.08
CA PHE A 261 -23.42 17.64 -14.39
C PHE A 261 -23.65 19.15 -14.26
N VAL A 262 -24.70 19.53 -13.55
CA VAL A 262 -25.05 20.94 -13.36
C VAL A 262 -24.09 21.64 -12.40
N GLY A 263 -23.68 20.93 -11.36
CA GLY A 263 -22.76 21.50 -10.40
C GLY A 263 -21.42 21.84 -11.03
N GLY A 264 -21.02 21.02 -12.00
CA GLY A 264 -19.74 21.24 -12.66
C GLY A 264 -18.61 21.24 -11.66
N GLU A 265 -17.58 22.03 -11.93
CA GLU A 265 -16.44 22.13 -11.04
C GLU A 265 -16.75 23.03 -9.84
N ALA A 266 -17.84 23.79 -9.95
CA ALA A 266 -18.24 24.69 -8.87
C ALA A 266 -18.93 23.94 -7.73
N LEU A 267 -19.11 22.64 -7.90
CA LEU A 267 -19.75 21.83 -6.87
C LEU A 267 -18.81 21.75 -5.69
N ASP A 268 -19.36 21.82 -4.48
CA ASP A 268 -18.57 21.72 -3.27
C ASP A 268 -18.53 20.24 -2.90
N ARG A 269 -17.60 19.51 -3.51
CA ARG A 269 -17.46 18.08 -3.29
C ARG A 269 -17.10 17.75 -1.84
N ASP A 270 -16.45 18.69 -1.15
CA ASP A 270 -16.04 18.48 0.24
C ASP A 270 -17.27 18.45 1.15
N LEU A 271 -18.24 19.29 0.85
CA LEU A 271 -19.47 19.35 1.64
C LEU A 271 -20.27 18.08 1.38
N ALA A 272 -20.46 17.73 0.11
CA ALA A 272 -21.22 16.54 -0.24
C ALA A 272 -20.57 15.24 0.26
N ALA A 273 -19.25 15.22 0.30
CA ALA A 273 -18.53 14.04 0.76
C ALA A 273 -18.79 13.79 2.26
N GLN A 274 -19.27 14.81 2.96
CA GLN A 274 -19.56 14.69 4.38
C GLN A 274 -20.88 14.00 4.68
N THR A 275 -21.55 13.52 3.63
CA THR A 275 -22.83 12.86 3.81
C THR A 275 -22.93 11.62 2.92
N GLY A 276 -24.12 11.06 2.83
CA GLY A 276 -24.33 9.88 2.01
C GLY A 276 -24.19 10.13 0.53
N LEU A 277 -24.20 11.40 0.11
CA LEU A 277 -24.06 11.73 -1.31
C LEU A 277 -22.72 11.23 -1.79
N GLY A 278 -21.72 11.28 -0.92
CA GLY A 278 -20.39 10.85 -1.26
C GLY A 278 -19.71 11.94 -2.06
N ARG A 279 -18.49 11.66 -2.52
CA ARG A 279 -17.77 12.65 -3.30
C ARG A 279 -18.25 12.53 -4.74
N ILE A 280 -19.13 13.44 -5.13
CA ILE A 280 -19.72 13.47 -6.46
C ILE A 280 -18.73 13.90 -7.54
N GLU A 281 -18.55 13.01 -8.52
CA GLU A 281 -17.63 13.24 -9.63
C GLU A 281 -18.24 14.12 -10.72
N PRO A 282 -17.49 15.16 -11.16
CA PRO A 282 -18.00 16.04 -12.22
C PRO A 282 -18.36 15.21 -13.45
N LEU A 283 -19.37 15.65 -14.19
CA LEU A 283 -19.80 14.93 -15.37
C LEU A 283 -20.04 15.83 -16.57
N GLN A 284 -19.70 15.31 -17.74
CA GLN A 284 -19.91 16.02 -18.99
C GLN A 284 -21.24 15.52 -19.54
N ALA A 285 -21.76 16.22 -20.54
CA ALA A 285 -23.04 15.88 -21.16
C ALA A 285 -23.28 14.40 -21.40
N LEU A 286 -22.44 13.78 -22.24
CA LEU A 286 -22.58 12.37 -22.59
C LEU A 286 -22.56 11.41 -21.41
N ALA A 287 -21.62 11.61 -20.49
CA ALA A 287 -21.52 10.75 -19.32
C ALA A 287 -22.78 10.92 -18.47
N PHE A 288 -23.26 12.15 -18.35
CA PHE A 288 -24.46 12.42 -17.58
C PHE A 288 -25.63 11.67 -18.22
N SER A 289 -25.75 11.78 -19.55
CA SER A 289 -26.84 11.11 -20.25
C SER A 289 -26.75 9.59 -20.11
N HIS A 290 -25.54 9.05 -20.10
CA HIS A 290 -25.40 7.60 -19.94
C HIS A 290 -25.97 7.16 -18.58
N ARG A 291 -25.74 7.97 -17.55
CA ARG A 291 -26.25 7.63 -16.22
C ARG A 291 -27.78 7.62 -16.23
N LEU A 292 -28.38 8.60 -16.91
CA LEU A 292 -29.84 8.67 -16.97
C LEU A 292 -30.40 7.47 -17.72
N GLU A 293 -29.74 7.12 -18.81
CA GLU A 293 -30.17 6.00 -19.63
C GLU A 293 -30.12 4.71 -18.84
N ASP A 294 -29.15 4.58 -17.94
CA ASP A 294 -29.06 3.38 -17.12
C ASP A 294 -30.13 3.42 -16.04
N LEU A 295 -30.25 4.56 -15.38
CA LEU A 295 -31.25 4.73 -14.33
C LEU A 295 -32.67 4.58 -14.87
N PHE A 296 -32.89 5.06 -16.10
CA PHE A 296 -34.21 5.00 -16.70
C PHE A 296 -34.53 3.66 -17.35
N GLY A 297 -33.55 2.78 -17.46
CA GLY A 297 -33.81 1.50 -18.11
C GLY A 297 -33.64 0.24 -17.29
N ARG A 298 -32.91 0.30 -16.18
CA ARG A 298 -32.69 -0.89 -15.37
C ARG A 298 -33.86 -1.36 -14.52
N TYR A 299 -34.96 -0.61 -14.52
CA TYR A 299 -36.15 -1.00 -13.76
C TYR A 299 -37.33 -0.96 -14.70
N ARG A 300 -38.42 -1.63 -14.33
CA ARG A 300 -39.62 -1.62 -15.15
C ARG A 300 -40.04 -0.16 -15.34
N PRO A 301 -40.64 0.16 -16.50
CA PRO A 301 -41.09 1.52 -16.78
C PRO A 301 -42.00 2.15 -15.73
N GLU A 302 -42.90 1.35 -15.13
CA GLU A 302 -43.78 1.90 -14.11
C GLU A 302 -43.02 2.29 -12.85
N VAL A 303 -41.87 1.65 -12.62
CA VAL A 303 -41.05 1.96 -11.46
C VAL A 303 -40.25 3.25 -11.73
N VAL A 304 -39.72 3.38 -12.94
CA VAL A 304 -38.95 4.55 -13.34
C VAL A 304 -39.80 5.82 -13.24
N ARG A 305 -41.09 5.70 -13.53
CA ARG A 305 -41.99 6.84 -13.49
C ARG A 305 -42.43 7.22 -12.08
N ALA A 306 -42.21 6.32 -11.12
CA ALA A 306 -42.60 6.58 -9.73
C ALA A 306 -41.40 6.89 -8.84
N GLN A 307 -40.21 6.86 -9.41
CA GLN A 307 -38.99 7.14 -8.66
C GLN A 307 -39.05 8.50 -7.97
N ASN A 309 -37.46 11.44 -7.36
CA ASN A 309 -36.31 12.19 -7.85
C ASN A 309 -36.02 13.45 -7.06
N LEU A 310 -35.10 13.34 -6.12
CA LEU A 310 -34.72 14.45 -5.28
C LEU A 310 -33.28 14.84 -5.60
N LEU A 311 -32.85 15.97 -5.08
CA LEU A 311 -31.48 16.44 -5.27
C LEU A 311 -30.85 16.44 -3.89
N THR A 312 -31.66 16.82 -2.91
CA THR A 312 -31.20 16.90 -1.53
C THR A 312 -32.30 16.44 -0.59
N SER A 313 -31.96 16.27 0.68
CA SER A 313 -32.91 15.85 1.68
C SER A 313 -32.37 16.18 3.06
N HIS A 314 -33.04 15.69 4.11
CA HIS A 314 -32.60 15.95 5.47
C HIS A 314 -31.27 15.24 5.74
N ASP A 315 -30.87 14.36 4.82
CA ASP A 315 -29.61 13.65 4.94
C ASP A 315 -28.48 14.20 4.06
N THR A 316 -28.71 15.33 3.41
CA THR A 316 -27.68 15.93 2.55
C THR A 316 -27.52 17.43 2.79
N PRO A 317 -26.42 18.01 2.28
CA PRO A 317 -26.24 19.45 2.48
C PRO A 317 -27.31 20.09 1.60
N ARG A 318 -27.68 21.33 1.88
CA ARG A 318 -28.68 21.99 1.05
C ARG A 318 -28.11 22.33 -0.33
N LEU A 319 -28.98 22.38 -1.32
CA LEU A 319 -28.58 22.65 -2.71
C LEU A 319 -27.73 23.89 -2.91
N LEU A 320 -28.22 25.04 -2.43
CA LEU A 320 -27.49 26.29 -2.58
C LEU A 320 -26.07 26.24 -2.01
N SER A 321 -25.87 25.48 -0.94
CA SER A 321 -24.54 25.36 -0.32
C SER A 321 -23.68 24.39 -1.13
N LEU A 322 -24.35 23.47 -1.82
CA LEU A 322 -23.68 22.47 -2.64
C LEU A 322 -23.14 23.16 -3.91
N ARG A 324 -22.02 26.34 -3.92
CA ARG A 324 -21.25 27.50 -3.46
C ARG A 324 -21.96 28.83 -3.67
N GLY A 325 -23.26 28.88 -3.41
CA GLY A 325 -24.01 30.10 -3.60
C GLY A 325 -24.48 30.42 -5.01
N SER A 326 -24.24 29.50 -5.95
CA SER A 326 -24.65 29.71 -7.34
C SER A 326 -26.14 29.51 -7.58
N VAL A 327 -26.90 30.59 -7.46
CA VAL A 327 -28.35 30.56 -7.67
C VAL A 327 -28.77 30.03 -9.05
N GLU A 328 -28.03 30.41 -10.09
CA GLU A 328 -28.34 29.96 -11.44
C GLU A 328 -28.16 28.46 -11.62
N ARG A 329 -27.21 27.88 -10.91
CA ARG A 329 -26.95 26.44 -11.01
C ARG A 329 -28.02 25.66 -10.24
N ALA A 330 -28.37 26.16 -9.06
CA ALA A 330 -29.38 25.51 -8.23
C ALA A 330 -30.70 25.53 -8.99
N ARG A 331 -30.94 26.63 -9.69
CA ARG A 331 -32.16 26.80 -10.46
C ARG A 331 -32.24 25.83 -11.64
N LEU A 332 -31.09 25.58 -12.26
CA LEU A 332 -31.07 24.67 -13.41
C LEU A 332 -31.25 23.21 -12.97
N ALA A 333 -30.61 22.85 -11.86
CA ALA A 333 -30.70 21.48 -11.34
C ALA A 333 -32.13 21.17 -10.92
N LEU A 334 -32.80 22.13 -10.29
CA LEU A 334 -34.18 21.93 -9.86
C LEU A 334 -35.08 21.88 -11.09
N ALA A 335 -34.86 22.81 -12.02
CA ALA A 335 -35.65 22.87 -13.22
C ALA A 335 -35.61 21.55 -13.97
N LEU A 336 -34.40 21.05 -14.21
CA LEU A 336 -34.21 19.79 -14.94
C LEU A 336 -34.99 18.59 -14.38
N LEU A 337 -35.17 18.53 -13.07
CA LEU A 337 -35.91 17.44 -12.44
C LEU A 337 -37.33 17.31 -13.00
N PHE A 338 -37.97 18.44 -13.28
CA PHE A 338 -39.33 18.45 -13.78
C PHE A 338 -39.45 18.04 -15.26
N LEU A 339 -38.31 17.79 -15.92
CA LEU A 339 -38.30 17.39 -17.32
C LEU A 339 -37.91 15.93 -17.51
N LEU A 340 -37.79 15.20 -16.41
CA LEU A 340 -37.40 13.80 -16.49
C LEU A 340 -38.49 12.89 -15.92
N PRO A 341 -38.54 11.63 -16.38
CA PRO A 341 -39.56 10.71 -15.86
C PRO A 341 -39.29 10.48 -14.37
N GLY A 342 -40.35 10.30 -13.59
CA GLY A 342 -40.18 10.09 -12.15
C GLY A 342 -40.92 11.18 -11.39
N ASN A 343 -40.88 11.14 -10.06
CA ASN A 343 -41.55 12.16 -9.24
C ASN A 343 -40.60 13.25 -8.77
N PRO A 344 -40.67 14.44 -9.39
CA PRO A 344 -39.74 15.47 -8.89
C PRO A 344 -40.04 15.78 -7.44
N THR A 345 -39.02 15.68 -6.60
CA THR A 345 -39.17 15.90 -5.17
C THR A 345 -38.26 17.01 -4.66
N VAL A 346 -38.87 17.94 -3.93
CA VAL A 346 -38.17 19.10 -3.38
C VAL A 346 -38.16 19.11 -1.86
N TYR A 347 -36.99 19.33 -1.28
CA TYR A 347 -36.83 19.40 0.17
C TYR A 347 -37.29 20.80 0.59
N TYR A 348 -38.14 20.89 1.60
CA TYR A 348 -38.65 22.19 2.04
C TYR A 348 -37.52 23.22 2.17
N GLY A 349 -37.78 24.42 1.63
CA GLY A 349 -36.79 25.48 1.70
C GLY A 349 -35.87 25.60 0.50
N GLU A 350 -35.71 24.54 -0.28
CA GLU A 350 -34.82 24.62 -1.43
C GLU A 350 -35.41 25.56 -2.51
N GLU A 351 -36.73 25.62 -2.57
CA GLU A 351 -37.40 26.45 -3.57
C GLU A 351 -37.26 27.96 -3.29
N VAL A 352 -36.86 28.31 -2.06
CA VAL A 352 -36.67 29.72 -1.73
C VAL A 352 -35.21 30.03 -1.39
N GLY A 353 -34.33 29.06 -1.64
CA GLY A 353 -32.92 29.27 -1.41
C GLY A 353 -32.32 29.23 -0.01
N ALA A 355 -29.95 27.98 2.89
CA ALA A 355 -28.61 27.39 2.81
C ALA A 355 -28.24 26.63 4.07
N GLY A 356 -27.25 25.75 3.95
CA GLY A 356 -26.80 24.98 5.09
C GLY A 356 -25.94 23.78 4.73
N GLY A 357 -24.99 23.45 5.60
CA GLY A 357 -24.13 22.30 5.38
C GLY A 357 -24.85 21.04 5.80
N LYS A 358 -24.13 20.07 6.34
CA LYS A 358 -24.77 18.83 6.76
C LYS A 358 -25.49 18.94 8.10
N ASP A 359 -26.46 18.04 8.29
CA ASP A 359 -27.27 17.95 9.50
C ASP A 359 -26.46 18.37 10.74
N PRO A 360 -27.05 19.21 11.61
CA PRO A 360 -28.38 19.83 11.60
C PRO A 360 -28.51 21.13 10.82
N GLU A 361 -27.42 21.56 10.19
CA GLU A 361 -27.42 22.81 9.43
C GLU A 361 -28.47 22.85 8.32
N ASN A 362 -28.84 21.68 7.80
CA ASN A 362 -29.83 21.60 6.72
C ASN A 362 -31.26 21.48 7.22
N ARG A 363 -31.46 21.61 8.53
CA ARG A 363 -32.79 21.49 9.11
C ARG A 363 -33.21 22.76 9.84
N GLY A 364 -32.97 23.89 9.20
CA GLY A 364 -33.33 25.17 9.80
C GLY A 364 -34.81 25.43 9.70
N GLY A 365 -35.29 26.40 10.49
CA GLY A 365 -36.68 26.76 10.47
C GLY A 365 -37.05 27.36 9.12
N VAL A 367 -38.29 29.65 6.32
CA VAL A 367 -38.38 31.09 6.26
C VAL A 367 -39.67 31.48 5.55
N TRP A 368 -40.54 32.22 6.25
CA TRP A 368 -41.81 32.64 5.68
C TRP A 368 -41.86 34.11 5.27
N GLU A 369 -40.74 34.80 5.45
CA GLU A 369 -40.63 36.21 5.09
C GLU A 369 -40.33 36.29 3.59
N GLU A 370 -41.37 36.52 2.79
CA GLU A 370 -41.21 36.61 1.35
C GLU A 370 -40.03 37.46 0.88
N ALA A 371 -39.89 38.64 1.46
CA ALA A 371 -38.79 39.54 1.10
C ALA A 371 -37.43 38.88 1.25
N ARG A 372 -37.39 37.73 1.92
CA ARG A 372 -36.13 37.03 2.12
C ARG A 372 -35.95 35.82 1.21
N TRP A 373 -36.96 35.51 0.40
CA TRP A 373 -36.86 34.36 -0.49
C TRP A 373 -36.13 34.69 -1.78
N GLN A 374 -35.41 33.71 -2.30
CA GLN A 374 -34.75 33.88 -3.58
C GLN A 374 -35.92 33.64 -4.51
N LYS A 375 -36.57 34.72 -4.94
CA LYS A 375 -37.74 34.62 -5.81
C LYS A 375 -37.48 33.95 -7.16
N ASP A 376 -36.24 33.98 -7.63
CA ASP A 376 -35.92 33.37 -8.90
C ASP A 376 -36.06 31.85 -8.80
N LEU A 377 -35.46 31.27 -7.76
CA LEU A 377 -35.55 29.83 -7.54
C LEU A 377 -37.00 29.39 -7.43
N ARG A 378 -37.78 30.09 -6.60
CA ARG A 378 -39.18 29.73 -6.41
C ARG A 378 -40.03 29.84 -7.66
N GLU A 379 -39.80 30.87 -8.48
CA GLU A 379 -40.59 31.02 -9.70
C GLU A 379 -40.28 29.92 -10.70
N THR A 380 -39.03 29.46 -10.72
CA THR A 380 -38.64 28.39 -11.63
C THR A 380 -39.37 27.11 -11.23
N VAL A 381 -39.39 26.81 -9.94
CA VAL A 381 -40.07 25.61 -9.44
C VAL A 381 -41.56 25.69 -9.77
N LYS A 382 -42.16 26.83 -9.47
CA LYS A 382 -43.57 27.07 -9.73
C LYS A 382 -43.83 26.97 -11.23
N ARG A 383 -42.95 27.57 -12.01
CA ARG A 383 -43.09 27.57 -13.47
C ARG A 383 -42.97 26.15 -14.06
N LEU A 384 -41.90 25.44 -13.70
CA LEU A 384 -41.72 24.09 -14.25
C LEU A 384 -42.70 23.05 -13.72
N ALA A 385 -43.22 23.27 -12.51
CA ALA A 385 -44.17 22.33 -11.95
C ALA A 385 -45.46 22.45 -12.75
N ARG A 386 -45.82 23.68 -13.10
CA ARG A 386 -47.04 23.91 -13.87
C ARG A 386 -46.86 23.40 -15.29
N LEU A 387 -45.63 23.49 -15.79
CA LEU A 387 -45.32 23.02 -17.14
C LEU A 387 -45.52 21.50 -17.20
N ARG A 388 -45.02 20.81 -16.20
CA ARG A 388 -45.11 19.36 -16.12
C ARG A 388 -46.56 18.93 -15.97
N LYS A 389 -47.32 19.71 -15.22
CA LYS A 389 -48.74 19.45 -14.97
C LYS A 389 -49.61 19.62 -16.21
N GLU A 390 -49.25 20.57 -17.06
CA GLU A 390 -50.02 20.83 -18.27
C GLU A 390 -49.54 20.00 -19.47
N HIS A 391 -48.38 19.36 -19.32
CA HIS A 391 -47.83 18.54 -20.40
C HIS A 391 -47.47 17.15 -19.89
N PRO A 392 -48.50 16.33 -19.63
CA PRO A 392 -48.41 14.96 -19.12
C PRO A 392 -47.37 14.05 -19.76
N ALA A 393 -46.97 14.35 -20.99
CA ALA A 393 -45.99 13.53 -21.67
C ALA A 393 -44.68 13.59 -20.90
N LEU A 394 -44.46 14.68 -20.18
CA LEU A 394 -43.23 14.84 -19.41
C LEU A 394 -43.07 13.79 -18.32
N ARG A 395 -44.17 13.21 -17.86
CA ARG A 395 -44.07 12.19 -16.83
C ARG A 395 -44.26 10.78 -17.35
N THR A 396 -44.77 10.64 -18.57
CA THR A 396 -45.00 9.32 -19.15
C THR A 396 -44.06 8.86 -20.27
N ALA A 397 -43.60 9.80 -21.10
CA ALA A 397 -42.73 9.48 -22.23
C ALA A 397 -41.34 8.94 -21.89
N PRO A 398 -40.67 8.34 -22.90
CA PRO A 398 -39.32 7.78 -22.73
C PRO A 398 -38.28 8.90 -22.73
N TYR A 399 -37.02 8.53 -22.57
CA TYR A 399 -35.92 9.48 -22.58
C TYR A 399 -34.99 9.10 -23.73
N LEU A 400 -34.77 10.03 -24.66
CA LEU A 400 -33.90 9.78 -25.81
C LEU A 400 -32.93 10.94 -26.00
N ARG A 401 -31.63 10.65 -25.85
CA ARG A 401 -30.59 11.66 -26.01
C ARG A 401 -30.55 12.14 -27.46
N ILE A 402 -30.38 13.45 -27.65
CA ILE A 402 -30.33 14.04 -28.98
C ILE A 402 -29.00 14.74 -29.25
N TYR A 403 -28.46 15.40 -28.24
CA TYR A 403 -27.19 16.11 -28.40
C TYR A 403 -26.45 16.12 -27.08
N ALA A 404 -25.16 15.87 -27.13
CA ALA A 404 -24.34 15.85 -25.94
C ALA A 404 -22.92 16.30 -26.25
N GLN A 405 -22.47 17.34 -25.56
CA GLN A 405 -21.14 17.88 -25.76
C GLN A 405 -20.90 18.93 -24.68
N ASP A 406 -19.76 18.83 -24.01
CA ASP A 406 -19.43 19.79 -22.96
C ASP A 406 -20.53 19.79 -21.91
N GLY A 407 -21.11 20.96 -21.66
CA GLY A 407 -22.18 21.10 -20.70
C GLY A 407 -23.45 21.44 -21.45
N HIS A 408 -23.56 20.89 -22.66
CA HIS A 408 -24.72 21.12 -23.53
C HIS A 408 -25.41 19.80 -23.75
N LEU A 409 -26.68 19.73 -23.38
CA LEU A 409 -27.45 18.51 -23.54
C LEU A 409 -28.84 18.76 -24.11
N ALA A 410 -29.30 17.83 -24.95
CA ALA A 410 -30.62 17.91 -25.55
C ALA A 410 -31.19 16.50 -25.59
N PHE A 411 -32.36 16.33 -25.01
CA PHE A 411 -33.00 15.02 -25.02
C PHE A 411 -34.47 15.20 -25.35
N ALA A 412 -35.09 14.16 -25.87
CA ALA A 412 -36.50 14.23 -26.21
C ALA A 412 -37.35 13.41 -25.25
N ARG A 413 -38.55 13.90 -25.00
CA ARG A 413 -39.54 13.25 -24.14
C ARG A 413 -40.81 13.26 -24.98
N GLY A 414 -40.98 12.23 -25.82
CA GLY A 414 -42.16 12.18 -26.67
C GLY A 414 -42.14 13.36 -27.64
N PRO A 415 -43.18 14.20 -27.64
CA PRO A 415 -43.25 15.35 -28.54
C PRO A 415 -42.36 16.52 -28.13
N TYR A 416 -41.67 16.40 -27.01
CA TYR A 416 -40.84 17.48 -26.54
C TYR A 416 -39.33 17.28 -26.69
N LEU A 417 -38.64 18.38 -26.91
CA LEU A 417 -37.20 18.37 -27.02
C LEU A 417 -36.69 19.32 -25.95
N ALA A 418 -36.04 18.76 -24.94
CA ALA A 418 -35.48 19.55 -23.86
C ALA A 418 -34.04 19.87 -24.23
N VAL A 419 -33.63 21.10 -24.00
CA VAL A 419 -32.27 21.52 -24.29
C VAL A 419 -31.72 22.15 -23.02
N VAL A 420 -30.64 21.60 -22.50
CA VAL A 420 -30.03 22.09 -21.28
C VAL A 420 -28.68 22.74 -21.51
N ASN A 421 -28.52 23.99 -21.07
CA ASN A 421 -27.23 24.66 -21.20
C ASN A 421 -26.58 24.81 -19.83
N ALA A 422 -25.92 23.76 -19.36
CA ALA A 422 -25.28 23.79 -18.05
C ALA A 422 -23.83 24.26 -18.12
N SER A 423 -23.61 25.46 -18.64
CA SER A 423 -22.27 26.02 -18.75
C SER A 423 -22.32 27.53 -18.63
N PRO A 424 -21.18 28.17 -18.35
CA PRO A 424 -21.09 29.63 -18.21
C PRO A 424 -21.29 30.40 -19.52
N HIS A 425 -21.13 29.70 -20.64
CA HIS A 425 -21.24 30.36 -21.94
C HIS A 425 -22.50 30.01 -22.72
N PRO A 426 -23.00 30.97 -23.53
CA PRO A 426 -24.21 30.80 -24.33
C PRO A 426 -24.13 29.55 -25.22
N PHE A 427 -25.29 29.04 -25.59
CA PHE A 427 -25.33 27.85 -26.43
C PHE A 427 -26.34 28.04 -27.56
N ARG A 428 -25.85 28.12 -28.78
CA ARG A 428 -26.73 28.29 -29.93
C ARG A 428 -27.42 26.97 -30.22
N GLN A 429 -28.74 27.01 -30.26
CA GLN A 429 -29.55 25.81 -30.50
C GLN A 429 -29.73 25.54 -31.99
N ASP A 430 -28.69 24.99 -32.61
CA ASP A 430 -28.72 24.67 -34.04
C ASP A 430 -28.20 23.27 -34.35
N PHE A 431 -28.14 22.42 -33.33
CA PHE A 431 -27.69 21.04 -33.50
C PHE A 431 -28.70 20.22 -34.31
N PRO A 432 -28.27 19.06 -34.84
CA PRO A 432 -29.18 18.23 -35.63
C PRO A 432 -30.26 17.58 -34.75
N LEU A 433 -31.50 17.65 -35.22
CA LEU A 433 -32.63 17.10 -34.46
C LEU A 433 -32.73 15.57 -34.49
N HIS A 434 -31.92 14.93 -35.33
CA HIS A 434 -31.94 13.48 -35.40
C HIS A 434 -33.35 12.90 -35.49
N GLY A 435 -34.22 13.56 -36.23
CA GLY A 435 -35.58 13.08 -36.42
C GLY A 435 -36.63 13.43 -35.36
N VAL A 436 -36.26 14.23 -34.36
CA VAL A 436 -37.21 14.59 -33.30
C VAL A 436 -38.51 15.25 -33.76
N PHE A 437 -38.42 16.13 -34.76
CA PHE A 437 -39.61 16.81 -35.26
C PHE A 437 -39.88 16.43 -36.72
N PRO A 438 -40.40 15.21 -36.95
CA PRO A 438 -40.72 14.69 -38.29
C PRO A 438 -41.52 15.65 -39.17
N ARG A 439 -42.63 16.17 -38.63
CA ARG A 439 -43.47 17.10 -39.37
C ARG A 439 -42.65 18.22 -39.99
N GLY A 440 -41.50 18.52 -39.37
CA GLY A 440 -40.61 19.53 -39.87
C GLY A 440 -41.20 20.91 -40.11
N GLY A 441 -42.02 21.37 -39.16
CA GLY A 441 -42.64 22.68 -39.29
C GLY A 441 -42.34 23.59 -38.11
N ARG A 442 -43.13 24.64 -37.99
CA ARG A 442 -43.00 25.63 -36.91
C ARG A 442 -42.90 24.99 -35.51
N ALA A 443 -41.95 25.45 -34.71
CA ALA A 443 -41.74 24.94 -33.36
C ALA A 443 -41.67 26.09 -32.35
N VAL A 444 -42.05 25.83 -31.10
CA VAL A 444 -42.02 26.85 -30.07
C VAL A 444 -41.41 26.37 -28.75
N ASP A 445 -40.63 27.25 -28.12
CA ASP A 445 -40.00 26.95 -26.84
C ASP A 445 -41.03 27.29 -25.77
N LEU A 446 -41.71 26.27 -25.25
CA LEU A 446 -42.74 26.47 -24.24
C LEU A 446 -42.32 27.34 -23.06
N LEU A 447 -41.02 27.41 -22.79
CA LEU A 447 -40.52 28.22 -21.68
C LEU A 447 -40.34 29.70 -21.98
N SER A 448 -39.74 30.04 -23.12
CA SER A 448 -39.50 31.43 -23.46
C SER A 448 -40.52 32.01 -24.44
N GLY A 449 -41.22 31.14 -25.17
CA GLY A 449 -42.18 31.62 -26.14
C GLY A 449 -41.55 31.78 -27.50
N GLU A 450 -40.23 31.64 -27.55
CA GLU A 450 -39.47 31.75 -28.79
C GLU A 450 -40.08 30.82 -29.82
N VAL A 451 -40.09 31.24 -31.08
CA VAL A 451 -40.67 30.44 -32.16
C VAL A 451 -39.70 30.42 -33.34
N CYS A 452 -39.71 29.30 -34.08
CA CYS A 452 -38.85 29.17 -35.25
C CYS A 452 -39.21 27.93 -36.06
N THR A 453 -38.72 27.90 -37.31
CA THR A 453 -38.99 26.76 -38.20
C THR A 453 -37.67 26.08 -38.58
N PRO A 454 -37.52 24.81 -38.18
CA PRO A 454 -36.30 24.05 -38.49
C PRO A 454 -36.15 23.76 -39.98
N GLN A 455 -34.92 23.53 -40.40
CA GLN A 455 -34.63 23.19 -41.79
C GLN A 455 -33.27 22.49 -41.80
N GLY A 456 -33.09 21.55 -42.72
CA GLY A 456 -31.84 20.81 -42.81
C GLY A 456 -31.70 19.83 -41.66
N GLY A 457 -32.80 19.60 -40.96
CA GLY A 457 -32.77 18.68 -39.83
C GLY A 457 -32.11 19.27 -38.60
N ARG A 458 -31.98 20.59 -38.57
CA ARG A 458 -31.35 21.28 -37.44
C ARG A 458 -32.31 22.20 -36.69
N LEU A 459 -32.14 22.30 -35.37
CA LEU A 459 -32.97 23.18 -34.57
C LEU A 459 -32.68 24.60 -35.06
N CYS A 460 -33.59 25.52 -34.79
CA CYS A 460 -33.45 26.89 -35.26
C CYS A 460 -33.59 28.01 -34.21
N GLY A 461 -33.54 27.64 -32.93
CA GLY A 461 -33.69 28.66 -31.91
C GLY A 461 -32.50 29.55 -31.69
N PRO A 462 -32.69 30.65 -30.94
CA PRO A 462 -31.62 31.61 -30.64
C PRO A 462 -30.67 31.00 -29.62
N VAL A 463 -29.69 31.78 -29.16
CA VAL A 463 -28.76 31.25 -28.18
C VAL A 463 -29.48 30.96 -26.87
N LEU A 464 -29.06 29.88 -26.21
CA LEU A 464 -29.62 29.49 -24.93
C LEU A 464 -28.66 30.13 -23.93
N PRO A 465 -29.15 31.08 -23.12
CA PRO A 465 -28.30 31.75 -22.12
C PRO A 465 -27.69 30.81 -21.08
N PRO A 466 -26.56 31.21 -20.48
CA PRO A 466 -25.89 30.39 -19.47
C PRO A 466 -26.85 29.80 -18.42
N PHE A 467 -26.67 28.53 -18.12
CA PHE A 467 -27.49 27.85 -17.13
C PHE A 467 -28.97 28.06 -17.36
N SER A 468 -29.39 27.88 -18.60
CA SER A 468 -30.79 28.06 -18.95
C SER A 468 -31.36 26.81 -19.59
N LEU A 469 -32.69 26.73 -19.60
CA LEU A 469 -33.42 25.57 -20.10
C LEU A 469 -34.41 25.98 -21.17
N ALA A 470 -34.73 25.04 -22.06
CA ALA A 470 -35.69 25.27 -23.13
C ALA A 470 -36.49 24.01 -23.34
N LEU A 471 -37.74 24.15 -23.75
CA LEU A 471 -38.58 22.98 -24.00
C LEU A 471 -39.41 23.20 -25.25
N TRP A 472 -38.90 22.67 -26.37
CA TRP A 472 -39.58 22.83 -27.64
C TRP A 472 -40.62 21.75 -27.93
N ARG A 473 -41.60 22.13 -28.75
CA ARG A 473 -42.68 21.26 -29.18
C ARG A 473 -43.13 21.83 -30.52
N GLU A 474 -43.47 20.98 -31.47
CA GLU A 474 -43.94 21.49 -32.76
C GLU A 474 -45.24 22.22 -32.50
N ALA A 475 -45.25 23.53 -32.78
CA ALA A 475 -46.41 24.37 -32.58
C ALA A 475 -47.61 23.89 -33.38
N ALA B 2 -20.84 -2.72 -16.68
CA ALA B 2 -21.97 -3.60 -16.24
C ALA B 2 -21.60 -5.08 -16.34
N TRP B 3 -21.39 -5.56 -17.56
CA TRP B 3 -21.06 -6.97 -17.76
C TRP B 3 -19.78 -7.38 -17.05
N TYR B 4 -18.81 -6.49 -16.99
CA TYR B 4 -17.55 -6.81 -16.34
C TYR B 4 -17.56 -6.76 -14.82
N GLU B 5 -18.73 -6.92 -14.22
CA GLU B 5 -18.81 -6.94 -12.75
C GLU B 5 -19.28 -8.31 -12.26
N GLY B 6 -18.34 -9.13 -11.81
CA GLY B 6 -18.69 -10.46 -11.33
C GLY B 6 -18.62 -11.58 -12.35
N ALA B 7 -18.06 -11.30 -13.51
CA ALA B 7 -17.95 -12.30 -14.57
C ALA B 7 -16.76 -13.25 -14.40
N PHE B 8 -16.92 -14.47 -14.88
CA PHE B 8 -15.88 -15.49 -14.82
C PHE B 8 -14.95 -15.27 -16.02
N PHE B 9 -13.71 -14.86 -15.72
CA PHE B 9 -12.70 -14.60 -16.73
C PHE B 9 -11.75 -15.80 -16.83
N TYR B 10 -11.34 -16.13 -18.06
CA TYR B 10 -10.42 -17.22 -18.32
C TYR B 10 -9.27 -16.64 -19.13
N GLN B 11 -8.04 -16.77 -18.64
CA GLN B 11 -6.89 -16.23 -19.34
C GLN B 11 -6.20 -17.24 -20.25
N ILE B 12 -6.06 -16.87 -21.52
CA ILE B 12 -5.45 -17.72 -22.51
C ILE B 12 -4.18 -17.14 -23.12
N PHE B 13 -3.15 -17.98 -23.20
CA PHE B 13 -1.86 -17.66 -23.80
C PHE B 13 -2.00 -18.33 -25.17
N PRO B 14 -2.39 -17.56 -26.21
CA PRO B 14 -2.60 -18.03 -27.59
C PRO B 14 -1.74 -19.15 -28.16
N ASP B 15 -0.43 -19.01 -28.09
CA ASP B 15 0.46 -20.04 -28.66
C ASP B 15 0.35 -21.40 -27.97
N ARG B 16 -0.31 -21.44 -26.82
CA ARG B 16 -0.41 -22.67 -26.04
C ARG B 16 -1.80 -23.28 -25.76
N PHE B 17 -2.86 -22.79 -26.41
CA PHE B 17 -4.18 -23.31 -26.12
C PHE B 17 -4.60 -24.48 -27.04
N PHE B 18 -4.67 -24.22 -28.33
CA PHE B 18 -5.04 -25.28 -29.27
C PHE B 18 -4.68 -24.90 -30.69
N ARG B 19 -3.95 -25.79 -31.35
CA ARG B 19 -3.50 -25.58 -32.72
C ARG B 19 -4.52 -26.06 -33.75
N ALA B 20 -5.02 -25.14 -34.57
CA ALA B 20 -6.00 -25.51 -35.59
C ALA B 20 -6.19 -24.42 -36.65
N GLY B 21 -6.68 -24.80 -37.82
CA GLY B 21 -6.93 -23.84 -38.87
C GLY B 21 -5.73 -23.34 -39.67
N PRO B 22 -5.99 -22.54 -40.72
CA PRO B 22 -4.95 -21.99 -41.59
C PRO B 22 -4.20 -20.80 -41.00
N PRO B 23 -2.89 -20.72 -41.24
CA PRO B 23 -2.09 -19.61 -40.71
C PRO B 23 -2.35 -18.41 -41.61
N GLY B 24 -2.03 -17.22 -41.11
CA GLY B 24 -2.22 -16.03 -41.92
C GLY B 24 -1.01 -15.89 -42.84
N ARG B 25 -0.87 -14.70 -43.42
CA ARG B 25 0.23 -14.42 -44.34
C ARG B 25 1.10 -13.30 -43.74
N PRO B 26 2.44 -13.45 -43.76
CA PRO B 26 3.26 -14.54 -44.27
C PRO B 26 3.16 -15.80 -43.43
N ALA B 27 2.95 -16.93 -44.09
CA ALA B 27 2.81 -18.21 -43.42
C ALA B 27 4.14 -18.77 -42.95
N PRO B 28 4.16 -19.41 -41.77
CA PRO B 28 5.42 -19.96 -41.30
C PRO B 28 5.82 -21.15 -42.17
N ALA B 29 7.12 -21.38 -42.23
CA ALA B 29 7.69 -22.49 -42.98
C ALA B 29 8.90 -22.83 -42.14
N GLY B 30 8.69 -23.73 -41.19
CA GLY B 30 9.78 -24.09 -40.31
C GLY B 30 9.32 -24.97 -39.16
N PRO B 31 10.18 -25.12 -38.14
CA PRO B 31 9.90 -25.94 -36.96
C PRO B 31 8.91 -25.47 -35.92
N PHE B 32 7.92 -26.31 -35.65
CA PHE B 32 6.98 -26.01 -34.57
C PHE B 32 7.32 -26.98 -33.46
N GLU B 33 7.60 -26.44 -32.29
CA GLU B 33 7.95 -27.24 -31.12
C GLU B 33 6.78 -28.19 -30.84
N PRO B 34 7.05 -29.47 -30.59
CA PRO B 34 5.94 -30.39 -30.30
C PRO B 34 5.12 -29.93 -29.10
N TRP B 35 3.81 -30.11 -29.21
CA TRP B 35 2.87 -29.70 -28.19
C TRP B 35 3.21 -30.12 -26.77
N GLU B 36 3.65 -31.36 -26.59
CA GLU B 36 3.95 -31.83 -25.25
C GLU B 36 5.38 -31.62 -24.79
N ALA B 37 6.22 -31.06 -25.67
CA ALA B 37 7.60 -30.79 -25.30
C ALA B 37 7.65 -29.66 -24.26
N PRO B 38 8.67 -29.67 -23.39
CA PRO B 38 8.78 -28.62 -22.36
C PRO B 38 8.83 -27.24 -23.01
N PRO B 39 8.18 -26.24 -22.39
CA PRO B 39 8.17 -24.89 -22.94
C PRO B 39 9.57 -24.27 -22.89
N THR B 40 9.94 -23.57 -23.94
CA THR B 40 11.24 -22.94 -23.97
C THR B 40 11.08 -21.44 -24.16
N LEU B 41 12.19 -20.71 -24.01
CA LEU B 41 12.16 -19.26 -24.13
C LEU B 41 11.78 -18.73 -25.51
N ARG B 42 12.16 -19.42 -26.57
CA ARG B 42 11.85 -18.95 -27.91
C ARG B 42 10.97 -19.87 -28.74
N GLY B 43 10.76 -21.10 -28.28
CA GLY B 43 9.97 -22.04 -29.05
C GLY B 43 8.51 -21.70 -29.25
N PHE B 44 7.98 -22.03 -30.43
CA PHE B 44 6.57 -21.79 -30.76
C PHE B 44 5.86 -23.14 -30.93
N LYS B 45 4.69 -23.29 -30.30
CA LYS B 45 3.93 -24.54 -30.44
C LYS B 45 2.90 -24.44 -31.55
N GLY B 46 2.58 -23.22 -31.95
CA GLY B 46 1.62 -23.04 -33.04
C GLY B 46 0.14 -22.89 -32.70
N GLY B 47 -0.19 -22.66 -31.43
CA GLY B 47 -1.59 -22.45 -31.09
C GLY B 47 -2.13 -21.34 -31.97
N THR B 48 -3.43 -21.37 -32.26
CA THR B 48 -4.01 -20.34 -33.13
C THR B 48 -5.30 -19.79 -32.54
N LEU B 49 -5.81 -18.71 -33.11
CA LEU B 49 -7.08 -18.17 -32.61
C LEU B 49 -8.22 -19.02 -33.18
N TRP B 50 -7.99 -19.69 -34.31
CA TRP B 50 -9.02 -20.57 -34.87
C TRP B 50 -9.24 -21.65 -33.82
N GLY B 51 -8.13 -22.10 -33.23
CA GLY B 51 -8.17 -23.14 -32.22
C GLY B 51 -8.94 -22.74 -30.97
N VAL B 52 -8.75 -21.49 -30.55
CA VAL B 52 -9.45 -20.99 -29.38
C VAL B 52 -10.95 -21.07 -29.66
N ALA B 53 -11.34 -20.64 -30.86
CA ALA B 53 -12.73 -20.65 -31.31
C ALA B 53 -13.27 -22.09 -31.30
N GLU B 54 -12.46 -23.02 -31.78
CA GLU B 54 -12.86 -24.42 -31.82
C GLU B 54 -13.05 -25.02 -30.43
N LYS B 55 -12.41 -24.41 -29.42
CA LYS B 55 -12.54 -24.90 -28.06
C LYS B 55 -13.48 -24.08 -27.19
N LEU B 56 -14.33 -23.27 -27.82
CA LEU B 56 -15.28 -22.48 -27.05
C LEU B 56 -16.25 -23.40 -26.29
N PRO B 57 -16.67 -24.51 -26.90
CA PRO B 57 -17.58 -25.38 -26.15
C PRO B 57 -17.00 -25.84 -24.81
N TYR B 58 -15.69 -26.05 -24.77
CA TYR B 58 -15.03 -26.47 -23.53
C TYR B 58 -15.11 -25.33 -22.52
N LEU B 59 -14.88 -24.11 -22.98
CA LEU B 59 -14.93 -22.94 -22.12
C LEU B 59 -16.36 -22.71 -21.63
N LEU B 60 -17.33 -22.88 -22.53
CA LEU B 60 -18.74 -22.70 -22.17
C LEU B 60 -19.12 -23.75 -21.14
N ASP B 61 -18.66 -24.98 -21.33
CA ASP B 61 -18.96 -26.05 -20.39
C ASP B 61 -18.45 -25.70 -19.01
N LEU B 62 -17.24 -25.15 -18.95
CA LEU B 62 -16.62 -24.75 -17.70
C LEU B 62 -17.39 -23.59 -17.07
N GLY B 63 -18.10 -22.84 -17.91
CA GLY B 63 -18.88 -21.70 -17.43
C GLY B 63 -18.27 -20.34 -17.71
N VAL B 64 -17.20 -20.30 -18.51
CA VAL B 64 -16.51 -19.04 -18.83
C VAL B 64 -17.39 -17.95 -19.45
N GLU B 65 -17.28 -16.75 -18.92
CA GLU B 65 -18.06 -15.62 -19.42
C GLU B 65 -17.24 -14.64 -20.24
N ALA B 66 -15.96 -14.53 -19.94
CA ALA B 66 -15.09 -13.62 -20.67
C ALA B 66 -13.72 -14.22 -20.90
N ILE B 67 -13.14 -13.91 -22.04
CA ILE B 67 -11.83 -14.42 -22.37
C ILE B 67 -10.79 -13.31 -22.36
N TYR B 68 -9.71 -13.50 -21.62
CA TYR B 68 -8.63 -12.53 -21.59
C TYR B 68 -7.48 -13.18 -22.35
N LEU B 69 -7.14 -12.60 -23.48
CA LEU B 69 -6.06 -13.12 -24.31
C LEU B 69 -4.76 -12.34 -24.13
N ASN B 70 -3.64 -13.07 -24.01
CA ASN B 70 -2.33 -12.43 -23.92
C ASN B 70 -2.16 -11.85 -25.34
N PRO B 71 -1.18 -10.96 -25.58
CA PRO B 71 -0.98 -10.36 -26.91
C PRO B 71 -1.18 -11.23 -28.14
N VAL B 72 -1.94 -10.72 -29.11
CA VAL B 72 -2.24 -11.43 -30.34
C VAL B 72 -1.75 -10.74 -31.61
N PHE B 73 -1.15 -9.57 -31.49
CA PHE B 73 -0.66 -8.88 -32.67
C PHE B 73 0.66 -9.46 -33.15
N ALA B 74 0.97 -9.23 -34.43
CA ALA B 74 2.20 -9.75 -35.00
C ALA B 74 3.39 -9.43 -34.11
N SER B 75 4.18 -10.47 -33.80
CA SER B 75 5.33 -10.35 -32.94
C SER B 75 6.35 -11.45 -33.25
N THR B 76 7.60 -11.22 -32.88
CA THR B 76 8.67 -12.20 -33.08
C THR B 76 8.80 -13.09 -31.85
N ALA B 77 8.10 -12.74 -30.78
CA ALA B 77 8.17 -13.53 -29.54
C ALA B 77 6.97 -14.47 -29.40
N ASN B 78 7.20 -15.63 -28.81
CA ASN B 78 6.12 -16.60 -28.64
C ASN B 78 5.04 -16.09 -27.66
N HIS B 79 5.45 -15.23 -26.73
CA HIS B 79 4.53 -14.67 -25.76
C HIS B 79 3.85 -13.44 -26.35
N ARG B 80 4.42 -12.97 -27.45
CA ARG B 80 3.92 -11.81 -28.19
C ARG B 80 4.00 -10.41 -27.58
N TYR B 81 4.83 -10.22 -26.56
CA TYR B 81 4.98 -8.90 -25.95
C TYR B 81 6.00 -8.01 -26.70
N HIS B 82 6.55 -8.54 -27.79
CA HIS B 82 7.52 -7.81 -28.63
C HIS B 82 6.77 -7.55 -29.92
N THR B 83 5.94 -6.53 -29.90
CA THR B 83 5.10 -6.18 -31.02
C THR B 83 5.83 -5.70 -32.26
N VAL B 84 5.38 -6.19 -33.40
CA VAL B 84 5.93 -5.81 -34.69
C VAL B 84 4.91 -4.96 -35.46
N ASP B 85 3.62 -5.25 -35.32
CA ASP B 85 2.57 -4.49 -36.00
C ASP B 85 1.27 -4.55 -35.20
N TYR B 86 0.90 -3.42 -34.58
CA TYR B 86 -0.31 -3.34 -33.76
C TYR B 86 -1.63 -3.42 -34.54
N PHE B 87 -1.55 -3.29 -35.85
CA PHE B 87 -2.75 -3.35 -36.70
C PHE B 87 -2.97 -4.68 -37.39
N GLN B 88 -2.21 -5.69 -36.98
CA GLN B 88 -2.35 -7.02 -37.57
C GLN B 88 -2.26 -8.12 -36.54
N VAL B 89 -3.18 -9.07 -36.60
CA VAL B 89 -3.15 -10.21 -35.70
C VAL B 89 -2.02 -11.08 -36.25
N ASP B 90 -1.24 -11.66 -35.35
CA ASP B 90 -0.11 -12.49 -35.74
C ASP B 90 -0.49 -13.52 -36.80
N PRO B 91 0.35 -13.68 -37.83
CA PRO B 91 0.12 -14.64 -38.92
C PRO B 91 -0.05 -16.08 -38.43
N ILE B 92 0.78 -16.49 -37.49
CA ILE B 92 0.70 -17.84 -36.92
C ILE B 92 -0.62 -18.09 -36.19
N LEU B 93 -1.21 -17.03 -35.65
CA LEU B 93 -2.49 -17.14 -34.94
C LEU B 93 -3.66 -17.24 -35.90
N GLY B 94 -3.42 -16.91 -37.16
CA GLY B 94 -4.47 -16.98 -38.16
C GLY B 94 -4.80 -15.65 -38.79
N GLY B 95 -4.20 -14.57 -38.29
CA GLY B 95 -4.47 -13.26 -38.87
C GLY B 95 -5.78 -12.66 -38.39
N ASN B 96 -6.09 -11.47 -38.90
CA ASN B 96 -7.32 -10.78 -38.52
C ASN B 96 -8.59 -11.62 -38.57
N GLU B 97 -8.76 -12.40 -39.63
CA GLU B 97 -9.96 -13.23 -39.79
C GLU B 97 -10.10 -14.23 -38.66
N ALA B 98 -8.97 -14.71 -38.12
CA ALA B 98 -9.03 -15.66 -37.02
C ALA B 98 -9.62 -14.96 -35.78
N LEU B 99 -9.21 -13.73 -35.52
CA LEU B 99 -9.74 -13.01 -34.36
C LEU B 99 -11.21 -12.71 -34.62
N ARG B 100 -11.50 -12.22 -35.83
CA ARG B 100 -12.85 -11.90 -36.25
C ARG B 100 -13.78 -13.09 -36.03
N HIS B 101 -13.33 -14.27 -36.41
CA HIS B 101 -14.13 -15.49 -36.22
C HIS B 101 -14.31 -15.80 -34.75
N LEU B 102 -13.28 -15.58 -33.93
CA LEU B 102 -13.37 -15.84 -32.50
C LEU B 102 -14.38 -14.90 -31.83
N LEU B 103 -14.39 -13.64 -32.23
CA LEU B 103 -15.33 -12.68 -31.65
C LEU B 103 -16.76 -13.08 -31.99
N GLU B 104 -16.99 -13.43 -33.25
CA GLU B 104 -18.32 -13.85 -33.71
C GLU B 104 -18.87 -15.05 -32.96
N VAL B 105 -18.05 -16.09 -32.85
CA VAL B 105 -18.44 -17.30 -32.17
C VAL B 105 -18.69 -17.05 -30.69
N ALA B 106 -17.80 -16.29 -30.05
CA ALA B 106 -17.91 -15.98 -28.62
C ALA B 106 -19.11 -15.09 -28.29
N HIS B 107 -19.26 -14.01 -29.05
CA HIS B 107 -20.36 -13.09 -28.82
C HIS B 107 -21.70 -13.81 -29.01
N ALA B 108 -21.78 -14.68 -30.01
CA ALA B 108 -22.99 -15.42 -30.29
C ALA B 108 -23.37 -16.32 -29.11
N HIS B 109 -22.42 -16.56 -28.22
CA HIS B 109 -22.68 -17.40 -27.06
C HIS B 109 -22.60 -16.61 -25.76
N GLY B 110 -22.65 -15.28 -25.86
CA GLY B 110 -22.59 -14.46 -24.67
C GLY B 110 -21.22 -14.36 -24.03
N VAL B 111 -20.16 -14.64 -24.78
CA VAL B 111 -18.81 -14.53 -24.22
C VAL B 111 -18.10 -13.29 -24.73
N ARG B 112 -17.55 -12.53 -23.80
CA ARG B 112 -16.82 -11.30 -24.12
C ARG B 112 -15.33 -11.67 -24.30
N VAL B 113 -14.60 -10.87 -25.06
CA VAL B 113 -13.17 -11.12 -25.30
C VAL B 113 -12.35 -9.83 -25.15
N ILE B 114 -11.35 -9.82 -24.27
CA ILE B 114 -10.51 -8.64 -24.13
C ILE B 114 -9.11 -8.99 -24.60
N LEU B 115 -8.38 -7.98 -25.07
CA LEU B 115 -7.03 -8.15 -25.57
C LEU B 115 -6.03 -7.50 -24.64
N ASP B 116 -4.78 -7.88 -24.80
CA ASP B 116 -3.69 -7.34 -23.99
C ASP B 116 -3.04 -6.22 -24.81
N GLY B 117 -2.91 -5.04 -24.20
CA GLY B 117 -2.31 -3.91 -24.89
C GLY B 117 -0.91 -3.58 -24.40
N VAL B 118 0.08 -3.75 -25.26
CA VAL B 118 1.48 -3.49 -24.92
C VAL B 118 1.86 -2.14 -25.55
N PHE B 119 1.57 -1.06 -24.84
CA PHE B 119 1.81 0.29 -25.36
C PHE B 119 3.05 1.04 -24.88
N ASN B 120 3.75 0.50 -23.91
CA ASN B 120 4.95 1.16 -23.39
C ASN B 120 6.14 0.94 -24.32
N HIS B 121 6.17 -0.20 -25.01
CA HIS B 121 7.30 -0.54 -25.86
C HIS B 121 6.93 -1.46 -27.01
N THR B 122 7.81 -1.53 -28.00
CA THR B 122 7.60 -2.40 -29.15
C THR B 122 8.77 -3.37 -29.18
N GLY B 123 8.77 -4.26 -30.16
CA GLY B 123 9.87 -5.19 -30.31
C GLY B 123 10.84 -4.50 -31.27
N ARG B 124 12.00 -5.09 -31.50
CA ARG B 124 12.97 -4.51 -32.42
C ARG B 124 12.47 -4.61 -33.86
N GLY B 125 11.53 -5.53 -34.09
CA GLY B 125 11.00 -5.71 -35.43
C GLY B 125 10.03 -4.65 -35.92
N PHE B 126 9.59 -3.75 -35.03
CA PHE B 126 8.65 -2.70 -35.42
C PHE B 126 9.24 -1.82 -36.53
N PHE B 127 8.39 -1.40 -37.46
CA PHE B 127 8.79 -0.58 -38.59
C PHE B 127 9.62 0.65 -38.23
N ALA B 128 9.13 1.43 -37.26
CA ALA B 128 9.81 2.64 -36.82
C ALA B 128 11.21 2.35 -36.28
N PHE B 129 11.35 1.27 -35.50
CA PHE B 129 12.64 0.93 -34.95
C PHE B 129 13.61 0.46 -36.03
N GLN B 130 13.11 -0.38 -36.94
CA GLN B 130 13.94 -0.87 -38.03
C GLN B 130 14.40 0.31 -38.89
N HIS B 131 13.55 1.32 -39.01
CA HIS B 131 13.88 2.53 -39.78
C HIS B 131 15.04 3.26 -39.10
N LEU B 132 15.00 3.28 -37.77
CA LEU B 132 16.06 3.91 -36.98
C LEU B 132 17.35 3.10 -37.16
N GLU B 134 18.26 1.11 -39.62
CA GLU B 134 18.83 1.20 -40.95
C GLU B 134 19.38 2.58 -41.34
N ASN B 135 18.76 3.65 -40.86
CA ASN B 135 19.19 5.00 -41.24
C ASN B 135 19.81 5.90 -40.16
N GLY B 136 19.79 5.47 -38.91
CA GLY B 136 20.36 6.27 -37.85
C GLY B 136 19.74 7.67 -37.79
N GLU B 137 20.60 8.67 -37.59
CA GLU B 137 20.15 10.07 -37.51
C GLU B 137 19.32 10.57 -38.70
N GLN B 138 19.48 9.95 -39.87
CA GLN B 138 18.71 10.37 -41.04
C GLN B 138 17.30 9.79 -41.12
N SER B 139 16.92 9.01 -40.11
CA SER B 139 15.59 8.42 -40.10
C SER B 139 14.55 9.39 -39.58
N PRO B 140 13.47 9.59 -40.34
CA PRO B 140 12.41 10.49 -39.89
C PRO B 140 11.50 9.83 -38.84
N TYR B 141 11.96 8.73 -38.25
CA TYR B 141 11.22 8.03 -37.20
C TYR B 141 12.03 8.10 -35.92
N ARG B 142 13.06 8.92 -35.95
CA ARG B 142 13.96 9.11 -34.81
C ARG B 142 13.24 9.41 -33.49
N ASP B 143 12.23 10.27 -33.53
CA ASP B 143 11.51 10.61 -32.30
C ASP B 143 10.45 9.64 -31.83
N TRP B 144 10.43 8.45 -32.41
CA TRP B 144 9.47 7.44 -31.97
C TRP B 144 10.03 6.74 -30.74
N TYR B 145 11.32 6.90 -30.50
CA TYR B 145 11.98 6.26 -29.36
C TYR B 145 12.83 7.24 -28.56
N HIS B 146 13.31 6.76 -27.42
CA HIS B 146 14.15 7.56 -26.54
C HIS B 146 15.59 7.18 -26.89
N VAL B 147 16.08 7.74 -27.99
CA VAL B 147 17.42 7.42 -28.46
C VAL B 147 18.52 8.17 -27.72
N LYS B 148 19.43 7.40 -27.13
CA LYS B 148 20.55 7.97 -26.38
C LYS B 148 21.66 8.38 -27.33
N GLY B 149 21.75 7.71 -28.47
CA GLY B 149 22.78 8.02 -29.44
C GLY B 149 22.90 6.96 -30.51
N PHE B 150 23.93 7.08 -31.36
CA PHE B 150 24.15 6.14 -32.45
C PHE B 150 25.60 5.65 -32.46
N PRO B 151 25.83 4.38 -32.84
CA PRO B 151 24.80 3.42 -33.24
C PRO B 151 23.93 2.93 -32.08
N LEU B 152 22.78 2.35 -32.41
CA LEU B 152 21.81 1.87 -31.43
C LEU B 152 22.27 0.72 -30.54
N LYS B 153 23.18 -0.11 -31.04
CA LYS B 153 23.67 -1.25 -30.26
C LYS B 153 22.49 -2.04 -29.71
N ALA B 154 21.53 -2.32 -30.60
CA ALA B 154 20.31 -3.03 -30.25
C ALA B 154 20.50 -4.48 -29.85
N TYR B 155 21.65 -5.04 -30.17
CA TYR B 155 21.89 -6.44 -29.84
C TYR B 155 22.96 -6.66 -28.78
N THR B 156 23.14 -5.66 -27.92
CA THR B 156 24.09 -5.73 -26.82
C THR B 156 23.30 -5.55 -25.52
N ALA B 157 23.97 -5.72 -24.39
CA ALA B 157 23.33 -5.57 -23.09
C ALA B 157 23.22 -4.11 -22.70
N HIS B 158 23.75 -3.22 -23.53
CA HIS B 158 23.70 -1.80 -23.24
C HIS B 158 23.22 -1.00 -24.45
N PRO B 159 21.93 -1.12 -24.77
CA PRO B 159 21.33 -0.41 -25.92
C PRO B 159 21.41 1.10 -25.77
N ASN B 160 21.61 1.79 -26.89
CA ASN B 160 21.68 3.25 -26.89
C ASN B 160 20.29 3.87 -26.92
N TYR B 161 19.36 3.27 -26.17
CA TYR B 161 17.98 3.74 -26.11
C TYR B 161 17.30 3.16 -24.88
N GLU B 162 16.27 3.83 -24.37
CA GLU B 162 15.57 3.33 -23.20
C GLU B 162 14.79 2.08 -23.58
N ALA B 163 14.86 1.08 -22.71
CA ALA B 163 14.17 -0.18 -22.96
C ALA B 163 13.55 -0.69 -21.64
N TRP B 164 12.47 -1.47 -21.76
CA TRP B 164 11.81 -2.01 -20.57
C TRP B 164 12.76 -2.86 -19.76
N TRP B 165 13.06 -2.41 -18.55
CA TRP B 165 13.97 -3.12 -17.65
C TRP B 165 15.35 -3.27 -18.28
N GLY B 166 15.72 -2.35 -19.16
CA GLY B 166 17.01 -2.40 -19.81
C GLY B 166 17.21 -3.48 -20.85
N ASN B 167 16.13 -4.21 -21.16
CA ASN B 167 16.21 -5.27 -22.16
C ASN B 167 16.14 -4.69 -23.56
N PRO B 168 17.23 -4.83 -24.36
CA PRO B 168 17.29 -4.31 -25.73
C PRO B 168 16.20 -4.80 -26.66
N GLU B 169 15.53 -5.89 -26.29
CA GLU B 169 14.45 -6.47 -27.09
C GLU B 169 13.15 -5.68 -27.00
N LEU B 170 13.06 -4.78 -26.03
CA LEU B 170 11.86 -4.00 -25.82
C LEU B 170 12.08 -2.48 -25.78
N PRO B 171 12.37 -1.87 -26.95
CA PRO B 171 12.61 -0.43 -27.10
C PRO B 171 11.43 0.40 -26.59
N LYS B 172 11.69 1.29 -25.65
CA LYS B 172 10.63 2.13 -25.09
C LYS B 172 10.15 3.17 -26.10
N LEU B 173 8.84 3.19 -26.31
CA LEU B 173 8.20 4.13 -27.23
C LEU B 173 8.20 5.53 -26.58
N LYS B 174 8.40 6.57 -27.39
CA LYS B 174 8.39 7.93 -26.88
C LYS B 174 6.96 8.46 -27.08
N VAL B 175 6.11 8.08 -26.15
CA VAL B 175 4.70 8.45 -26.18
C VAL B 175 4.37 9.93 -26.26
N GLU B 176 5.25 10.79 -25.75
CA GLU B 176 5.00 12.23 -25.79
C GLU B 176 4.99 12.75 -27.24
N THR B 177 5.70 12.06 -28.13
CA THR B 177 5.74 12.46 -29.54
C THR B 177 4.32 12.29 -30.11
N PRO B 178 3.77 13.35 -30.71
CA PRO B 178 2.40 13.31 -31.28
C PRO B 178 2.09 12.14 -32.20
N ALA B 179 3.01 11.81 -33.11
CA ALA B 179 2.80 10.71 -34.05
C ALA B 179 2.61 9.39 -33.29
N VAL B 180 3.39 9.22 -32.22
CA VAL B 180 3.32 8.01 -31.40
C VAL B 180 2.01 7.97 -30.62
N ARG B 181 1.70 9.05 -29.90
CA ARG B 181 0.46 9.12 -29.14
C ARG B 181 -0.76 8.86 -30.02
N GLU B 182 -0.78 9.45 -31.21
CA GLU B 182 -1.91 9.26 -32.10
C GLU B 182 -2.00 7.81 -32.59
N TYR B 183 -0.85 7.23 -32.93
CA TYR B 183 -0.80 5.85 -33.39
C TYR B 183 -1.39 4.94 -32.31
N LEU B 184 -0.89 5.07 -31.09
CA LEU B 184 -1.35 4.25 -29.97
C LEU B 184 -2.83 4.46 -29.64
N LEU B 185 -3.32 5.68 -29.75
CA LEU B 185 -4.74 5.89 -29.46
C LEU B 185 -5.57 5.30 -30.59
N ALA B 186 -5.06 5.39 -31.82
CA ALA B 186 -5.76 4.83 -32.96
C ALA B 186 -5.89 3.31 -32.81
N VAL B 187 -4.87 2.68 -32.22
CA VAL B 187 -4.87 1.23 -32.00
C VAL B 187 -5.96 0.86 -30.97
N ALA B 188 -5.98 1.57 -29.86
CA ALA B 188 -6.94 1.32 -28.79
C ALA B 188 -8.38 1.38 -29.30
N GLU B 189 -8.64 2.36 -30.15
CA GLU B 189 -9.96 2.57 -30.73
C GLU B 189 -10.27 1.52 -31.80
N HIS B 190 -9.34 1.32 -32.72
CA HIS B 190 -9.52 0.37 -33.81
C HIS B 190 -10.01 -1.02 -33.38
N TRP B 191 -9.33 -1.64 -32.43
CA TRP B 191 -9.73 -2.98 -32.00
C TRP B 191 -11.06 -3.03 -31.26
N ILE B 192 -11.44 -1.93 -30.63
CA ILE B 192 -12.73 -1.90 -29.95
C ILE B 192 -13.80 -1.91 -31.03
N ARG B 193 -13.61 -1.10 -32.07
CA ARG B 193 -14.55 -1.03 -33.19
C ARG B 193 -14.55 -2.32 -34.00
N PHE B 194 -13.45 -3.04 -33.95
CA PHE B 194 -13.33 -4.31 -34.67
C PHE B 194 -14.25 -5.33 -33.97
N GLY B 195 -14.51 -5.13 -32.69
CA GLY B 195 -15.39 -6.04 -31.96
C GLY B 195 -14.90 -6.43 -30.57
N VAL B 196 -13.64 -6.16 -30.27
CA VAL B 196 -13.05 -6.47 -28.97
C VAL B 196 -13.81 -5.76 -27.85
N ASP B 197 -14.00 -6.45 -26.74
CA ASP B 197 -14.76 -5.90 -25.62
C ASP B 197 -13.95 -5.22 -24.53
N GLY B 198 -12.64 -5.12 -24.69
CA GLY B 198 -11.86 -4.46 -23.66
C GLY B 198 -10.37 -4.60 -23.81
N TRP B 199 -9.64 -3.98 -22.88
CA TRP B 199 -8.19 -4.00 -22.87
C TRP B 199 -7.59 -4.27 -21.49
N ARG B 200 -6.51 -5.05 -21.48
CA ARG B 200 -5.77 -5.32 -20.24
C ARG B 200 -4.48 -4.57 -20.56
N LEU B 201 -4.19 -3.51 -19.81
CA LEU B 201 -3.00 -2.70 -20.09
C LEU B 201 -1.73 -3.14 -19.38
N ASP B 202 -0.68 -3.34 -20.18
N ASP B 202 -0.67 -3.35 -20.17
CA ASP B 202 0.64 -3.78 -19.71
CA ASP B 202 0.60 -3.77 -19.62
C ASP B 202 1.42 -2.65 -19.02
C ASP B 202 1.33 -2.61 -18.95
N VAL B 203 2.03 -2.95 -17.87
CA VAL B 203 2.82 -1.97 -17.10
C VAL B 203 2.47 -0.51 -17.36
N PRO B 204 1.20 -0.13 -17.10
CA PRO B 204 0.72 1.24 -17.32
C PRO B 204 1.55 2.30 -16.59
N ASN B 205 2.17 1.92 -15.49
CA ASN B 205 3.01 2.85 -14.73
C ASN B 205 4.26 3.29 -15.49
N GLU B 206 4.65 2.55 -16.53
CA GLU B 206 5.85 2.90 -17.31
C GLU B 206 5.66 4.15 -18.18
N ILE B 207 4.40 4.53 -18.40
CA ILE B 207 4.11 5.73 -19.17
C ILE B 207 3.74 6.74 -18.09
N PRO B 208 4.69 7.62 -17.72
CA PRO B 208 4.58 8.68 -16.71
C PRO B 208 3.62 9.83 -16.95
N ASP B 209 2.84 9.78 -18.01
CA ASP B 209 1.91 10.88 -18.29
C ASP B 209 0.46 10.48 -18.09
N PRO B 210 -0.11 10.81 -16.93
CA PRO B 210 -1.50 10.50 -16.61
C PRO B 210 -2.52 10.92 -17.67
N THR B 211 -2.26 12.01 -18.40
CA THR B 211 -3.23 12.44 -19.41
C THR B 211 -3.38 11.40 -20.52
N PHE B 212 -2.35 10.58 -20.72
CA PHE B 212 -2.41 9.56 -21.76
C PHE B 212 -3.47 8.51 -21.43
N TRP B 213 -3.44 8.02 -20.20
CA TRP B 213 -4.42 7.02 -19.79
C TRP B 213 -5.83 7.59 -19.74
N ARG B 214 -5.96 8.87 -19.38
CA ARG B 214 -7.28 9.49 -19.33
C ARG B 214 -7.82 9.57 -20.75
N GLU B 215 -6.99 10.00 -21.70
CA GLU B 215 -7.44 10.11 -23.08
C GLU B 215 -7.69 8.70 -23.64
N PHE B 216 -6.84 7.76 -23.26
CA PHE B 216 -6.98 6.37 -23.71
C PHE B 216 -8.39 5.92 -23.33
N ARG B 217 -8.78 6.17 -22.08
CA ARG B 217 -10.09 5.80 -21.59
C ARG B 217 -11.21 6.45 -22.41
N GLN B 218 -11.14 7.76 -22.57
CA GLN B 218 -12.15 8.48 -23.33
C GLN B 218 -12.29 7.95 -24.75
N ARG B 219 -11.17 7.66 -25.40
CA ARG B 219 -11.19 7.14 -26.76
C ARG B 219 -11.80 5.74 -26.82
N VAL B 220 -11.52 4.93 -25.79
CA VAL B 220 -12.04 3.58 -25.72
C VAL B 220 -13.52 3.54 -25.33
N LYS B 221 -13.85 4.18 -24.22
CA LYS B 221 -15.25 4.22 -23.77
C LYS B 221 -16.09 4.94 -24.83
N GLY B 222 -15.45 5.79 -25.62
CA GLY B 222 -16.15 6.52 -26.65
C GLY B 222 -16.49 5.62 -27.81
N ALA B 223 -15.70 4.57 -28.03
CA ALA B 223 -15.96 3.64 -29.11
C ALA B 223 -17.01 2.65 -28.63
N ASN B 224 -16.95 2.29 -27.36
CA ASN B 224 -17.92 1.36 -26.78
C ASN B 224 -17.98 1.57 -25.28
N PRO B 225 -19.04 2.26 -24.79
CA PRO B 225 -19.18 2.51 -23.36
C PRO B 225 -19.13 1.26 -22.48
N GLU B 226 -19.33 0.10 -23.10
CA GLU B 226 -19.29 -1.16 -22.36
C GLU B 226 -17.86 -1.74 -22.26
N ALA B 227 -16.93 -1.16 -23.00
CA ALA B 227 -15.56 -1.65 -22.97
C ALA B 227 -15.00 -1.69 -21.55
N TYR B 228 -14.31 -2.76 -21.23
CA TYR B 228 -13.69 -2.97 -19.92
C TYR B 228 -12.20 -2.61 -20.01
N ILE B 229 -11.71 -1.84 -19.05
CA ILE B 229 -10.31 -1.45 -19.03
C ILE B 229 -9.69 -1.83 -17.70
N VAL B 230 -8.78 -2.79 -17.72
CA VAL B 230 -8.12 -3.24 -16.50
C VAL B 230 -6.62 -3.07 -16.62
N GLY B 231 -6.00 -2.46 -15.60
CA GLY B 231 -4.56 -2.25 -15.66
C GLY B 231 -3.77 -3.26 -14.85
N GLU B 232 -2.54 -3.53 -15.29
CA GLU B 232 -1.67 -4.44 -14.59
C GLU B 232 -0.87 -3.64 -13.55
N ILE B 233 -1.34 -3.71 -12.30
CA ILE B 233 -0.72 -3.02 -11.18
C ILE B 233 -0.61 -4.12 -10.12
N TRP B 234 0.61 -4.45 -9.71
CA TRP B 234 0.79 -5.54 -8.75
C TRP B 234 0.57 -5.23 -7.27
N GLU B 235 0.29 -3.97 -6.95
CA GLU B 235 0.04 -3.54 -5.59
C GLU B 235 -1.24 -2.69 -5.55
N GLU B 236 -1.54 -2.10 -4.39
CA GLU B 236 -2.74 -1.26 -4.25
C GLU B 236 -2.69 -0.17 -5.30
N ALA B 237 -3.74 -0.07 -6.12
CA ALA B 237 -3.76 0.89 -7.21
C ALA B 237 -4.69 2.10 -7.07
N ASP B 238 -4.83 2.61 -5.85
CA ASP B 238 -5.70 3.76 -5.61
C ASP B 238 -5.54 4.86 -6.66
N PHE B 239 -4.30 5.25 -6.94
CA PHE B 239 -4.04 6.29 -7.92
C PHE B 239 -4.68 6.05 -9.28
N TRP B 240 -4.69 4.79 -9.74
CA TRP B 240 -5.26 4.46 -11.04
C TRP B 240 -6.75 4.11 -11.05
N LEU B 241 -7.37 4.10 -9.87
CA LEU B 241 -8.78 3.74 -9.78
C LEU B 241 -9.73 4.82 -9.27
N GLN B 242 -9.46 6.07 -9.62
CA GLN B 242 -10.32 7.18 -9.18
C GLN B 242 -11.49 7.45 -10.12
N GLY B 243 -11.53 6.79 -11.27
CA GLY B 243 -12.63 6.98 -12.19
C GLY B 243 -12.30 7.56 -13.55
N ASP B 244 -11.14 8.19 -13.68
CA ASP B 244 -10.76 8.79 -14.96
C ASP B 244 -9.72 7.96 -15.71
N PHE B 246 -8.60 3.58 -15.23
CA PHE B 246 -9.04 2.19 -15.40
C PHE B 246 -10.33 1.88 -14.65
N ASP B 247 -10.95 0.76 -15.03
CA ASP B 247 -12.17 0.29 -14.38
C ASP B 247 -11.75 -0.66 -13.26
N ALA B 248 -10.54 -1.19 -13.38
CA ALA B 248 -10.00 -2.13 -12.39
C ALA B 248 -8.54 -2.48 -12.65
N VAL B 249 -7.98 -3.29 -11.76
CA VAL B 249 -6.61 -3.73 -11.91
C VAL B 249 -6.57 -5.22 -11.67
N ASN B 251 -5.92 -7.95 -9.54
CA ASN B 251 -5.83 -8.01 -8.08
C ASN B 251 -4.79 -8.94 -7.47
N TYR B 252 -3.52 -8.68 -7.75
CA TYR B 252 -2.46 -9.51 -7.20
C TYR B 252 -2.47 -9.43 -5.66
N PRO B 253 -2.87 -8.28 -5.09
CA PRO B 253 -2.89 -8.22 -3.63
C PRO B 253 -3.86 -9.30 -3.11
N LEU B 254 -4.99 -9.47 -3.79
CA LEU B 254 -5.96 -10.48 -3.38
C LEU B 254 -5.38 -11.88 -3.60
N ALA B 255 -4.62 -12.05 -4.67
CA ALA B 255 -4.01 -13.33 -4.96
C ALA B 255 -3.09 -13.70 -3.79
N ARG B 256 -2.28 -12.73 -3.38
CA ARG B 256 -1.36 -12.95 -2.26
C ARG B 256 -2.09 -13.37 -0.99
N ALA B 257 -3.20 -12.69 -0.70
CA ALA B 257 -3.97 -12.98 0.51
C ALA B 257 -4.53 -14.41 0.50
N VAL B 258 -5.14 -14.79 -0.62
CA VAL B 258 -5.70 -16.12 -0.72
C VAL B 258 -4.64 -17.21 -0.69
N LEU B 259 -3.50 -16.96 -1.33
CA LEU B 259 -2.43 -17.95 -1.34
C LEU B 259 -1.84 -18.09 0.06
N GLY B 260 -1.74 -16.96 0.77
CA GLY B 260 -1.20 -17.00 2.11
C GLY B 260 -2.15 -17.69 3.07
N PHE B 261 -3.45 -17.46 2.91
CA PHE B 261 -4.44 -18.07 3.78
C PHE B 261 -4.64 -19.57 3.51
N VAL B 262 -4.89 -19.93 2.26
CA VAL B 262 -5.13 -21.32 1.91
C VAL B 262 -3.83 -22.13 1.78
N GLY B 263 -2.76 -21.45 1.41
CA GLY B 263 -1.48 -22.11 1.25
C GLY B 263 -0.92 -22.59 2.57
N GLY B 264 -1.16 -21.80 3.61
CA GLY B 264 -0.66 -22.16 4.92
C GLY B 264 0.82 -22.45 4.86
N GLU B 265 1.31 -23.15 5.88
CA GLU B 265 2.71 -23.52 5.97
C GLU B 265 3.22 -24.31 4.76
N ALA B 266 2.29 -24.83 3.95
CA ALA B 266 2.68 -25.63 2.78
C ALA B 266 2.99 -24.81 1.52
N LEU B 267 2.68 -23.51 1.53
CA LEU B 267 2.96 -22.67 0.37
C LEU B 267 4.45 -22.65 0.03
N ASP B 268 4.79 -22.80 -1.24
CA ASP B 268 6.20 -22.77 -1.63
C ASP B 268 6.60 -21.30 -1.83
N ARG B 269 6.91 -20.64 -0.71
CA ARG B 269 7.29 -19.24 -0.69
C ARG B 269 8.44 -18.84 -1.61
N ASP B 270 9.50 -19.63 -1.62
CA ASP B 270 10.67 -19.33 -2.45
C ASP B 270 10.36 -19.41 -3.94
N LEU B 271 9.36 -20.21 -4.31
CA LEU B 271 8.99 -20.31 -5.70
C LEU B 271 8.27 -19.02 -6.05
N ALA B 272 7.31 -18.65 -5.20
CA ALA B 272 6.55 -17.43 -5.42
C ALA B 272 7.48 -16.22 -5.48
N ALA B 273 8.47 -16.17 -4.59
CA ALA B 273 9.41 -15.05 -4.54
C ALA B 273 10.27 -14.90 -5.79
N GLN B 274 10.26 -15.91 -6.66
CA GLN B 274 11.03 -15.84 -7.90
C GLN B 274 10.27 -15.02 -8.94
N THR B 275 9.07 -14.58 -8.57
CA THR B 275 8.22 -13.79 -9.47
C THR B 275 7.60 -12.61 -8.73
N GLY B 276 6.79 -11.83 -9.45
CA GLY B 276 6.14 -10.67 -8.87
C GLY B 276 5.29 -10.93 -7.63
N LEU B 277 4.94 -12.18 -7.38
CA LEU B 277 4.12 -12.47 -6.20
C LEU B 277 4.89 -12.08 -4.93
N GLY B 278 6.20 -12.28 -4.96
CA GLY B 278 7.02 -11.97 -3.80
C GLY B 278 6.97 -13.11 -2.80
N ARG B 279 7.61 -12.92 -1.66
CA ARG B 279 7.64 -13.95 -0.62
C ARG B 279 6.35 -13.88 0.20
N ILE B 280 5.28 -14.43 -0.36
CA ILE B 280 3.97 -14.44 0.27
C ILE B 280 4.03 -14.96 1.71
N GLU B 281 3.47 -14.18 2.63
CA GLU B 281 3.46 -14.55 4.04
C GLU B 281 2.17 -15.28 4.40
N PRO B 282 2.28 -16.30 5.27
CA PRO B 282 1.11 -17.06 5.71
C PRO B 282 0.12 -16.17 6.44
N LEU B 283 -1.16 -16.53 6.39
CA LEU B 283 -2.18 -15.75 7.07
C LEU B 283 -3.23 -16.60 7.77
N GLN B 284 -3.55 -16.22 9.00
CA GLN B 284 -4.57 -16.91 9.77
C GLN B 284 -5.89 -16.34 9.28
N ALA B 285 -6.99 -16.96 9.69
CA ALA B 285 -8.33 -16.53 9.29
C ALA B 285 -8.59 -15.03 9.45
N LEU B 286 -8.46 -14.53 10.68
CA LEU B 286 -8.73 -13.12 10.95
C LEU B 286 -7.85 -12.15 10.16
N ALA B 287 -6.55 -12.42 10.09
CA ALA B 287 -5.63 -11.57 9.35
C ALA B 287 -6.01 -11.56 7.87
N PHE B 288 -6.49 -12.69 7.38
CA PHE B 288 -6.90 -12.79 5.98
C PHE B 288 -8.17 -11.97 5.74
N SER B 289 -9.12 -12.04 6.67
CA SER B 289 -10.37 -11.30 6.52
C SER B 289 -10.08 -9.81 6.55
N HIS B 290 -9.07 -9.42 7.33
CA HIS B 290 -8.68 -8.02 7.42
C HIS B 290 -8.14 -7.51 6.09
N ARG B 291 -7.38 -8.35 5.39
CA ARG B 291 -6.84 -7.96 4.09
C ARG B 291 -7.99 -7.77 3.09
N LEU B 292 -8.95 -8.70 3.12
CA LEU B 292 -10.10 -8.62 2.21
C LEU B 292 -10.92 -7.37 2.50
N GLU B 293 -11.10 -7.08 3.78
CA GLU B 293 -11.84 -5.90 4.21
C GLU B 293 -11.16 -4.65 3.65
N ASP B 294 -9.83 -4.64 3.69
CA ASP B 294 -9.09 -3.50 3.17
C ASP B 294 -9.27 -3.41 1.66
N LEU B 295 -9.13 -4.54 0.97
CA LEU B 295 -9.26 -4.57 -0.49
C LEU B 295 -10.67 -4.35 -1.02
N PHE B 296 -11.70 -4.67 -0.24
CA PHE B 296 -13.08 -4.48 -0.70
C PHE B 296 -13.62 -3.13 -0.22
N GLY B 297 -12.83 -2.42 0.57
CA GLY B 297 -13.27 -1.14 1.08
C GLY B 297 -12.42 0.06 0.66
N ARG B 298 -11.18 -0.17 0.26
CA ARG B 298 -10.33 0.94 -0.13
C ARG B 298 -10.65 1.52 -1.51
N TYR B 299 -11.36 0.77 -2.35
CA TYR B 299 -11.72 1.28 -3.67
C TYR B 299 -13.22 1.51 -3.66
N ARG B 300 -13.71 2.22 -4.67
CA ARG B 300 -15.13 2.46 -4.81
C ARG B 300 -15.80 1.12 -5.07
N PRO B 301 -17.02 0.92 -4.55
CA PRO B 301 -17.76 -0.33 -4.73
C PRO B 301 -17.87 -0.91 -6.15
N GLU B 302 -17.98 -0.04 -7.15
CA GLU B 302 -18.06 -0.49 -8.53
C GLU B 302 -16.69 -1.01 -9.02
N VAL B 303 -15.62 -0.56 -8.37
CA VAL B 303 -14.28 -1.00 -8.73
C VAL B 303 -14.01 -2.35 -8.08
N VAL B 304 -14.43 -2.50 -6.84
CA VAL B 304 -14.25 -3.76 -6.12
C VAL B 304 -14.93 -4.91 -6.87
N ARG B 305 -16.13 -4.65 -7.39
CA ARG B 305 -16.89 -5.66 -8.11
C ARG B 305 -16.37 -5.96 -9.52
N ALA B 306 -15.45 -5.12 -10.00
CA ALA B 306 -14.90 -5.32 -11.34
C ALA B 306 -13.44 -5.76 -11.33
N GLN B 307 -12.88 -5.95 -10.14
CA GLN B 307 -11.48 -6.38 -10.03
C GLN B 307 -11.21 -7.72 -10.71
N ASN B 309 -9.88 -10.79 -10.25
CA ASN B 309 -9.42 -11.61 -9.14
C ASN B 309 -8.81 -12.94 -9.56
N LEU B 310 -7.50 -12.95 -9.75
CA LEU B 310 -6.79 -14.16 -10.14
C LEU B 310 -5.93 -14.66 -8.99
N LEU B 311 -5.32 -15.82 -9.18
CA LEU B 311 -4.45 -16.43 -8.19
C LEU B 311 -3.07 -16.50 -8.83
N THR B 312 -3.06 -16.88 -10.11
CA THR B 312 -1.84 -17.01 -10.87
C THR B 312 -2.05 -16.47 -12.28
N SER B 313 -0.98 -16.39 -13.06
CA SER B 313 -1.03 -15.90 -14.43
C SER B 313 0.22 -16.33 -15.16
N HIS B 314 0.41 -15.80 -16.36
CA HIS B 314 1.57 -16.12 -17.18
C HIS B 314 2.85 -15.57 -16.54
N ASP B 315 2.70 -14.73 -15.51
CA ASP B 315 3.84 -14.13 -14.81
C ASP B 315 4.10 -14.75 -13.44
N THR B 316 3.31 -15.74 -13.05
CA THR B 316 3.51 -16.37 -11.75
C THR B 316 3.65 -17.88 -11.91
N PRO B 317 4.08 -18.57 -10.84
CA PRO B 317 4.24 -20.03 -10.90
C PRO B 317 2.81 -20.58 -10.92
N ARG B 318 2.64 -21.83 -11.34
CA ARG B 318 1.30 -22.39 -11.35
C ARG B 318 0.82 -22.72 -9.94
N LEU B 319 -0.50 -22.71 -9.78
CA LEU B 319 -1.13 -22.97 -8.49
C LEU B 319 -0.72 -24.28 -7.82
N LEU B 320 -0.78 -25.38 -8.55
CA LEU B 320 -0.43 -26.66 -7.96
C LEU B 320 1.01 -26.69 -7.48
N SER B 321 1.90 -25.99 -8.20
CA SER B 321 3.31 -25.90 -7.82
C SER B 321 3.47 -25.07 -6.55
N LEU B 322 2.75 -23.95 -6.49
CA LEU B 322 2.79 -23.06 -5.34
C LEU B 322 2.28 -23.82 -4.11
N ARG B 324 2.61 -26.95 -3.74
CA ARG B 324 3.43 -28.16 -3.62
C ARG B 324 2.60 -29.41 -3.95
N GLY B 325 1.88 -29.37 -5.07
CA GLY B 325 1.09 -30.51 -5.49
C GLY B 325 -0.17 -30.83 -4.68
N SER B 326 -0.48 -30.01 -3.68
CA SER B 326 -1.66 -30.24 -2.85
C SER B 326 -2.95 -29.85 -3.55
N VAL B 327 -3.64 -30.85 -4.10
CA VAL B 327 -4.89 -30.63 -4.80
C VAL B 327 -5.97 -30.00 -3.93
N GLU B 328 -6.08 -30.42 -2.67
CA GLU B 328 -7.11 -29.87 -1.81
C GLU B 328 -6.94 -28.37 -1.56
N ARG B 329 -5.69 -27.93 -1.38
CA ARG B 329 -5.45 -26.52 -1.15
C ARG B 329 -5.74 -25.70 -2.41
N ALA B 330 -5.33 -26.23 -3.56
CA ALA B 330 -5.55 -25.56 -4.84
C ALA B 330 -7.04 -25.44 -5.12
N ARG B 331 -7.78 -26.50 -4.83
CA ARG B 331 -9.21 -26.53 -5.06
C ARG B 331 -9.93 -25.49 -4.20
N LEU B 332 -9.51 -25.39 -2.95
CA LEU B 332 -10.11 -24.43 -2.03
C LEU B 332 -9.81 -23.00 -2.44
N ALA B 333 -8.58 -22.74 -2.85
CA ALA B 333 -8.17 -21.40 -3.29
C ALA B 333 -8.98 -20.94 -4.50
N LEU B 334 -9.19 -21.85 -5.45
CA LEU B 334 -9.95 -21.54 -6.65
C LEU B 334 -11.43 -21.36 -6.31
N ALA B 335 -11.92 -22.22 -5.43
CA ALA B 335 -13.32 -22.15 -5.01
C ALA B 335 -13.62 -20.82 -4.34
N LEU B 336 -12.74 -20.39 -3.45
CA LEU B 336 -12.91 -19.15 -2.70
C LEU B 336 -13.08 -17.91 -3.60
N LEU B 337 -12.40 -17.87 -4.74
CA LEU B 337 -12.51 -16.74 -5.67
C LEU B 337 -13.93 -16.52 -6.14
N PHE B 338 -14.67 -17.61 -6.32
CA PHE B 338 -16.04 -17.51 -6.81
C PHE B 338 -17.03 -17.05 -5.77
N LEU B 339 -16.59 -16.96 -4.52
CA LEU B 339 -17.46 -16.54 -3.43
C LEU B 339 -17.15 -15.13 -2.95
N LEU B 340 -16.27 -14.44 -3.66
CA LEU B 340 -15.89 -13.08 -3.29
C LEU B 340 -16.34 -12.08 -4.33
N PRO B 341 -16.50 -10.81 -3.93
CA PRO B 341 -16.92 -9.79 -4.90
C PRO B 341 -15.78 -9.55 -5.90
N GLY B 342 -16.12 -9.50 -7.18
CA GLY B 342 -15.12 -9.27 -8.19
C GLY B 342 -15.27 -10.20 -9.38
N ASN B 343 -14.29 -10.20 -10.27
CA ASN B 343 -14.33 -11.07 -11.43
C ASN B 343 -13.40 -12.25 -11.19
N PRO B 344 -13.95 -13.43 -10.88
CA PRO B 344 -13.04 -14.56 -10.67
C PRO B 344 -12.37 -14.85 -11.99
N THR B 345 -11.03 -14.88 -11.97
CA THR B 345 -10.20 -15.10 -13.16
C THR B 345 -9.31 -16.32 -13.02
N VAL B 346 -9.39 -17.22 -13.99
CA VAL B 346 -8.61 -18.46 -14.00
C VAL B 346 -7.62 -18.52 -15.17
N TYR B 347 -6.35 -18.78 -14.86
CA TYR B 347 -5.31 -18.90 -15.87
C TYR B 347 -5.49 -20.28 -16.50
N TYR B 348 -5.50 -20.37 -17.84
CA TYR B 348 -5.71 -21.66 -18.50
C TYR B 348 -4.88 -22.79 -17.91
N GLY B 349 -5.49 -23.96 -17.79
CA GLY B 349 -4.79 -25.12 -17.26
C GLY B 349 -4.93 -25.34 -15.76
N GLU B 350 -5.11 -24.27 -15.01
CA GLU B 350 -5.25 -24.40 -13.57
C GLU B 350 -6.49 -25.22 -13.21
N GLU B 351 -7.53 -25.16 -14.03
CA GLU B 351 -8.76 -25.92 -13.74
C GLU B 351 -8.58 -27.43 -13.87
N VAL B 352 -7.59 -27.85 -14.65
CA VAL B 352 -7.34 -29.28 -14.83
C VAL B 352 -6.02 -29.72 -14.18
N GLY B 353 -5.54 -28.89 -13.26
CA GLY B 353 -4.32 -29.19 -12.52
C GLY B 353 -2.97 -29.19 -13.21
N ALA B 355 0.76 -28.28 -13.97
CA ALA B 355 1.77 -27.82 -13.03
C ALA B 355 2.94 -27.17 -13.75
N GLY B 356 3.81 -26.52 -12.97
CA GLY B 356 4.98 -25.87 -13.53
C GLY B 356 5.42 -24.67 -12.72
N GLY B 357 6.73 -24.46 -12.64
CA GLY B 357 7.27 -23.32 -11.91
C GLY B 357 7.11 -22.03 -12.69
N LYS B 358 8.07 -21.13 -12.56
CA LYS B 358 8.00 -19.85 -13.24
C LYS B 358 8.27 -19.89 -14.74
N ASP B 359 7.93 -18.78 -15.40
CA ASP B 359 8.12 -18.57 -16.83
C ASP B 359 9.49 -19.16 -17.21
N PRO B 360 9.54 -20.02 -18.24
CA PRO B 360 8.47 -20.52 -19.11
C PRO B 360 7.69 -21.78 -18.72
N GLU B 361 8.05 -22.41 -17.60
CA GLU B 361 7.36 -23.65 -17.18
C GLU B 361 5.86 -23.50 -16.96
N ASN B 362 5.40 -22.28 -16.77
CA ASN B 362 3.98 -22.03 -16.55
C ASN B 362 3.22 -21.83 -17.87
N ARG B 363 3.89 -22.08 -18.99
CA ARG B 363 3.29 -21.87 -20.31
C ARG B 363 3.29 -23.11 -21.19
N GLY B 364 2.98 -24.27 -20.61
CA GLY B 364 2.95 -25.49 -21.38
C GLY B 364 1.72 -25.55 -22.26
N GLY B 365 1.74 -26.45 -23.25
CA GLY B 365 0.60 -26.60 -24.12
C GLY B 365 -0.57 -27.13 -23.32
N VAL B 367 -3.57 -29.22 -21.93
CA VAL B 367 -3.74 -30.66 -21.94
C VAL B 367 -5.17 -31.02 -22.38
N TRP B 368 -5.32 -31.66 -23.54
CA TRP B 368 -6.63 -32.03 -24.04
C TRP B 368 -6.97 -33.53 -23.90
N GLU B 369 -6.07 -34.25 -23.24
CA GLU B 369 -6.26 -35.67 -22.98
C GLU B 369 -7.04 -35.68 -21.67
N GLU B 370 -8.37 -35.77 -21.79
CA GLU B 370 -9.25 -35.75 -20.64
C GLU B 370 -8.95 -36.74 -19.52
N ALA B 371 -8.25 -37.83 -19.83
CA ALA B 371 -7.91 -38.81 -18.81
C ALA B 371 -6.78 -38.30 -17.93
N ARG B 372 -6.17 -37.18 -18.35
CA ARG B 372 -5.07 -36.61 -17.59
C ARG B 372 -5.50 -35.42 -16.74
N TRP B 373 -6.72 -34.94 -16.93
CA TRP B 373 -7.22 -33.80 -16.16
C TRP B 373 -7.36 -34.13 -14.68
N GLN B 374 -7.22 -33.11 -13.85
CA GLN B 374 -7.38 -33.30 -12.42
C GLN B 374 -8.87 -33.06 -12.20
N LYS B 375 -9.60 -34.16 -12.11
CA LYS B 375 -11.06 -34.14 -11.94
C LYS B 375 -11.59 -33.21 -10.86
N ASP B 376 -11.07 -33.33 -9.64
CA ASP B 376 -11.54 -32.52 -8.53
C ASP B 376 -11.42 -31.02 -8.76
N LEU B 377 -10.29 -30.56 -9.27
CA LEU B 377 -10.10 -29.16 -9.54
C LEU B 377 -11.12 -28.64 -10.54
N ARG B 378 -11.29 -29.36 -11.64
CA ARG B 378 -12.22 -28.94 -12.68
C ARG B 378 -13.69 -28.98 -12.26
N GLU B 379 -14.10 -30.02 -11.54
CA GLU B 379 -15.48 -30.13 -11.10
C GLU B 379 -15.80 -28.96 -10.17
N THR B 380 -14.86 -28.62 -9.31
CA THR B 380 -15.05 -27.51 -8.38
C THR B 380 -15.24 -26.16 -9.10
N VAL B 381 -14.39 -25.88 -10.08
CA VAL B 381 -14.48 -24.64 -10.82
C VAL B 381 -15.81 -24.55 -11.55
N LYS B 382 -16.21 -25.65 -12.19
CA LYS B 382 -17.48 -25.67 -12.90
C LYS B 382 -18.64 -25.47 -11.92
N ARG B 383 -18.58 -26.21 -10.82
CA ARG B 383 -19.60 -26.14 -9.77
C ARG B 383 -19.79 -24.72 -9.24
N LEU B 384 -18.71 -24.10 -8.78
CA LEU B 384 -18.79 -22.76 -8.23
C LEU B 384 -19.11 -21.66 -9.22
N ALA B 385 -18.70 -21.83 -10.47
CA ALA B 385 -19.02 -20.82 -11.47
C ALA B 385 -20.53 -20.87 -11.70
N ARG B 386 -21.07 -22.07 -11.70
CA ARG B 386 -22.50 -22.27 -11.89
C ARG B 386 -23.25 -21.65 -10.70
N LEU B 387 -22.73 -21.88 -9.50
CA LEU B 387 -23.34 -21.32 -8.30
C LEU B 387 -23.34 -19.80 -8.30
N ARG B 388 -22.26 -19.20 -8.80
CA ARG B 388 -22.15 -17.75 -8.85
C ARG B 388 -23.11 -17.24 -9.92
N LYS B 389 -23.27 -18.03 -10.98
CA LYS B 389 -24.15 -17.66 -12.08
C LYS B 389 -25.63 -17.70 -11.65
N GLU B 390 -25.99 -18.68 -10.84
CA GLU B 390 -27.37 -18.84 -10.39
C GLU B 390 -27.68 -18.10 -9.08
N HIS B 391 -26.69 -17.38 -8.54
CA HIS B 391 -26.89 -16.65 -7.29
C HIS B 391 -26.19 -15.31 -7.35
N PRO B 392 -26.75 -14.39 -8.16
CA PRO B 392 -26.24 -13.02 -8.38
C PRO B 392 -25.75 -12.24 -7.18
N ALA B 393 -26.21 -12.60 -5.98
CA ALA B 393 -25.79 -11.90 -4.78
C ALA B 393 -24.29 -12.10 -4.52
N LEU B 394 -23.72 -13.18 -5.07
CA LEU B 394 -22.30 -13.46 -4.89
C LEU B 394 -21.46 -12.50 -5.73
N ARG B 395 -22.13 -11.72 -6.58
CA ARG B 395 -21.46 -10.76 -7.43
C ARG B 395 -21.69 -9.31 -7.03
N THR B 396 -22.72 -9.07 -6.22
CA THR B 396 -23.05 -7.70 -5.84
C THR B 396 -23.13 -7.38 -4.34
N ALA B 397 -23.37 -8.39 -3.52
CA ALA B 397 -23.49 -8.17 -2.08
C ALA B 397 -22.18 -7.82 -1.42
N PRO B 398 -22.24 -7.22 -0.22
CA PRO B 398 -21.03 -6.84 0.51
C PRO B 398 -20.37 -8.08 1.09
N TYR B 399 -19.23 -7.88 1.73
CA TYR B 399 -18.49 -8.96 2.38
C TYR B 399 -18.59 -8.66 3.87
N LEU B 400 -19.07 -9.62 4.64
CA LEU B 400 -19.22 -9.43 6.09
C LEU B 400 -18.62 -10.63 6.82
N ARG B 401 -17.62 -10.38 7.64
CA ARG B 401 -16.98 -11.44 8.40
C ARG B 401 -17.93 -11.89 9.50
N ILE B 402 -18.08 -13.21 9.65
CA ILE B 402 -18.98 -13.74 10.66
C ILE B 402 -18.24 -14.56 11.72
N TYR B 403 -17.16 -15.22 11.32
CA TYR B 403 -16.38 -16.02 12.25
C TYR B 403 -14.96 -16.11 11.73
N ALA B 404 -13.99 -16.06 12.64
CA ALA B 404 -12.59 -16.16 12.26
C ALA B 404 -11.75 -16.69 13.41
N GLN B 405 -11.13 -17.85 13.21
CA GLN B 405 -10.29 -18.47 14.23
C GLN B 405 -9.40 -19.48 13.52
N ASP B 406 -8.11 -19.45 13.82
CA ASP B 406 -7.17 -20.37 13.18
C ASP B 406 -7.32 -20.27 11.65
N GLY B 407 -7.54 -21.41 11.00
CA GLY B 407 -7.71 -21.43 9.57
C GLY B 407 -9.15 -21.76 9.27
N HIS B 408 -10.03 -21.26 10.13
CA HIS B 408 -11.47 -21.47 10.00
C HIS B 408 -12.10 -20.10 9.77
N LEU B 409 -12.80 -19.94 8.65
CA LEU B 409 -13.41 -18.66 8.32
C LEU B 409 -14.83 -18.77 7.79
N ALA B 410 -15.68 -17.87 8.25
CA ALA B 410 -17.05 -17.80 7.79
C ALA B 410 -17.35 -16.35 7.49
N PHE B 411 -17.96 -16.09 6.34
CA PHE B 411 -18.32 -14.74 5.98
C PHE B 411 -19.65 -14.75 5.24
N ALA B 412 -20.33 -13.61 5.22
CA ALA B 412 -21.61 -13.57 4.54
C ALA B 412 -21.57 -12.70 3.30
N ARG B 413 -22.40 -13.06 2.33
CA ARG B 413 -22.53 -12.33 1.08
C ARG B 413 -24.04 -12.16 0.95
N GLY B 414 -24.59 -11.16 1.63
CA GLY B 414 -26.02 -10.97 1.57
C GLY B 414 -26.66 -12.11 2.34
N PRO B 415 -27.54 -12.89 1.70
CA PRO B 415 -28.22 -14.01 2.35
C PRO B 415 -27.41 -15.31 2.45
N TYR B 416 -26.22 -15.32 1.87
CA TYR B 416 -25.37 -16.51 1.88
C TYR B 416 -24.27 -16.51 2.93
N LEU B 417 -24.04 -17.66 3.56
CA LEU B 417 -22.99 -17.79 4.56
C LEU B 417 -21.92 -18.74 4.04
N ALA B 418 -20.74 -18.17 3.77
CA ALA B 418 -19.63 -18.96 3.29
C ALA B 418 -18.83 -19.44 4.51
N VAL B 419 -18.49 -20.72 4.52
CA VAL B 419 -17.72 -21.31 5.61
C VAL B 419 -16.52 -21.95 4.95
N VAL B 420 -15.33 -21.53 5.35
CA VAL B 420 -14.10 -22.03 4.74
C VAL B 420 -13.18 -22.74 5.72
N ASN B 421 -12.92 -24.02 5.46
CA ASN B 421 -12.03 -24.76 6.32
C ASN B 421 -10.68 -24.90 5.64
N ALA B 422 -9.80 -23.93 5.85
CA ALA B 422 -8.48 -23.97 5.26
C ALA B 422 -7.49 -24.52 6.29
N SER B 423 -7.71 -25.75 6.72
CA SER B 423 -6.84 -26.40 7.69
C SER B 423 -6.96 -27.91 7.58
N PRO B 424 -5.99 -28.66 8.14
CA PRO B 424 -5.99 -30.11 8.12
C PRO B 424 -6.98 -30.71 9.11
N HIS B 425 -7.46 -29.88 10.03
CA HIS B 425 -8.39 -30.33 11.06
C HIS B 425 -9.85 -30.00 10.79
N PRO B 426 -10.77 -30.89 11.21
CA PRO B 426 -12.22 -30.72 11.03
C PRO B 426 -12.70 -29.40 11.60
N PHE B 427 -13.77 -28.86 11.01
CA PHE B 427 -14.32 -27.59 11.47
C PHE B 427 -15.80 -27.73 11.80
N ARG B 428 -16.12 -27.66 13.09
CA ARG B 428 -17.49 -27.78 13.54
C ARG B 428 -18.26 -26.52 13.16
N GLN B 429 -19.34 -26.67 12.41
CA GLN B 429 -20.13 -25.54 11.99
C GLN B 429 -21.20 -25.29 13.06
N ASP B 430 -20.77 -24.71 14.17
CA ASP B 430 -21.65 -24.47 15.31
C ASP B 430 -21.42 -23.10 15.95
N PHE B 431 -20.83 -22.18 15.19
CA PHE B 431 -20.52 -20.84 15.69
C PHE B 431 -21.72 -19.87 15.63
N PRO B 432 -21.64 -18.74 16.35
CA PRO B 432 -22.74 -17.77 16.33
C PRO B 432 -22.81 -17.11 14.95
N LEU B 433 -24.03 -17.04 14.40
CA LEU B 433 -24.27 -16.48 13.08
C LEU B 433 -24.37 -14.96 13.05
N HIS B 434 -24.31 -14.33 14.22
CA HIS B 434 -24.44 -12.88 14.33
C HIS B 434 -25.56 -12.31 13.49
N GLY B 435 -26.63 -13.09 13.33
CA GLY B 435 -27.79 -12.62 12.59
C GLY B 435 -27.81 -12.74 11.08
N VAL B 436 -26.93 -13.56 10.50
CA VAL B 436 -26.92 -13.72 9.05
C VAL B 436 -28.25 -14.29 8.59
N PHE B 437 -28.82 -15.16 9.41
CA PHE B 437 -30.11 -15.78 9.10
C PHE B 437 -31.12 -15.39 10.18
N PRO B 438 -32.38 -15.16 9.79
CA PRO B 438 -33.41 -14.78 10.76
C PRO B 438 -33.73 -15.95 11.69
N ARG B 439 -33.75 -15.70 12.99
CA ARG B 439 -34.04 -16.74 13.99
C ARG B 439 -35.27 -17.56 13.58
N GLY B 440 -35.24 -18.84 13.90
CA GLY B 440 -36.36 -19.70 13.56
C GLY B 440 -36.44 -19.91 12.05
N GLY B 441 -35.67 -20.85 11.54
CA GLY B 441 -35.67 -21.13 10.12
C GLY B 441 -34.73 -22.27 9.78
N ARG B 442 -34.98 -22.92 8.64
CA ARG B 442 -34.16 -24.03 8.19
C ARG B 442 -33.02 -23.51 7.31
N ALA B 443 -31.84 -24.11 7.44
CA ALA B 443 -30.68 -23.70 6.66
C ALA B 443 -30.18 -24.85 5.79
N VAL B 444 -29.90 -24.55 4.53
CA VAL B 444 -29.43 -25.57 3.61
C VAL B 444 -28.10 -25.22 2.98
N ASP B 445 -27.18 -26.18 3.00
CA ASP B 445 -25.86 -25.99 2.41
C ASP B 445 -25.98 -26.34 0.93
N LEU B 446 -25.82 -25.33 0.08
CA LEU B 446 -25.93 -25.51 -1.36
C LEU B 446 -24.90 -26.46 -1.96
N LEU B 447 -23.74 -26.58 -1.32
CA LEU B 447 -22.70 -27.46 -1.84
C LEU B 447 -22.91 -28.94 -1.54
N SER B 448 -23.25 -29.28 -0.30
CA SER B 448 -23.46 -30.68 0.08
C SER B 448 -24.92 -31.14 0.15
N GLY B 449 -25.85 -30.19 0.15
CA GLY B 449 -27.26 -30.56 0.23
C GLY B 449 -27.70 -30.75 1.67
N GLU B 450 -26.76 -30.57 2.59
CA GLU B 450 -27.03 -30.71 4.01
C GLU B 450 -28.18 -29.79 4.42
N VAL B 451 -28.89 -30.18 5.48
CA VAL B 451 -30.00 -29.39 5.98
C VAL B 451 -29.99 -29.41 7.50
N CYS B 452 -30.40 -28.29 8.09
CA CYS B 452 -30.48 -28.20 9.54
C CYS B 452 -31.13 -26.90 9.95
N THR B 453 -31.58 -26.84 11.21
CA THR B 453 -32.25 -25.65 11.72
C THR B 453 -31.48 -25.06 12.90
N PRO B 454 -30.91 -23.86 12.71
CA PRO B 454 -30.14 -23.16 13.74
C PRO B 454 -30.90 -22.94 15.06
N GLN B 455 -30.15 -22.86 16.15
CA GLN B 455 -30.72 -22.65 17.47
C GLN B 455 -29.86 -21.64 18.22
N GLY B 456 -30.50 -20.69 18.88
CA GLY B 456 -29.77 -19.68 19.64
C GLY B 456 -28.74 -18.93 18.83
N GLY B 457 -29.09 -18.56 17.60
CA GLY B 457 -28.19 -17.83 16.74
C GLY B 457 -26.91 -18.55 16.36
N ARG B 458 -26.91 -19.87 16.49
CA ARG B 458 -25.73 -20.66 16.15
C ARG B 458 -25.99 -21.54 14.93
N LEU B 459 -24.99 -21.67 14.06
CA LEU B 459 -25.14 -22.51 12.89
C LEU B 459 -25.28 -23.95 13.39
N CYS B 460 -25.90 -24.80 12.61
CA CYS B 460 -26.14 -26.18 13.02
C CYS B 460 -25.43 -27.29 12.24
N GLY B 461 -24.95 -26.98 11.04
CA GLY B 461 -24.29 -27.96 10.21
C GLY B 461 -23.32 -28.94 10.85
N PRO B 462 -22.99 -30.02 10.13
CA PRO B 462 -22.06 -31.05 10.63
C PRO B 462 -20.63 -30.56 10.47
N VAL B 463 -19.67 -31.38 10.88
CA VAL B 463 -18.28 -30.98 10.77
C VAL B 463 -17.89 -30.79 9.31
N LEU B 464 -17.20 -29.69 9.04
CA LEU B 464 -16.76 -29.40 7.68
C LEU B 464 -15.39 -30.08 7.58
N PRO B 465 -15.25 -31.04 6.64
CA PRO B 465 -13.97 -31.74 6.48
C PRO B 465 -12.83 -30.81 6.09
N PRO B 466 -11.57 -31.24 6.29
CA PRO B 466 -10.39 -30.45 5.95
C PRO B 466 -10.41 -29.87 4.53
N PHE B 467 -9.97 -28.62 4.40
CA PHE B 467 -9.93 -27.95 3.10
C PHE B 467 -11.23 -28.04 2.32
N SER B 468 -12.34 -27.95 3.03
CA SER B 468 -13.65 -28.02 2.43
C SER B 468 -14.34 -26.67 2.51
N LEU B 469 -15.42 -26.54 1.75
CA LEU B 469 -16.17 -25.31 1.68
C LEU B 469 -17.65 -25.61 1.87
N ALA B 470 -18.39 -24.62 2.37
CA ALA B 470 -19.83 -24.76 2.58
C ALA B 470 -20.48 -23.42 2.27
N LEU B 471 -21.67 -23.46 1.68
CA LEU B 471 -22.39 -22.24 1.33
C LEU B 471 -23.86 -22.36 1.75
N TRP B 472 -24.16 -21.91 2.95
CA TRP B 472 -25.52 -21.97 3.49
C TRP B 472 -26.39 -20.77 3.08
N ARG B 473 -27.69 -20.99 3.16
CA ARG B 473 -28.69 -19.98 2.85
C ARG B 473 -29.96 -20.39 3.59
N GLU B 474 -30.87 -19.45 3.81
CA GLU B 474 -32.12 -19.76 4.48
C GLU B 474 -32.93 -20.65 3.53
N ALA B 475 -33.29 -21.83 4.00
CA ALA B 475 -34.06 -22.79 3.21
C ALA B 475 -35.21 -22.12 2.47
N ALA C 2 -6.18 2.76 6.80
CA ALA C 2 -6.56 3.63 5.65
C ALA C 2 -6.31 5.10 5.96
N TRP C 3 -6.96 5.62 6.99
CA TRP C 3 -6.81 7.03 7.35
C TRP C 3 -5.34 7.39 7.59
N TYR C 4 -4.58 6.43 8.09
CA TYR C 4 -3.16 6.66 8.37
C TYR C 4 -2.25 6.55 7.17
N GLU C 5 -2.81 6.68 5.98
CA GLU C 5 -2.00 6.62 4.76
C GLU C 5 -1.94 8.01 4.12
N GLY C 6 -0.92 8.80 4.49
CA GLY C 6 -0.74 10.14 3.95
C GLY C 6 -1.28 11.31 4.75
N ALA C 7 -1.59 11.08 6.02
CA ALA C 7 -2.15 12.11 6.88
C ALA C 7 -1.10 13.00 7.57
N PHE C 8 -1.49 14.25 7.81
CA PHE C 8 -0.62 15.23 8.47
C PHE C 8 -0.68 15.04 9.99
N PHE C 9 0.41 14.53 10.55
CA PHE C 9 0.55 14.28 11.98
C PHE C 9 1.26 15.44 12.66
N TYR C 10 0.86 15.74 13.89
CA TYR C 10 1.44 16.80 14.70
C TYR C 10 1.79 16.18 16.06
N GLN C 11 3.06 16.27 16.47
CA GLN C 11 3.48 15.69 17.75
C GLN C 11 3.47 16.70 18.90
N ILE C 12 2.79 16.33 19.98
CA ILE C 12 2.69 17.19 21.16
C ILE C 12 3.27 16.52 22.39
N PHE C 13 4.04 17.30 23.13
CA PHE C 13 4.68 16.88 24.38
C PHE C 13 3.74 17.53 25.42
N PRO C 14 2.77 16.77 25.94
CA PRO C 14 1.76 17.21 26.93
C PRO C 14 2.12 18.31 27.93
N ASP C 15 3.23 18.17 28.64
CA ASP C 15 3.62 19.17 29.64
C ASP C 15 4.03 20.53 29.06
N ARG C 16 4.29 20.58 27.76
CA ARG C 16 4.75 21.82 27.15
C ARG C 16 3.89 22.49 26.07
N PHE C 17 2.63 22.09 25.93
CA PHE C 17 1.79 22.69 24.90
C PHE C 17 0.96 23.87 25.39
N PHE C 18 -0.01 23.60 26.27
CA PHE C 18 -0.85 24.67 26.80
C PHE C 18 -1.42 24.28 28.14
N ARG C 19 -1.23 25.17 29.12
CA ARG C 19 -1.70 24.93 30.48
C ARG C 19 -3.12 25.48 30.65
N ALA C 20 -4.07 24.59 30.92
CA ALA C 20 -5.46 24.99 31.11
C ALA C 20 -6.33 23.90 31.74
N GLY C 21 -7.43 24.32 32.37
CA GLY C 21 -8.34 23.37 32.98
C GLY C 21 -7.97 22.90 34.39
N PRO C 22 -8.88 22.17 35.04
CA PRO C 22 -8.65 21.66 36.39
C PRO C 22 -7.81 20.40 36.41
N PRO C 23 -6.88 20.29 37.38
CA PRO C 23 -6.03 19.11 37.46
C PRO C 23 -6.87 17.91 37.91
N GLY C 24 -6.26 16.73 37.88
CA GLY C 24 -6.95 15.54 38.30
C GLY C 24 -6.62 15.33 39.76
N ARG C 25 -6.98 14.17 40.28
CA ARG C 25 -6.73 13.84 41.69
C ARG C 25 -5.70 12.71 41.71
N PRO C 26 -4.65 12.82 42.54
CA PRO C 26 -4.31 13.89 43.48
C PRO C 26 -3.77 15.14 42.77
N ALA C 27 -4.40 16.27 43.04
CA ALA C 27 -3.98 17.52 42.42
C ALA C 27 -2.68 18.03 43.02
N PRO C 28 -1.79 18.55 42.17
CA PRO C 28 -0.53 19.06 42.68
C PRO C 28 -0.73 20.25 43.61
N ALA C 29 0.18 20.40 44.54
CA ALA C 29 0.18 21.48 45.50
C ALA C 29 1.65 21.82 45.56
N GLY C 30 2.08 22.64 44.60
CA GLY C 30 3.48 23.00 44.54
C GLY C 30 3.83 24.03 43.48
N PRO C 31 5.13 24.18 43.18
CA PRO C 31 5.66 25.12 42.20
C PRO C 31 5.74 24.60 40.76
N PHE C 32 5.13 25.33 39.84
CA PHE C 32 5.23 24.96 38.43
C PHE C 32 6.29 25.87 37.85
N GLU C 33 7.22 25.29 37.12
CA GLU C 33 8.30 26.03 36.49
C GLU C 33 7.65 27.03 35.52
N PRO C 34 8.06 28.31 35.58
CA PRO C 34 7.47 29.29 34.66
C PRO C 34 7.55 28.84 33.20
N TRP C 35 6.47 29.08 32.47
CA TRP C 35 6.36 28.68 31.07
C TRP C 35 7.54 29.01 30.17
N GLU C 36 7.94 30.28 30.15
CA GLU C 36 9.04 30.67 29.28
C GLU C 36 10.43 30.51 29.87
N ALA C 37 10.54 29.78 30.97
CA ALA C 37 11.85 29.55 31.58
C ALA C 37 12.49 28.38 30.83
N PRO C 38 13.83 28.33 30.78
CA PRO C 38 14.51 27.24 30.07
C PRO C 38 14.06 25.87 30.57
N PRO C 39 13.83 24.93 29.65
CA PRO C 39 13.40 23.59 30.06
C PRO C 39 14.46 22.93 30.92
N THR C 40 14.03 22.12 31.88
CA THR C 40 14.96 21.42 32.77
C THR C 40 14.62 19.94 32.85
N LEU C 41 15.57 19.17 33.35
CA LEU C 41 15.43 17.73 33.50
C LEU C 41 14.22 17.27 34.34
N ARG C 42 13.93 17.98 35.43
CA ARG C 42 12.84 17.59 36.31
C ARG C 42 11.68 18.58 36.45
N GLY C 43 11.84 19.79 35.94
CA GLY C 43 10.78 20.78 36.08
C GLY C 43 9.54 20.53 35.24
N PHE C 44 8.36 20.79 35.83
CA PHE C 44 7.07 20.64 35.16
C PHE C 44 6.49 22.03 34.89
N LYS C 45 5.96 22.25 33.69
CA LYS C 45 5.38 23.53 33.37
C LYS C 45 3.88 23.52 33.55
N GLY C 46 3.32 22.31 33.67
CA GLY C 46 1.89 22.19 33.90
C GLY C 46 0.97 22.08 32.69
N GLY C 47 1.52 21.88 31.50
CA GLY C 47 0.66 21.74 30.33
C GLY C 47 -0.35 20.64 30.62
N THR C 48 -1.57 20.75 30.07
CA THR C 48 -2.60 19.75 30.32
C THR C 48 -3.26 19.27 29.03
N LEU C 49 -4.09 18.22 29.13
CA LEU C 49 -4.79 17.76 27.94
C LEU C 49 -5.99 18.67 27.70
N TRP C 50 -6.47 19.31 28.76
CA TRP C 50 -7.59 20.25 28.64
C TRP C 50 -7.09 21.36 27.70
N GLY C 51 -5.82 21.71 27.86
CA GLY C 51 -5.20 22.74 27.05
C GLY C 51 -5.05 22.35 25.59
N VAL C 52 -4.67 21.10 25.33
CA VAL C 52 -4.53 20.64 23.96
C VAL C 52 -5.89 20.76 23.27
N ALA C 53 -6.94 20.37 24.00
CA ALA C 53 -8.30 20.43 23.48
C ALA C 53 -8.69 21.87 23.14
N GLU C 54 -8.26 22.82 23.98
CA GLU C 54 -8.57 24.22 23.74
C GLU C 54 -7.84 24.79 22.53
N LYS C 55 -6.69 24.20 22.21
CA LYS C 55 -5.90 24.67 21.07
C LYS C 55 -6.18 23.88 19.81
N LEU C 56 -7.27 23.11 19.81
CA LEU C 56 -7.62 22.32 18.64
C LEU C 56 -7.87 23.24 17.44
N PRO C 57 -8.56 24.38 17.65
CA PRO C 57 -8.78 25.26 16.51
C PRO C 57 -7.47 25.72 15.87
N TYR C 58 -6.43 25.86 16.68
CA TYR C 58 -5.12 26.24 16.17
C TYR C 58 -4.57 25.12 15.29
N LEU C 59 -4.74 23.87 15.74
CA LEU C 59 -4.27 22.71 14.99
C LEU C 59 -5.10 22.50 13.72
N LEU C 60 -6.39 22.76 13.80
CA LEU C 60 -7.25 22.60 12.63
C LEU C 60 -6.89 23.65 11.59
N ASP C 61 -6.52 24.84 12.03
CA ASP C 61 -6.14 25.91 11.12
C ASP C 61 -4.82 25.58 10.41
N LEU C 62 -3.96 24.84 11.11
CA LEU C 62 -2.66 24.45 10.54
C LEU C 62 -2.87 23.34 9.53
N GLY C 63 -3.95 22.59 9.69
CA GLY C 63 -4.28 21.50 8.80
C GLY C 63 -4.08 20.12 9.39
N VAL C 64 -3.76 20.08 10.70
CA VAL C 64 -3.52 18.81 11.40
C VAL C 64 -4.65 17.80 11.27
N GLU C 65 -4.30 16.54 11.01
CA GLU C 65 -5.30 15.49 10.84
C GLU C 65 -5.21 14.43 11.93
N ALA C 66 -4.09 14.42 12.65
CA ALA C 66 -3.91 13.44 13.71
C ALA C 66 -2.87 13.94 14.70
N ILE C 67 -3.13 13.68 15.97
CA ILE C 67 -2.21 14.11 17.00
C ILE C 67 -1.46 12.94 17.63
N TYR C 68 -0.13 13.02 17.63
CA TYR C 68 0.70 12.00 18.26
C TYR C 68 1.08 12.60 19.61
N LEU C 69 0.63 11.95 20.68
CA LEU C 69 0.93 12.44 22.02
C LEU C 69 1.99 11.63 22.72
N ASN C 70 2.92 12.33 23.34
CA ASN C 70 3.95 11.67 24.11
C ASN C 70 3.17 11.11 25.31
N PRO C 71 3.75 10.17 26.07
CA PRO C 71 3.07 9.57 27.22
C PRO C 71 2.22 10.48 28.08
N VAL C 72 0.98 10.05 28.32
CA VAL C 72 0.04 10.83 29.14
C VAL C 72 -0.39 10.11 30.43
N PHE C 73 0.12 8.90 30.66
CA PHE C 73 -0.25 8.16 31.87
C PHE C 73 0.56 8.63 33.09
N ALA C 74 -0.01 8.44 34.28
CA ALA C 74 0.63 8.87 35.52
C ALA C 74 2.11 8.51 35.53
N SER C 75 2.91 9.50 35.87
CA SER C 75 4.36 9.36 35.89
C SER C 75 4.97 10.41 36.81
N THR C 76 6.21 10.19 37.21
CA THR C 76 6.92 11.14 38.07
C THR C 76 7.88 11.96 37.21
N ALA C 77 7.98 11.63 35.93
CA ALA C 77 8.87 12.36 35.02
C ALA C 77 8.08 13.36 34.19
N ASN C 78 8.66 14.52 33.92
CA ASN C 78 7.97 15.53 33.12
C ASN C 78 7.69 15.03 31.69
N HIS C 79 8.52 14.12 31.20
CA HIS C 79 8.34 13.57 29.86
C HIS C 79 7.39 12.38 29.91
N ARG C 80 7.13 11.91 31.12
CA ARG C 80 6.22 10.80 31.42
C ARG C 80 6.57 9.39 30.92
N TYR C 81 7.85 9.16 30.65
CA TYR C 81 8.28 7.84 30.19
C TYR C 81 8.57 6.89 31.36
N HIS C 82 8.46 7.41 32.59
CA HIS C 82 8.67 6.64 33.83
C HIS C 82 7.28 6.40 34.39
N THR C 83 6.58 5.43 33.80
CA THR C 83 5.21 5.11 34.16
C THR C 83 4.93 4.61 35.58
N VAL C 84 3.90 5.19 36.18
CA VAL C 84 3.47 4.83 37.51
C VAL C 84 2.19 4.01 37.45
N ASP C 85 1.27 4.36 36.55
CA ASP C 85 0.02 3.60 36.38
C ASP C 85 -0.51 3.73 34.96
N TYR C 86 -0.40 2.65 34.19
CA TYR C 86 -0.82 2.63 32.79
C TYR C 86 -2.33 2.75 32.58
N PHE C 87 -3.09 2.68 33.67
CA PHE C 87 -4.54 2.77 33.56
C PHE C 87 -5.15 4.12 33.93
N GLN C 88 -4.29 5.08 34.29
CA GLN C 88 -4.75 6.41 34.66
C GLN C 88 -3.95 7.51 33.98
N VAL C 89 -4.65 8.47 33.39
CA VAL C 89 -4.02 9.62 32.75
C VAL C 89 -3.43 10.48 33.87
N ASP C 90 -2.25 11.05 33.65
CA ASP C 90 -1.62 11.87 34.68
C ASP C 90 -2.54 12.93 35.30
N PRO C 91 -2.51 13.06 36.63
CA PRO C 91 -3.33 14.03 37.38
C PRO C 91 -3.05 15.45 36.92
N ILE C 92 -1.78 15.77 36.70
CA ILE C 92 -1.41 17.12 36.25
C ILE C 92 -2.00 17.43 34.88
N LEU C 93 -2.25 16.41 34.07
CA LEU C 93 -2.83 16.60 32.73
C LEU C 93 -4.34 16.73 32.75
N GLY C 94 -4.95 16.46 33.91
CA GLY C 94 -6.39 16.57 34.03
C GLY C 94 -7.10 15.25 34.24
N GLY C 95 -6.34 14.16 34.35
CA GLY C 95 -6.97 12.88 34.56
C GLY C 95 -7.63 12.32 33.31
N ASN C 96 -8.24 11.15 33.44
CA ASN C 96 -8.89 10.49 32.32
C ASN C 96 -9.90 11.33 31.58
N GLU C 97 -10.69 12.11 32.32
CA GLU C 97 -11.71 12.96 31.71
C GLU C 97 -11.10 14.00 30.77
N ALA C 98 -9.87 14.41 31.05
CA ALA C 98 -9.21 15.39 30.21
C ALA C 98 -8.91 14.73 28.86
N LEU C 99 -8.56 13.45 28.90
CA LEU C 99 -8.28 12.70 27.68
C LEU C 99 -9.56 12.45 26.90
N ARG C 100 -10.61 12.05 27.63
CA ARG C 100 -11.93 11.77 27.07
C ARG C 100 -12.45 12.99 26.30
N HIS C 101 -12.26 14.17 26.89
CA HIS C 101 -12.72 15.40 26.27
C HIS C 101 -11.94 15.70 24.98
N LEU C 102 -10.62 15.54 25.02
CA LEU C 102 -9.79 15.79 23.86
C LEU C 102 -10.20 14.87 22.71
N LEU C 103 -10.43 13.59 23.02
CA LEU C 103 -10.84 12.63 22.01
C LEU C 103 -12.18 13.04 21.40
N GLU C 104 -13.12 13.41 22.25
CA GLU C 104 -14.45 13.83 21.79
C GLU C 104 -14.35 14.96 20.78
N VAL C 105 -13.74 16.06 21.21
CA VAL C 105 -13.59 17.24 20.37
C VAL C 105 -12.77 16.98 19.11
N ALA C 106 -11.66 16.25 19.24
CA ALA C 106 -10.81 15.94 18.09
C ALA C 106 -11.59 15.11 17.07
N HIS C 107 -12.23 14.05 17.53
CA HIS C 107 -13.01 13.18 16.65
C HIS C 107 -14.16 13.96 16.01
N ALA C 108 -14.74 14.89 16.74
CA ALA C 108 -15.84 15.69 16.21
C ALA C 108 -15.36 16.59 15.08
N HIS C 109 -14.04 16.76 14.98
CA HIS C 109 -13.47 17.59 13.93
C HIS C 109 -12.60 16.82 12.95
N GLY C 110 -12.81 15.51 12.89
CA GLY C 110 -12.05 14.68 11.98
C GLY C 110 -10.58 14.49 12.31
N VAL C 111 -10.23 14.71 13.58
CA VAL C 111 -8.83 14.55 14.00
C VAL C 111 -8.66 13.30 14.85
N ARG C 112 -7.68 12.47 14.49
CA ARG C 112 -7.38 11.24 15.20
C ARG C 112 -6.35 11.55 16.28
N VAL C 113 -6.23 10.64 17.24
CA VAL C 113 -5.26 10.83 18.32
C VAL C 113 -4.60 9.51 18.68
N ILE C 114 -3.28 9.49 18.71
CA ILE C 114 -2.58 8.27 19.09
C ILE C 114 -1.73 8.50 20.32
N LEU C 115 -1.69 7.49 21.19
CA LEU C 115 -0.91 7.58 22.43
C LEU C 115 0.42 6.87 22.30
N ASP C 116 1.35 7.26 23.17
CA ASP C 116 2.70 6.69 23.21
C ASP C 116 2.69 5.54 24.24
N GLY C 117 3.17 4.37 23.83
CA GLY C 117 3.19 3.22 24.74
C GLY C 117 4.58 2.80 25.19
N VAL C 118 4.84 2.91 26.48
CA VAL C 118 6.12 2.53 27.06
C VAL C 118 5.90 1.20 27.77
N PHE C 119 6.06 0.10 27.05
CA PHE C 119 5.79 -1.21 27.64
C PHE C 119 6.99 -2.05 28.06
N ASN C 120 8.19 -1.58 27.76
CA ASN C 120 9.42 -2.29 28.10
C ASN C 120 9.84 -2.11 29.55
N HIS C 121 9.54 -0.94 30.11
CA HIS C 121 9.92 -0.62 31.48
C HIS C 121 8.88 0.27 32.15
N THR C 122 9.01 0.44 33.45
CA THR C 122 8.11 1.29 34.22
C THR C 122 9.01 2.22 35.01
N GLY C 123 8.40 3.09 35.81
CA GLY C 123 9.19 3.96 36.65
C GLY C 123 9.32 3.20 37.97
N ARG C 124 10.12 3.73 38.89
CA ARG C 124 10.29 3.08 40.19
C ARG C 124 9.01 3.26 41.00
N GLY C 125 8.16 4.19 40.57
CA GLY C 125 6.91 4.45 41.26
C GLY C 125 5.78 3.47 41.00
N PHE C 126 5.98 2.55 40.04
CA PHE C 126 4.95 1.57 39.72
C PHE C 126 4.70 0.67 40.95
N PHE C 127 3.45 0.28 41.16
CA PHE C 127 3.06 -0.55 42.30
C PHE C 127 3.94 -1.78 42.50
N ALA C 128 4.10 -2.58 41.45
CA ALA C 128 4.91 -3.80 41.55
C ALA C 128 6.36 -3.50 41.95
N PHE C 129 6.96 -2.44 41.41
CA PHE C 129 8.34 -2.16 41.80
C PHE C 129 8.40 -1.69 43.25
N GLN C 130 7.38 -0.95 43.68
CA GLN C 130 7.32 -0.47 45.06
C GLN C 130 7.09 -1.67 46.00
N HIS C 131 6.33 -2.64 45.53
CA HIS C 131 6.05 -3.84 46.31
C HIS C 131 7.35 -4.61 46.52
N LEU C 132 8.19 -4.63 45.49
CA LEU C 132 9.48 -5.31 45.58
C LEU C 132 10.37 -4.53 46.52
N GLU C 134 9.58 -2.59 49.12
CA GLU C 134 9.20 -2.69 50.53
C GLU C 134 9.36 -4.06 51.16
N ASN C 135 9.05 -5.12 50.40
CA ASN C 135 9.08 -6.48 50.93
C ASN C 135 10.20 -7.40 50.42
N GLY C 136 11.01 -6.91 49.49
CA GLY C 136 12.09 -7.73 48.95
C GLY C 136 11.66 -9.10 48.43
N GLU C 137 12.36 -10.14 48.87
CA GLU C 137 12.07 -11.52 48.44
C GLU C 137 10.66 -11.99 48.78
N GLN C 138 10.05 -11.39 49.80
CA GLN C 138 8.70 -11.77 50.18
C GLN C 138 7.61 -11.04 49.40
N SER C 139 7.99 -10.45 48.28
CA SER C 139 7.01 -9.75 47.47
C SER C 139 6.48 -10.66 46.38
N PRO C 140 5.16 -10.85 46.33
CA PRO C 140 4.54 -11.70 45.31
C PRO C 140 4.51 -10.99 43.95
N TYR C 141 5.40 -10.01 43.79
CA TYR C 141 5.52 -9.23 42.54
C TYR C 141 6.97 -9.31 42.05
N ARG C 142 7.77 -10.16 42.70
CA ARG C 142 9.17 -10.33 42.34
C ARG C 142 9.40 -10.66 40.86
N ASP C 143 8.51 -11.47 40.29
CA ASP C 143 8.67 -11.86 38.89
C ASP C 143 8.15 -10.84 37.88
N TRP C 144 8.04 -9.59 38.30
CA TRP C 144 7.60 -8.54 37.39
C TRP C 144 8.84 -7.85 36.84
N TYR C 145 9.99 -8.13 37.45
CA TYR C 145 11.24 -7.52 37.03
C TYR C 145 12.41 -8.51 36.98
N HIS C 146 13.54 -8.03 36.52
CA HIS C 146 14.77 -8.82 36.42
C HIS C 146 15.65 -8.48 37.61
N VAL C 147 15.40 -9.13 38.74
CA VAL C 147 16.17 -8.88 39.95
C VAL C 147 17.46 -9.68 40.02
N LYS C 148 18.57 -8.97 40.22
CA LYS C 148 19.89 -9.58 40.32
C LYS C 148 20.16 -9.97 41.77
N GLY C 149 19.28 -9.54 42.67
CA GLY C 149 19.45 -9.83 44.08
C GLY C 149 18.99 -8.69 44.96
N PHE C 150 18.96 -8.93 46.26
CA PHE C 150 18.54 -7.91 47.23
C PHE C 150 19.68 -7.50 48.15
N PRO C 151 19.72 -6.23 48.58
CA PRO C 151 18.77 -5.17 48.24
C PRO C 151 18.84 -4.72 46.78
N LEU C 152 17.82 -4.00 46.34
CA LEU C 152 17.74 -3.51 44.95
C LEU C 152 18.70 -2.39 44.58
N LYS C 153 19.01 -1.51 45.52
CA LYS C 153 19.93 -0.40 45.25
C LYS C 153 19.44 0.38 44.04
N ALA C 154 18.14 0.66 44.02
CA ALA C 154 17.51 1.38 42.93
C ALA C 154 17.92 2.85 42.83
N TYR C 155 18.57 3.36 43.87
CA TYR C 155 18.99 4.75 43.85
C TYR C 155 20.50 4.93 43.78
N THR C 156 21.14 4.07 42.99
CA THR C 156 22.58 4.12 42.81
C THR C 156 22.92 4.00 41.32
N ALA C 157 24.17 4.31 40.98
CA ALA C 157 24.63 4.23 39.60
C ALA C 157 24.71 2.78 39.14
N HIS C 158 24.56 1.86 40.09
CA HIS C 158 24.63 0.44 39.81
C HIS C 158 23.42 -0.31 40.39
N PRO C 159 22.27 -0.24 39.70
CA PRO C 159 21.05 -0.91 40.18
C PRO C 159 21.20 -2.43 40.19
N ASN C 160 20.56 -3.07 41.15
CA ASN C 160 20.62 -4.53 41.28
C ASN C 160 19.49 -5.20 40.49
N TYR C 161 19.20 -4.62 39.33
CA TYR C 161 18.15 -5.14 38.45
C TYR C 161 18.37 -4.59 37.05
N GLU C 162 17.76 -5.24 36.06
CA GLU C 162 17.88 -4.80 34.68
C GLU C 162 17.01 -3.57 34.42
N ALA C 163 17.54 -2.62 33.67
CA ALA C 163 16.82 -1.39 33.36
C ALA C 163 17.29 -0.79 32.04
N TRP C 164 16.36 -0.16 31.33
CA TRP C 164 16.65 0.47 30.05
C TRP C 164 17.95 1.27 30.11
N TRP C 165 18.93 0.84 29.33
CA TRP C 165 20.23 1.51 29.27
C TRP C 165 20.94 1.64 30.61
N GLY C 166 20.62 0.75 31.55
CA GLY C 166 21.25 0.77 32.85
C GLY C 166 20.80 1.86 33.80
N ASN C 167 19.88 2.71 33.36
CA ASN C 167 19.36 3.79 34.21
C ASN C 167 18.42 3.21 35.25
N PRO C 168 18.76 3.33 36.54
CA PRO C 168 17.92 2.79 37.62
C PRO C 168 16.49 3.33 37.63
N GLU C 169 16.28 4.51 37.07
CA GLU C 169 14.97 5.14 37.03
C GLU C 169 13.97 4.39 36.14
N LEU C 170 14.47 3.45 35.33
CA LEU C 170 13.59 2.70 34.45
C LEU C 170 13.77 1.18 34.53
N PRO C 171 13.28 0.56 35.61
CA PRO C 171 13.37 -0.90 35.82
C PRO C 171 12.75 -1.69 34.68
N LYS C 172 13.53 -2.56 34.05
CA LYS C 172 13.05 -3.37 32.93
C LYS C 172 12.01 -4.41 33.31
N LEU C 173 10.85 -4.30 32.67
CA LEU C 173 9.74 -5.20 32.91
C LEU C 173 10.08 -6.61 32.42
N LYS C 174 9.57 -7.62 33.14
CA LYS C 174 9.80 -9.02 32.79
C LYS C 174 8.56 -9.51 32.05
N VAL C 175 8.52 -9.24 30.75
CA VAL C 175 7.38 -9.60 29.91
C VAL C 175 7.10 -11.10 29.76
N GLU C 176 8.11 -11.94 29.94
CA GLU C 176 7.88 -13.37 29.82
C GLU C 176 6.89 -13.82 30.91
N THR C 177 6.92 -13.12 32.05
CA THR C 177 6.01 -13.43 33.15
C THR C 177 4.57 -13.21 32.71
N PRO C 178 3.72 -14.23 32.83
CA PRO C 178 2.30 -14.18 32.45
C PRO C 178 1.50 -12.99 32.97
N ALA C 179 1.70 -12.63 34.24
CA ALA C 179 0.96 -11.52 34.84
C ALA C 179 1.31 -10.17 34.20
N VAL C 180 2.56 -10.04 33.75
CA VAL C 180 3.03 -8.82 33.11
C VAL C 180 2.45 -8.71 31.70
N ARG C 181 2.60 -9.76 30.91
CA ARG C 181 2.07 -9.80 29.55
C ARG C 181 0.56 -9.54 29.54
N GLU C 182 -0.14 -10.12 30.51
CA GLU C 182 -1.58 -9.96 30.58
C GLU C 182 -1.94 -8.52 30.92
N TYR C 183 -1.08 -7.86 31.70
CA TYR C 183 -1.30 -6.48 32.10
C TYR C 183 -1.07 -5.57 30.88
N LEU C 184 0.09 -5.72 30.26
CA LEU C 184 0.47 -4.92 29.10
C LEU C 184 -0.54 -5.03 27.95
N LEU C 185 -0.94 -6.25 27.62
CA LEU C 185 -1.89 -6.46 26.54
C LEU C 185 -3.28 -5.94 26.90
N ALA C 186 -3.55 -5.82 28.20
CA ALA C 186 -4.83 -5.31 28.65
C ALA C 186 -4.85 -3.78 28.50
N VAL C 187 -3.67 -3.18 28.63
CA VAL C 187 -3.51 -1.73 28.48
C VAL C 187 -3.70 -1.34 27.01
N ALA C 188 -3.08 -2.10 26.12
CA ALA C 188 -3.17 -1.86 24.68
C ALA C 188 -4.60 -1.80 24.21
N GLU C 189 -5.39 -2.79 24.61
CA GLU C 189 -6.79 -2.87 24.24
C GLU C 189 -7.64 -1.85 24.97
N HIS C 190 -7.38 -1.67 26.27
CA HIS C 190 -8.15 -0.71 27.07
C HIS C 190 -8.30 0.68 26.45
N TRP C 191 -7.18 1.30 26.08
CA TRP C 191 -7.24 2.66 25.54
C TRP C 191 -7.80 2.76 24.13
N ILE C 192 -7.63 1.71 23.34
CA ILE C 192 -8.18 1.70 21.99
C ILE C 192 -9.70 1.71 22.12
N ARG C 193 -10.23 0.95 23.08
CA ARG C 193 -11.67 0.89 23.30
C ARG C 193 -12.13 2.17 23.98
N PHE C 194 -11.20 2.82 24.67
CA PHE C 194 -11.51 4.08 25.34
C PHE C 194 -11.80 5.16 24.30
N GLY C 195 -11.22 5.01 23.11
CA GLY C 195 -11.45 5.99 22.06
C GLY C 195 -10.20 6.40 21.30
N VAL C 196 -9.04 6.00 21.81
CA VAL C 196 -7.76 6.32 21.19
C VAL C 196 -7.69 5.64 19.82
N ASP C 197 -7.04 6.30 18.86
CA ASP C 197 -6.96 5.76 17.50
C ASP C 197 -5.68 5.00 17.14
N GLY C 198 -4.74 4.88 18.06
CA GLY C 198 -3.52 4.17 17.73
C GLY C 198 -2.44 4.22 18.78
N TRP C 199 -1.34 3.51 18.51
CA TRP C 199 -0.22 3.46 19.44
C TRP C 199 1.10 3.71 18.77
N ARG C 200 1.95 4.48 19.44
CA ARG C 200 3.31 4.75 18.96
C ARG C 200 4.08 3.93 19.99
N LEU C 201 4.70 2.85 19.55
CA LEU C 201 5.41 1.95 20.45
C LEU C 201 6.84 2.36 20.75
N ASP C 202 7.12 2.48 22.04
CA ASP C 202 8.44 2.89 22.52
C ASP C 202 9.46 1.75 22.46
N VAL C 203 10.61 2.04 21.84
CA VAL C 203 11.71 1.07 21.69
C VAL C 203 11.22 -0.37 21.75
N PRO C 204 10.37 -0.77 20.79
CA PRO C 204 9.80 -2.13 20.71
C PRO C 204 10.82 -3.27 20.59
N ASN C 205 12.05 -2.94 20.25
CA ASN C 205 13.11 -3.93 20.11
C ASN C 205 13.63 -4.41 21.47
N GLU C 206 13.38 -3.63 22.52
CA GLU C 206 13.82 -4.00 23.87
C GLU C 206 13.10 -5.28 24.29
N ILE C 207 11.98 -5.55 23.65
CA ILE C 207 11.19 -6.74 23.92
C ILE C 207 11.34 -7.64 22.70
N PRO C 208 12.37 -8.50 22.71
CA PRO C 208 12.67 -9.43 21.61
C PRO C 208 11.52 -10.35 21.19
N ASP C 209 10.87 -10.98 22.16
CA ASP C 209 9.76 -11.89 21.88
C ASP C 209 8.79 -11.35 20.84
N PRO C 210 8.83 -11.89 19.62
CA PRO C 210 7.96 -11.47 18.50
C PRO C 210 6.48 -11.79 18.68
N THR C 211 6.18 -12.84 19.45
CA THR C 211 4.79 -13.23 19.68
C THR C 211 4.04 -12.16 20.48
N PHE C 212 4.80 -11.36 21.23
CA PHE C 212 4.19 -10.29 22.03
C PHE C 212 3.55 -9.25 21.11
N TRP C 213 4.35 -8.71 20.20
CA TRP C 213 3.89 -7.70 19.26
C TRP C 213 2.79 -8.20 18.32
N ARG C 214 2.85 -9.47 17.95
CA ARG C 214 1.83 -10.04 17.07
C ARG C 214 0.52 -10.11 17.85
N GLU C 215 0.63 -10.47 19.13
CA GLU C 215 -0.53 -10.58 20.00
C GLU C 215 -1.02 -9.16 20.31
N PHE C 216 -0.07 -8.24 20.47
CA PHE C 216 -0.38 -6.84 20.72
C PHE C 216 -1.22 -6.34 19.56
N ARG C 217 -0.71 -6.53 18.35
CA ARG C 217 -1.42 -6.10 17.15
C ARG C 217 -2.83 -6.68 17.15
N GLN C 218 -2.90 -7.99 17.39
CA GLN C 218 -4.17 -8.71 17.42
C GLN C 218 -5.16 -8.04 18.36
N ARG C 219 -4.72 -7.73 19.57
CA ARG C 219 -5.57 -7.10 20.56
C ARG C 219 -6.03 -5.70 20.14
N VAL C 220 -5.09 -4.91 19.61
CA VAL C 220 -5.39 -3.56 19.17
C VAL C 220 -6.35 -3.52 17.98
N LYS C 221 -6.01 -4.24 16.92
CA LYS C 221 -6.85 -4.29 15.73
C LYS C 221 -8.18 -4.94 16.05
N GLY C 222 -8.19 -5.75 17.10
CA GLY C 222 -9.41 -6.44 17.49
C GLY C 222 -10.45 -5.49 18.05
N ALA C 223 -9.99 -4.46 18.76
CA ALA C 223 -10.88 -3.48 19.34
C ALA C 223 -11.22 -2.40 18.31
N ASN C 224 -10.34 -2.27 17.31
CA ASN C 224 -10.54 -1.28 16.25
C ASN C 224 -9.60 -1.53 15.08
N PRO C 225 -10.11 -2.20 14.03
CA PRO C 225 -9.33 -2.51 12.83
C PRO C 225 -8.69 -1.31 12.13
N GLU C 226 -9.20 -0.11 12.41
CA GLU C 226 -8.63 1.10 11.81
C GLU C 226 -7.49 1.67 12.66
N ALA C 227 -7.29 1.13 13.86
CA ALA C 227 -6.23 1.60 14.75
C ALA C 227 -4.87 1.60 14.04
N TYR C 228 -4.09 2.64 14.32
CA TYR C 228 -2.77 2.81 13.72
C TYR C 228 -1.69 2.40 14.72
N ILE C 229 -0.74 1.58 14.27
CA ILE C 229 0.34 1.12 15.14
C ILE C 229 1.67 1.46 14.53
N VAL C 230 2.38 2.40 15.13
CA VAL C 230 3.69 2.78 14.61
C VAL C 230 4.76 2.55 15.65
N GLY C 231 5.84 1.87 15.25
CA GLY C 231 6.90 1.60 16.18
C GLY C 231 8.08 2.53 16.04
N GLU C 232 8.75 2.78 17.15
CA GLU C 232 9.92 3.65 17.13
C GLU C 232 11.15 2.82 16.80
N ILE C 233 11.54 2.84 15.52
CA ILE C 233 12.72 2.13 15.06
C ILE C 233 13.54 3.20 14.36
N TRP C 234 14.78 3.37 14.77
CA TRP C 234 15.64 4.40 14.20
C TRP C 234 16.39 4.07 12.91
N GLU C 235 16.31 2.83 12.45
CA GLU C 235 16.97 2.42 11.22
C GLU C 235 16.01 1.56 10.41
N GLU C 236 16.49 1.01 9.30
CA GLU C 236 15.65 0.15 8.46
C GLU C 236 14.96 -0.84 9.38
N ALA C 237 13.62 -0.83 9.39
CA ALA C 237 12.87 -1.71 10.26
C ALA C 237 12.17 -2.85 9.54
N ASP C 238 12.85 -3.46 8.59
CA ASP C 238 12.27 -4.56 7.82
C ASP C 238 11.60 -5.62 8.71
N PHE C 239 12.31 -6.05 9.75
CA PHE C 239 11.81 -7.07 10.67
C PHE C 239 10.38 -6.84 11.15
N TRP C 240 10.10 -5.65 11.65
CA TRP C 240 8.79 -5.30 12.19
C TRP C 240 7.72 -4.93 11.15
N LEU C 241 8.13 -4.76 9.90
CA LEU C 241 7.18 -4.36 8.87
C LEU C 241 6.79 -5.45 7.86
N GLN C 242 6.36 -6.61 8.35
CA GLN C 242 5.96 -7.70 7.47
C GLN C 242 4.45 -7.84 7.36
N GLY C 243 3.71 -7.11 8.20
CA GLY C 243 2.27 -7.19 8.13
C GLY C 243 1.64 -7.85 9.34
N ASP C 244 2.48 -8.38 10.22
CA ASP C 244 1.99 -9.05 11.42
C ASP C 244 2.35 -8.28 12.70
N PHE C 246 3.89 -4.01 12.97
CA PHE C 246 3.61 -2.58 12.86
C PHE C 246 3.12 -2.14 11.48
N ASP C 247 2.21 -1.16 11.47
CA ASP C 247 1.69 -0.61 10.23
C ASP C 247 2.75 0.29 9.61
N ALA C 248 3.64 0.80 10.46
CA ALA C 248 4.70 1.70 10.03
C ALA C 248 5.66 1.97 11.16
N VAL C 249 6.67 2.79 10.90
CA VAL C 249 7.66 3.14 11.90
C VAL C 249 8.03 4.61 11.74
N ASN C 251 10.02 7.15 10.50
CA ASN C 251 10.98 7.19 9.42
C ASN C 251 12.19 8.10 9.62
N TYR C 252 12.98 7.81 10.64
CA TYR C 252 14.18 8.60 10.91
C TYR C 252 15.15 8.57 9.72
N PRO C 253 15.20 7.44 8.98
CA PRO C 253 16.14 7.41 7.83
C PRO C 253 15.77 8.51 6.81
N LEU C 254 14.48 8.73 6.60
CA LEU C 254 14.01 9.74 5.67
C LEU C 254 14.40 11.11 6.22
N ALA C 255 14.29 11.26 7.53
CA ALA C 255 14.64 12.50 8.22
C ALA C 255 16.12 12.82 7.98
N ARG C 256 16.97 11.81 8.06
CA ARG C 256 18.40 12.01 7.85
C ARG C 256 18.67 12.40 6.40
N ALA C 257 17.93 11.78 5.48
CA ALA C 257 18.08 12.06 4.05
C ALA C 257 17.70 13.50 3.73
N VAL C 258 16.49 13.89 4.12
CA VAL C 258 16.01 15.24 3.85
C VAL C 258 16.88 16.29 4.51
N LEU C 259 17.31 16.03 5.74
CA LEU C 259 18.17 16.98 6.45
C LEU C 259 19.53 17.06 5.75
N GLY C 260 20.05 15.92 5.35
CA GLY C 260 21.34 15.91 4.68
C GLY C 260 21.27 16.66 3.36
N PHE C 261 20.14 16.55 2.68
CA PHE C 261 19.97 17.21 1.40
C PHE C 261 19.68 18.71 1.48
N VAL C 262 18.70 19.10 2.29
CA VAL C 262 18.37 20.52 2.39
C VAL C 262 19.41 21.29 3.22
N GLY C 263 19.87 20.68 4.31
CA GLY C 263 20.86 21.33 5.13
C GLY C 263 22.23 21.32 4.45
N GLY C 264 22.47 20.29 3.64
CA GLY C 264 23.74 20.17 2.94
C GLY C 264 24.94 20.33 3.84
N GLU C 265 25.90 21.15 3.40
CA GLU C 265 27.12 21.40 4.17
C GLU C 265 26.86 22.45 5.26
N ALA C 266 25.64 22.99 5.31
CA ALA C 266 25.29 23.99 6.31
C ALA C 266 24.69 23.34 7.56
N LEU C 267 24.31 22.08 7.45
CA LEU C 267 23.74 21.36 8.58
C LEU C 267 24.77 21.33 9.72
N ASP C 268 24.28 21.31 10.95
CA ASP C 268 25.15 21.26 12.12
C ASP C 268 25.28 19.78 12.47
N ARG C 269 26.17 19.10 11.76
CA ARG C 269 26.38 17.67 11.94
C ARG C 269 26.72 17.26 13.37
N ASP C 270 27.51 18.07 14.06
CA ASP C 270 27.89 17.76 15.42
C ASP C 270 26.68 17.83 16.34
N LEU C 271 25.88 18.89 16.21
CA LEU C 271 24.70 19.03 17.03
C LEU C 271 23.81 17.80 16.83
N ALA C 272 23.65 17.38 15.59
CA ALA C 272 22.84 16.21 15.27
C ALA C 272 23.45 14.95 15.87
N ALA C 273 24.78 14.90 15.84
CA ALA C 273 25.53 13.75 16.35
C ALA C 273 25.34 13.50 17.85
N GLN C 274 24.83 14.51 18.56
CA GLN C 274 24.60 14.39 19.99
C GLN C 274 23.33 13.58 20.29
N THR C 275 22.55 13.27 19.25
CA THR C 275 21.32 12.52 19.43
C THR C 275 21.31 11.29 18.53
N GLY C 276 20.19 10.60 18.50
CA GLY C 276 20.05 9.41 17.68
C GLY C 276 20.09 9.66 16.19
N LEU C 277 20.09 10.93 15.78
CA LEU C 277 20.16 11.25 14.36
C LEU C 277 21.52 10.82 13.81
N GLY C 278 22.54 10.88 14.66
CA GLY C 278 23.87 10.49 14.26
C GLY C 278 24.54 11.55 13.41
N ARG C 279 25.73 11.25 12.89
CA ARG C 279 26.44 12.21 12.05
C ARG C 279 25.77 12.18 10.68
N ILE C 280 24.90 13.14 10.44
CA ILE C 280 24.18 13.22 9.17
C ILE C 280 25.11 13.53 8.02
N GLU C 281 25.11 12.66 7.02
CA GLU C 281 25.95 12.83 5.84
C GLU C 281 25.28 13.76 4.83
N PRO C 282 25.97 14.86 4.46
CA PRO C 282 25.41 15.80 3.48
C PRO C 282 25.11 15.04 2.21
N LEU C 283 24.04 15.41 1.51
CA LEU C 283 23.67 14.70 0.29
C LEU C 283 23.50 15.57 -0.95
N GLN C 284 23.77 14.97 -2.09
CA GLN C 284 23.63 15.60 -3.40
C GLN C 284 22.26 15.14 -3.89
N ALA C 285 21.70 15.84 -4.86
CA ALA C 285 20.39 15.50 -5.39
C ALA C 285 20.23 14.03 -5.77
N LEU C 286 21.16 13.49 -6.55
CA LEU C 286 21.08 12.09 -6.99
C LEU C 286 21.17 11.11 -5.82
N ALA C 287 22.12 11.32 -4.92
CA ALA C 287 22.27 10.45 -3.77
C ALA C 287 20.98 10.54 -2.94
N PHE C 288 20.49 11.76 -2.72
CA PHE C 288 19.26 11.95 -1.96
C PHE C 288 18.13 11.16 -2.62
N SER C 289 17.93 11.39 -3.91
CA SER C 289 16.87 10.70 -4.64
C SER C 289 17.01 9.19 -4.53
N HIS C 290 18.24 8.69 -4.60
CA HIS C 290 18.46 7.24 -4.50
C HIS C 290 18.06 6.75 -3.11
N ARG C 291 18.29 7.58 -2.10
CA ARG C 291 17.93 7.22 -0.74
C ARG C 291 16.41 7.10 -0.63
N LEU C 292 15.69 8.02 -1.28
CA LEU C 292 14.23 7.98 -1.25
C LEU C 292 13.73 6.74 -1.97
N GLU C 293 14.30 6.48 -3.14
CA GLU C 293 13.92 5.31 -3.92
C GLU C 293 14.10 4.06 -3.08
N ASP C 294 15.20 4.02 -2.33
CA ASP C 294 15.47 2.87 -1.46
C ASP C 294 14.39 2.78 -0.39
N LEU C 295 14.16 3.89 0.31
CA LEU C 295 13.16 3.95 1.37
C LEU C 295 11.73 3.78 0.88
N PHE C 296 11.47 4.16 -0.36
CA PHE C 296 10.12 4.02 -0.90
C PHE C 296 9.87 2.65 -1.52
N GLY C 297 10.93 1.84 -1.63
CA GLY C 297 10.78 0.52 -2.21
C GLY C 297 11.16 -0.66 -1.32
N ARG C 298 11.90 -0.42 -0.25
CA ARG C 298 12.30 -1.52 0.62
C ARG C 298 11.16 -2.07 1.48
N TYR C 299 10.05 -1.34 1.55
CA TYR C 299 8.90 -1.78 2.32
C TYR C 299 7.71 -1.93 1.37
N ARG C 300 6.66 -2.62 1.83
CA ARG C 300 5.45 -2.78 1.04
C ARG C 300 4.80 -1.39 0.88
N PRO C 301 4.24 -1.09 -0.31
CA PRO C 301 3.59 0.19 -0.59
C PRO C 301 2.61 0.73 0.46
N GLU C 302 1.83 -0.14 1.09
CA GLU C 302 0.89 0.30 2.12
C GLU C 302 1.61 0.82 3.35
N VAL C 303 2.81 0.31 3.59
CA VAL C 303 3.62 0.73 4.73
C VAL C 303 4.31 2.05 4.40
N VAL C 304 4.83 2.15 3.18
CA VAL C 304 5.50 3.36 2.73
C VAL C 304 4.59 4.58 2.84
N ARG C 305 3.31 4.39 2.50
CA ARG C 305 2.33 5.47 2.55
C ARG C 305 1.87 5.81 3.96
N ALA C 306 2.26 5.00 4.94
CA ALA C 306 1.87 5.21 6.33
C ALA C 306 3.05 5.54 7.22
N GLN C 307 4.24 5.65 6.65
CA GLN C 307 5.44 5.97 7.41
C GLN C 307 5.25 7.29 8.16
N ASN C 309 6.70 10.31 8.67
CA ASN C 309 7.78 11.12 8.12
C ASN C 309 8.01 12.40 8.89
N LEU C 310 8.96 12.33 9.80
CA LEU C 310 9.31 13.48 10.63
C LEU C 310 10.72 13.96 10.30
N LEU C 311 11.04 15.15 10.74
CA LEU C 311 12.38 15.70 10.54
C LEU C 311 13.00 15.73 11.93
N THR C 312 12.20 16.14 12.91
CA THR C 312 12.65 16.22 14.30
C THR C 312 11.60 15.69 15.27
N SER C 313 11.99 15.53 16.54
CA SER C 313 11.09 15.03 17.58
C SER C 313 11.65 15.42 18.96
N HIS C 314 11.06 14.86 20.01
CA HIS C 314 11.52 15.14 21.36
C HIS C 314 12.91 14.52 21.64
N ASP C 315 13.37 13.65 20.76
CA ASP C 315 14.69 13.03 20.93
C ASP C 315 15.77 13.63 20.01
N THR C 316 15.44 14.69 19.28
CA THR C 316 16.42 15.31 18.38
C THR C 316 16.50 16.81 18.60
N PRO C 317 17.56 17.45 18.07
CA PRO C 317 17.66 18.90 18.26
C PRO C 317 16.55 19.48 17.39
N ARG C 318 16.19 20.75 17.60
CA ARG C 318 15.13 21.35 16.79
C ARG C 318 15.62 21.74 15.40
N LEU C 319 14.70 21.65 14.43
CA LEU C 319 15.01 21.95 13.04
C LEU C 319 15.77 23.25 12.79
N LEU C 320 15.26 24.37 13.30
CA LEU C 320 15.92 25.65 13.09
C LEU C 320 17.35 25.67 13.60
N SER C 321 17.61 24.98 14.71
CA SER C 321 18.95 24.90 15.28
C SER C 321 19.83 24.01 14.39
N LEU C 322 19.25 22.91 13.92
CA LEU C 322 19.95 21.98 13.04
C LEU C 322 20.41 22.72 11.78
N ARG C 324 21.29 25.83 11.75
CA ARG C 324 22.03 27.00 12.22
C ARG C 324 21.23 28.29 12.09
N GLY C 325 19.91 28.21 12.27
CA GLY C 325 19.08 29.40 12.19
C GLY C 325 18.55 29.83 10.84
N SER C 326 18.84 29.06 9.79
CA SER C 326 18.37 29.43 8.46
C SER C 326 16.89 29.13 8.21
N VAL C 327 16.07 30.18 8.29
CA VAL C 327 14.63 30.03 8.09
C VAL C 327 14.30 29.40 6.72
N GLU C 328 14.99 29.85 5.67
CA GLU C 328 14.74 29.33 4.33
C GLU C 328 15.02 27.84 4.19
N ARG C 329 16.05 27.35 4.87
CA ARG C 329 16.39 25.93 4.80
C ARG C 329 15.39 25.10 5.59
N ALA C 330 15.01 25.56 6.77
CA ALA C 330 14.05 24.86 7.61
C ALA C 330 12.72 24.84 6.87
N ARG C 331 12.41 25.93 6.19
CA ARG C 331 11.17 26.05 5.44
C ARG C 331 11.08 25.02 4.31
N LEU C 332 12.16 24.88 3.56
CA LEU C 332 12.17 23.92 2.46
C LEU C 332 12.10 22.48 2.97
N ALA C 333 12.75 22.21 4.10
CA ALA C 333 12.73 20.85 4.66
C ALA C 333 11.31 20.43 5.01
N LEU C 334 10.60 21.29 5.74
CA LEU C 334 9.22 21.02 6.12
C LEU C 334 8.32 20.85 4.92
N ALA C 335 8.40 21.79 3.98
CA ALA C 335 7.59 21.76 2.77
C ALA C 335 7.81 20.49 1.95
N LEU C 336 9.06 20.04 1.86
CA LEU C 336 9.37 18.84 1.08
C LEU C 336 8.64 17.59 1.61
N LEU C 337 8.42 17.55 2.92
CA LEU C 337 7.75 16.42 3.54
C LEU C 337 6.35 16.18 2.99
N PHE C 338 5.63 17.27 2.71
CA PHE C 338 4.26 17.18 2.20
C PHE C 338 4.14 16.77 0.74
N LEU C 339 5.27 16.68 0.05
CA LEU C 339 5.25 16.28 -1.36
C LEU C 339 5.69 14.84 -1.55
N LEU C 340 5.93 14.13 -0.44
CA LEU C 340 6.39 12.74 -0.49
C LEU C 340 5.39 11.74 0.08
N PRO C 341 5.50 10.46 -0.32
CA PRO C 341 4.56 9.49 0.23
C PRO C 341 4.84 9.32 1.73
N GLY C 342 3.79 9.02 2.49
CA GLY C 342 3.93 8.86 3.92
C GLY C 342 3.08 9.86 4.69
N ASN C 343 3.29 9.92 6.00
CA ASN C 343 2.54 10.84 6.84
C ASN C 343 3.47 11.97 7.28
N PRO C 344 3.36 13.16 6.67
CA PRO C 344 4.25 14.22 7.10
C PRO C 344 3.96 14.50 8.57
N THR C 345 5.01 14.51 9.38
CA THR C 345 4.89 14.71 10.82
C THR C 345 5.71 15.90 11.29
N VAL C 346 5.05 16.79 12.04
CA VAL C 346 5.68 17.99 12.57
C VAL C 346 5.72 18.00 14.10
N TYR C 347 6.90 18.25 14.64
CA TYR C 347 7.09 18.32 16.08
C TYR C 347 6.60 19.71 16.50
N TYR C 348 5.72 19.77 17.50
CA TYR C 348 5.16 21.06 17.94
C TYR C 348 6.21 22.17 18.05
N GLY C 349 5.86 23.35 17.55
CA GLY C 349 6.77 24.48 17.61
C GLY C 349 7.62 24.70 16.38
N GLU C 350 7.89 23.63 15.63
CA GLU C 350 8.70 23.77 14.44
C GLU C 350 7.99 24.65 13.41
N GLU C 351 6.66 24.63 13.39
CA GLU C 351 5.92 25.43 12.42
C GLU C 351 5.99 26.92 12.74
N VAL C 352 6.43 27.28 13.94
CA VAL C 352 6.55 28.70 14.28
C VAL C 352 8.00 29.08 14.57
N GLY C 353 8.91 28.19 14.18
CA GLY C 353 10.33 28.43 14.36
C GLY C 353 10.96 28.43 15.74
N ALA C 355 13.51 27.32 18.63
CA ALA C 355 14.88 26.81 18.54
C ALA C 355 15.27 26.00 19.78
N GLY C 356 16.33 25.22 19.65
CA GLY C 356 16.80 24.42 20.76
C GLY C 356 17.68 23.27 20.35
N GLY C 357 18.62 22.92 21.23
CA GLY C 357 19.52 21.82 20.97
C GLY C 357 18.93 20.53 21.51
N LYS C 358 19.78 19.60 21.96
CA LYS C 358 19.28 18.33 22.46
C LYS C 358 18.53 18.44 23.79
N ASP C 359 17.69 17.45 24.03
CA ASP C 359 16.88 17.33 25.24
C ASP C 359 17.69 17.73 26.47
N PRO C 360 17.11 18.55 27.36
CA PRO C 360 15.77 19.15 27.35
C PRO C 360 15.59 20.45 26.56
N GLU C 361 16.63 20.91 25.87
CA GLU C 361 16.54 22.15 25.12
C GLU C 361 15.44 22.19 24.06
N ASN C 362 15.05 21.02 23.56
CA ASN C 362 14.02 20.91 22.53
C ASN C 362 12.60 20.74 23.07
N ARG C 363 12.42 20.99 24.37
CA ARG C 363 11.10 20.83 24.98
C ARG C 363 10.62 22.09 25.70
N GLY C 364 10.81 23.24 25.06
CA GLY C 364 10.36 24.49 25.65
C GLY C 364 8.85 24.60 25.57
N GLY C 365 8.27 25.48 26.38
CA GLY C 365 6.84 25.67 26.33
C GLY C 365 6.47 26.26 24.98
N VAL C 367 5.14 28.45 22.03
CA VAL C 367 5.04 29.91 21.94
C VAL C 367 3.66 30.31 21.44
N TRP C 368 2.88 30.99 22.28
CA TRP C 368 1.56 31.43 21.90
C TRP C 368 1.47 32.92 21.59
N GLU C 369 2.62 33.60 21.63
CA GLU C 369 2.66 35.01 21.31
C GLU C 369 2.83 35.07 19.79
N GLU C 370 1.75 35.36 19.10
CA GLU C 370 1.79 35.41 17.64
C GLU C 370 2.80 36.40 17.08
N ALA C 371 3.11 37.45 17.83
CA ALA C 371 4.08 38.43 17.37
C ALA C 371 5.49 37.83 17.33
N ARG C 372 5.65 36.65 17.94
CA ARG C 372 6.95 35.98 17.96
C ARG C 372 7.02 34.82 16.99
N TRP C 373 5.88 34.44 16.41
CA TRP C 373 5.87 33.34 15.46
C TRP C 373 6.68 33.65 14.21
N GLN C 374 7.37 32.63 13.70
CA GLN C 374 8.14 32.79 12.49
C GLN C 374 7.07 32.53 11.43
N LYS C 375 6.54 33.62 10.88
CA LYS C 375 5.47 33.58 9.88
C LYS C 375 5.74 32.81 8.60
N ASP C 376 6.98 32.89 8.09
CA ASP C 376 7.31 32.20 6.86
C ASP C 376 7.17 30.69 7.02
N LEU C 377 7.61 30.17 8.16
CA LEU C 377 7.53 28.74 8.42
C LEU C 377 6.10 28.23 8.57
N ARG C 378 5.27 28.96 9.32
CA ARG C 378 3.90 28.50 9.54
C ARG C 378 3.01 28.66 8.32
N GLU C 379 3.24 29.69 7.51
CA GLU C 379 2.44 29.89 6.31
C GLU C 379 2.72 28.74 5.34
N THR C 380 4.00 28.34 5.26
CA THR C 380 4.41 27.25 4.37
C THR C 380 3.80 25.91 4.80
N VAL C 381 3.87 25.58 6.10
CA VAL C 381 3.29 24.32 6.57
C VAL C 381 1.80 24.28 6.27
N LYS C 382 1.10 25.36 6.57
CA LYS C 382 -0.34 25.46 6.33
C LYS C 382 -0.63 25.33 4.83
N ARG C 383 0.15 26.02 4.01
CA ARG C 383 -0.02 26.00 2.57
C ARG C 383 0.17 24.59 1.97
N LEU C 384 1.30 23.95 2.29
CA LEU C 384 1.56 22.63 1.76
C LEU C 384 0.68 21.55 2.34
N ALA C 385 0.24 21.71 3.58
CA ALA C 385 -0.65 20.72 4.17
C ALA C 385 -1.98 20.76 3.42
N ARG C 386 -2.42 21.96 3.08
CA ARG C 386 -3.69 22.16 2.37
C ARG C 386 -3.59 21.62 0.94
N LEU C 387 -2.43 21.81 0.33
CA LEU C 387 -2.22 21.33 -1.03
C LEU C 387 -2.26 19.82 -1.04
N ARG C 388 -1.71 19.21 0.00
CA ARG C 388 -1.68 17.77 0.09
C ARG C 388 -3.08 17.24 0.33
N LYS C 389 -3.90 18.00 1.06
CA LYS C 389 -5.26 17.57 1.31
C LYS C 389 -6.11 17.67 0.04
N GLU C 390 -5.87 18.71 -0.74
CA GLU C 390 -6.61 18.94 -1.97
C GLU C 390 -6.13 18.09 -3.17
N HIS C 391 -4.89 17.62 -3.14
CA HIS C 391 -4.35 16.82 -4.25
C HIS C 391 -3.89 15.44 -3.80
N PRO C 392 -4.83 14.47 -3.72
CA PRO C 392 -4.58 13.09 -3.29
C PRO C 392 -3.44 12.30 -3.93
N ALA C 393 -3.00 12.70 -5.13
CA ALA C 393 -1.92 11.98 -5.78
C ALA C 393 -0.63 12.16 -4.98
N LEU C 394 -0.55 13.26 -4.23
CA LEU C 394 0.63 13.52 -3.40
C LEU C 394 0.82 12.45 -2.34
N ARG C 395 -0.25 11.73 -2.02
CA ARG C 395 -0.09 10.67 -1.03
C ARG C 395 -0.24 9.26 -1.60
N THR C 396 -0.86 9.13 -2.76
CA THR C 396 -1.05 7.80 -3.34
C THR C 396 -0.16 7.46 -4.54
N ALA C 397 0.30 8.48 -5.25
CA ALA C 397 1.12 8.26 -6.44
C ALA C 397 2.54 7.80 -6.17
N PRO C 398 3.16 7.17 -7.17
CA PRO C 398 4.54 6.69 -7.01
C PRO C 398 5.45 7.91 -7.06
N TYR C 399 6.73 7.67 -6.81
CA TYR C 399 7.75 8.70 -6.82
C TYR C 399 8.58 8.44 -8.06
N LEU C 400 8.83 9.48 -8.86
CA LEU C 400 9.63 9.30 -10.08
C LEU C 400 10.65 10.42 -10.22
N ARG C 401 11.94 10.09 -10.19
CA ARG C 401 12.99 11.09 -10.32
C ARG C 401 13.06 11.62 -11.75
N ILE C 402 13.11 12.93 -11.91
CA ILE C 402 13.16 13.56 -13.23
C ILE C 402 14.46 14.31 -13.49
N TYR C 403 15.00 14.97 -12.47
CA TYR C 403 16.23 15.72 -12.61
C TYR C 403 16.99 15.71 -11.29
N ALA C 404 18.31 15.58 -11.35
CA ALA C 404 19.12 15.57 -10.14
C ALA C 404 20.55 16.00 -10.44
N GLN C 405 20.88 17.22 -10.01
CA GLN C 405 22.21 17.81 -10.20
C GLN C 405 22.41 18.84 -9.08
N ASP C 406 23.56 18.79 -8.41
CA ASP C 406 23.82 19.75 -7.34
C ASP C 406 22.73 19.61 -6.29
N GLY C 407 22.16 20.73 -5.88
CA GLY C 407 21.10 20.73 -4.90
C GLY C 407 19.81 21.04 -5.65
N HIS C 408 19.76 20.59 -6.90
CA HIS C 408 18.60 20.79 -7.75
C HIS C 408 17.95 19.44 -7.96
N LEU C 409 16.70 19.32 -7.54
CA LEU C 409 15.98 18.07 -7.68
C LEU C 409 14.58 18.26 -8.23
N ALA C 410 14.15 17.30 -9.04
CA ALA C 410 12.80 17.33 -9.60
C ALA C 410 12.26 15.91 -9.64
N PHE C 411 11.06 15.73 -9.14
CA PHE C 411 10.44 14.41 -9.16
C PHE C 411 8.96 14.53 -9.45
N ALA C 412 8.40 13.43 -9.96
CA ALA C 412 6.99 13.40 -10.31
C ALA C 412 6.20 12.59 -9.32
N ARG C 413 4.97 13.03 -9.08
CA ARG C 413 4.05 12.33 -8.21
C ARG C 413 2.76 12.35 -9.02
N GLY C 414 2.64 11.39 -9.93
CA GLY C 414 1.45 11.34 -10.76
C GLY C 414 1.48 12.50 -11.74
N PRO C 415 0.44 13.35 -11.76
CA PRO C 415 0.39 14.49 -12.68
C PRO C 415 1.19 15.71 -12.19
N TYR C 416 1.75 15.60 -10.99
CA TYR C 416 2.53 16.68 -10.39
C TYR C 416 4.03 16.55 -10.55
N LEU C 417 4.68 17.66 -10.87
CA LEU C 417 6.12 17.69 -10.98
C LEU C 417 6.64 18.64 -9.90
N ALA C 418 7.29 18.08 -8.89
CA ALA C 418 7.86 18.88 -7.82
C ALA C 418 9.26 19.28 -8.23
N VAL C 419 9.60 20.55 -8.05
CA VAL C 419 10.92 21.05 -8.37
C VAL C 419 11.44 21.65 -7.08
N VAL C 420 12.56 21.11 -6.61
CA VAL C 420 13.17 21.55 -5.35
C VAL C 420 14.54 22.14 -5.57
N ASN C 421 14.68 23.44 -5.30
CA ASN C 421 15.95 24.13 -5.45
C ASN C 421 16.59 24.30 -4.08
N ALA C 422 17.29 23.26 -3.63
CA ALA C 422 17.96 23.27 -2.34
C ALA C 422 19.35 23.91 -2.42
N SER C 423 19.43 25.11 -2.95
CA SER C 423 20.72 25.77 -3.06
C SER C 423 20.58 27.28 -2.93
N PRO C 424 21.69 27.98 -2.65
CA PRO C 424 21.71 29.43 -2.48
C PRO C 424 21.38 30.21 -3.76
N HIS C 425 21.74 29.64 -4.91
CA HIS C 425 21.52 30.32 -6.18
C HIS C 425 20.32 29.81 -7.00
N PRO C 426 19.65 30.72 -7.72
CA PRO C 426 18.49 30.41 -8.55
C PRO C 426 18.68 29.15 -9.39
N PHE C 427 17.57 28.57 -9.82
CA PHE C 427 17.61 27.36 -10.62
C PHE C 427 16.65 27.51 -11.78
N ARG C 428 17.18 27.56 -12.99
CA ARG C 428 16.36 27.69 -14.17
C ARG C 428 15.57 26.40 -14.34
N GLN C 429 14.27 26.53 -14.55
CA GLN C 429 13.39 25.38 -14.73
C GLN C 429 13.25 25.17 -16.23
N ASP C 430 14.31 24.67 -16.83
CA ASP C 430 14.35 24.43 -18.26
C ASP C 430 14.86 23.03 -18.61
N PHE C 431 14.92 22.14 -17.62
CA PHE C 431 15.39 20.78 -17.84
C PHE C 431 14.38 19.87 -18.57
N PRO C 432 14.86 18.76 -19.14
CA PRO C 432 13.99 17.82 -19.86
C PRO C 432 13.00 17.13 -18.93
N LEU C 433 11.73 17.11 -19.32
CA LEU C 433 10.65 16.53 -18.54
C LEU C 433 10.52 15.01 -18.58
N HIS C 434 11.33 14.37 -19.41
CA HIS C 434 11.28 12.91 -19.54
C HIS C 434 9.87 12.36 -19.67
N GLY C 435 9.04 13.06 -20.46
CA GLY C 435 7.69 12.63 -20.73
C GLY C 435 6.63 12.68 -19.63
N VAL C 436 6.86 13.41 -18.56
CA VAL C 436 5.87 13.48 -17.49
C VAL C 436 4.65 14.28 -17.95
N PHE C 437 4.87 15.19 -18.90
CA PHE C 437 3.79 15.99 -19.46
C PHE C 437 3.76 15.77 -20.97
N PRO C 438 2.59 15.92 -21.60
CA PRO C 438 2.44 15.73 -23.04
C PRO C 438 2.89 17.00 -23.75
N ARG C 439 3.17 16.89 -25.05
CA ARG C 439 3.59 18.06 -25.82
C ARG C 439 2.36 18.90 -26.16
N GLY C 440 2.58 20.18 -26.43
CA GLY C 440 1.48 21.05 -26.83
C GLY C 440 0.61 21.76 -25.81
N GLY C 441 0.48 21.23 -24.61
CA GLY C 441 -0.37 21.90 -23.63
C GLY C 441 0.33 23.03 -22.91
N ARG C 442 -0.26 23.46 -21.80
CA ARG C 442 0.32 24.52 -20.99
C ARG C 442 0.55 23.90 -19.62
N ALA C 443 1.50 24.44 -18.87
CA ALA C 443 1.76 23.92 -17.53
C ALA C 443 1.58 25.06 -16.54
N VAL C 444 1.05 24.74 -15.37
CA VAL C 444 0.83 25.73 -14.33
C VAL C 444 1.47 25.28 -13.02
N ASP C 445 2.08 26.24 -12.32
CA ASP C 445 2.72 25.97 -11.04
C ASP C 445 1.72 26.28 -9.92
N LEU C 446 1.21 25.25 -9.28
CA LEU C 446 0.23 25.42 -8.22
C LEU C 446 0.69 26.27 -7.04
N LEU C 447 2.01 26.44 -6.88
CA LEU C 447 2.53 27.25 -5.77
C LEU C 447 2.62 28.75 -6.08
N SER C 448 3.21 29.11 -7.22
CA SER C 448 3.35 30.51 -7.58
C SER C 448 2.26 31.00 -8.52
N GLY C 449 1.63 30.08 -9.23
CA GLY C 449 0.58 30.45 -10.17
C GLY C 449 1.17 30.76 -11.54
N GLU C 450 2.48 30.58 -11.65
CA GLU C 450 3.16 30.84 -12.90
C GLU C 450 2.61 29.89 -13.98
N VAL C 451 2.50 30.39 -15.19
CA VAL C 451 1.98 29.58 -16.30
C VAL C 451 2.89 29.67 -17.50
N CYS C 452 3.10 28.54 -18.16
CA CYS C 452 3.92 28.53 -19.36
C CYS C 452 3.60 27.36 -20.28
N THR C 453 4.20 27.36 -21.46
CA THR C 453 3.96 26.30 -22.44
C THR C 453 5.26 25.59 -22.78
N PRO C 454 5.40 24.34 -22.31
CA PRO C 454 6.60 23.54 -22.56
C PRO C 454 6.88 23.38 -24.05
N GLN C 455 8.15 23.29 -24.40
CA GLN C 455 8.55 23.09 -25.78
C GLN C 455 9.76 22.18 -25.77
N GLY C 456 9.88 21.32 -26.79
CA GLY C 456 11.00 20.40 -26.87
C GLY C 456 11.08 19.39 -25.73
N GLY C 457 9.95 19.16 -25.06
CA GLY C 457 9.94 18.22 -23.96
C GLY C 457 10.65 18.74 -22.72
N ARG C 458 10.85 20.05 -22.64
CA ARG C 458 11.53 20.68 -21.51
C ARG C 458 10.61 21.59 -20.71
N LEU C 459 10.88 21.70 -19.40
CA LEU C 459 10.06 22.57 -18.55
C LEU C 459 10.26 23.99 -19.05
N CYS C 460 9.25 24.82 -18.83
CA CYS C 460 9.26 26.21 -19.32
C CYS C 460 9.15 27.33 -18.27
N GLY C 461 9.32 27.01 -17.00
CA GLY C 461 9.17 28.02 -15.97
C GLY C 461 10.32 28.98 -15.77
N PRO C 462 10.09 30.07 -15.03
CA PRO C 462 11.13 31.07 -14.75
C PRO C 462 12.08 30.49 -13.70
N VAL C 463 13.10 31.24 -13.31
CA VAL C 463 14.03 30.71 -12.31
C VAL C 463 13.29 30.38 -11.02
N LEU C 464 13.73 29.32 -10.36
CA LEU C 464 13.14 28.93 -9.09
C LEU C 464 14.05 29.65 -8.11
N PRO C 465 13.51 30.60 -7.34
CA PRO C 465 14.37 31.32 -6.38
C PRO C 465 15.07 30.42 -5.36
N PRO C 466 16.17 30.92 -4.77
CA PRO C 466 16.93 30.16 -3.77
C PRO C 466 16.05 29.44 -2.74
N PHE C 467 16.38 28.20 -2.44
CA PHE C 467 15.64 27.40 -1.47
C PHE C 467 14.13 27.48 -1.63
N SER C 468 13.69 27.41 -2.89
CA SER C 468 12.28 27.48 -3.17
C SER C 468 11.77 26.19 -3.77
N LEU C 469 10.46 26.08 -3.83
CA LEU C 469 9.79 24.89 -4.32
C LEU C 469 8.75 25.27 -5.36
N ALA C 470 8.50 24.36 -6.30
CA ALA C 470 7.48 24.59 -7.34
C ALA C 470 6.76 23.28 -7.55
N LEU C 471 5.47 23.35 -7.88
CA LEU C 471 4.71 22.14 -8.11
C LEU C 471 3.91 22.34 -9.38
N TRP C 472 4.42 21.78 -10.48
CA TRP C 472 3.79 21.93 -11.78
C TRP C 472 2.81 20.82 -12.19
N ARG C 473 1.86 21.18 -13.03
CA ARG C 473 0.87 20.24 -13.54
C ARG C 473 0.35 20.77 -14.88
N GLU C 474 -0.12 19.88 -15.74
CA GLU C 474 -0.67 20.30 -17.03
C GLU C 474 -1.93 21.10 -16.75
N ALA C 475 -2.06 22.28 -17.38
CA ALA C 475 -3.22 23.13 -17.17
C ALA C 475 -4.53 22.37 -17.40
N ALA D 2 21.18 -4.59 -1.91
CA ALA D 2 20.32 -5.64 -2.53
C ALA D 2 20.88 -7.04 -2.26
N TRP D 3 21.38 -7.69 -3.30
CA TRP D 3 21.93 -9.03 -3.19
C TRP D 3 23.14 -9.16 -2.25
N TYR D 4 23.99 -8.14 -2.21
CA TYR D 4 25.18 -8.20 -1.36
C TYR D 4 24.93 -8.04 0.14
N GLU D 5 23.70 -8.29 0.57
CA GLU D 5 23.40 -8.19 1.99
C GLU D 5 23.09 -9.57 2.57
N GLY D 6 24.10 -10.21 3.16
CA GLY D 6 23.92 -11.52 3.75
C GLY D 6 24.30 -12.67 2.83
N ALA D 7 24.80 -12.35 1.65
CA ALA D 7 25.20 -13.37 0.68
C ALA D 7 26.48 -14.11 1.08
N PHE D 8 26.53 -15.38 0.69
CA PHE D 8 27.67 -16.27 0.97
C PHE D 8 28.70 -16.13 -0.16
N PHE D 9 29.83 -15.50 0.18
CA PHE D 9 30.92 -15.26 -0.78
C PHE D 9 31.97 -16.35 -0.75
N TYR D 10 32.54 -16.65 -1.91
CA TYR D 10 33.59 -17.65 -2.01
C TYR D 10 34.74 -16.98 -2.77
N GLN D 11 35.91 -16.93 -2.16
CA GLN D 11 37.07 -16.29 -2.77
C GLN D 11 37.95 -17.29 -3.51
N ILE D 12 38.22 -16.99 -4.76
CA ILE D 12 39.05 -17.84 -5.59
C ILE D 12 40.29 -17.11 -6.11
N PHE D 13 41.42 -17.81 -6.04
CA PHE D 13 42.71 -17.32 -6.52
C PHE D 13 42.81 -18.09 -7.85
N PRO D 14 42.44 -17.43 -8.97
CA PRO D 14 42.42 -17.96 -10.35
C PRO D 14 43.46 -19.01 -10.75
N ASP D 15 44.73 -18.74 -10.47
CA ASP D 15 45.79 -19.69 -10.83
C ASP D 15 45.76 -21.00 -10.06
N ARG D 16 45.05 -21.05 -8.94
CA ARG D 16 45.03 -22.24 -8.10
C ARG D 16 43.68 -22.96 -7.91
N PHE D 17 42.69 -22.68 -8.75
CA PHE D 17 41.41 -23.35 -8.58
C PHE D 17 41.25 -24.61 -9.44
N PHE D 18 41.20 -24.43 -10.76
CA PHE D 18 41.06 -25.56 -11.66
C PHE D 18 41.54 -25.21 -13.04
N ARG D 19 42.36 -26.07 -13.61
CA ARG D 19 42.92 -25.86 -14.94
C ARG D 19 42.10 -26.54 -16.03
N ALA D 20 41.73 -25.80 -17.08
CA ALA D 20 40.96 -26.33 -18.19
C ALA D 20 40.75 -25.29 -19.29
N GLY D 21 40.29 -25.74 -20.45
CA GLY D 21 40.01 -24.83 -21.53
C GLY D 21 41.25 -24.29 -22.20
N PRO D 22 41.08 -23.59 -23.35
CA PRO D 22 42.17 -23.00 -24.12
C PRO D 22 42.68 -21.69 -23.54
N PRO D 23 43.95 -21.37 -23.80
CA PRO D 23 44.53 -20.12 -23.28
C PRO D 23 44.20 -19.01 -24.25
N GLY D 24 44.32 -17.77 -23.79
CA GLY D 24 44.08 -16.66 -24.68
C GLY D 24 45.37 -16.41 -25.45
N ARG D 25 45.45 -15.26 -26.10
CA ARG D 25 46.62 -14.89 -26.88
C ARG D 25 47.25 -13.63 -26.25
N PRO D 26 48.58 -13.59 -26.11
CA PRO D 26 49.63 -14.55 -26.47
C PRO D 26 49.55 -15.79 -25.62
N ALA D 27 49.50 -16.95 -26.28
CA ALA D 27 49.41 -18.21 -25.57
C ALA D 27 50.76 -18.56 -24.95
N PRO D 28 50.74 -19.14 -23.75
CA PRO D 28 52.03 -19.49 -23.15
C PRO D 28 52.67 -20.64 -23.92
N ALA D 29 53.98 -20.75 -23.80
CA ALA D 29 54.74 -21.81 -24.43
C ALA D 29 55.74 -22.21 -23.37
N GLY D 30 55.46 -23.33 -22.72
CA GLY D 30 56.33 -23.80 -21.66
C GLY D 30 55.46 -24.48 -20.61
N PRO D 31 55.95 -25.56 -19.99
CA PRO D 31 55.18 -26.27 -18.95
C PRO D 31 54.84 -25.42 -17.73
N PHE D 32 53.75 -25.79 -17.07
CA PHE D 32 53.30 -25.11 -15.86
C PHE D 32 53.84 -25.85 -14.64
N GLU D 33 53.90 -25.17 -13.52
CA GLU D 33 54.36 -25.79 -12.29
C GLU D 33 53.35 -26.91 -12.00
N PRO D 34 53.82 -28.11 -11.63
CA PRO D 34 52.87 -29.18 -11.35
C PRO D 34 51.85 -28.79 -10.27
N TRP D 35 50.60 -29.19 -10.49
CA TRP D 35 49.52 -28.85 -9.59
C TRP D 35 49.74 -29.14 -8.11
N GLU D 36 50.34 -30.29 -7.81
CA GLU D 36 50.55 -30.67 -6.42
C GLU D 36 51.94 -30.38 -5.87
N ALA D 37 52.71 -29.58 -6.60
CA ALA D 37 54.03 -29.19 -6.12
C ALA D 37 53.77 -28.03 -5.17
N PRO D 38 54.64 -27.85 -4.17
CA PRO D 38 54.43 -26.73 -3.23
C PRO D 38 54.38 -25.39 -3.96
N PRO D 39 53.46 -24.50 -3.56
CA PRO D 39 53.34 -23.19 -4.20
C PRO D 39 54.63 -22.38 -4.03
N THR D 40 55.00 -21.62 -5.06
CA THR D 40 56.22 -20.81 -4.99
C THR D 40 55.90 -19.34 -5.25
N LEU D 41 56.92 -18.50 -5.05
CA LEU D 41 56.78 -17.06 -5.25
C LEU D 41 56.44 -16.67 -6.69
N ARG D 42 56.96 -17.40 -7.67
CA ARG D 42 56.73 -17.05 -9.07
C ARG D 42 56.12 -18.16 -9.95
N GLY D 43 55.94 -19.35 -9.40
CA GLY D 43 55.38 -20.44 -10.19
C GLY D 43 53.93 -20.27 -10.57
N PHE D 44 53.58 -20.74 -11.76
CA PHE D 44 52.21 -20.68 -12.27
C PHE D 44 51.72 -22.10 -12.40
N LYS D 45 50.57 -22.41 -11.80
CA LYS D 45 50.01 -23.75 -11.92
C LYS D 45 49.07 -23.82 -13.13
N GLY D 46 48.67 -22.67 -13.64
CA GLY D 46 47.82 -22.67 -14.83
C GLY D 46 46.30 -22.73 -14.69
N GLY D 47 45.78 -22.39 -13.51
CA GLY D 47 44.34 -22.39 -13.33
C GLY D 47 43.77 -21.37 -14.30
N THR D 48 42.57 -21.61 -14.80
CA THR D 48 41.92 -20.72 -15.76
C THR D 48 40.52 -20.34 -15.33
N LEU D 49 39.93 -19.35 -15.99
CA LEU D 49 38.57 -18.96 -15.65
C LEU D 49 37.60 -20.00 -16.25
N TRP D 50 38.04 -20.70 -17.30
CA TRP D 50 37.23 -21.76 -17.91
C TRP D 50 37.06 -22.80 -16.82
N GLY D 51 38.17 -23.10 -16.15
CA GLY D 51 38.16 -24.08 -15.08
C GLY D 51 37.23 -23.68 -13.95
N VAL D 52 37.17 -22.38 -13.65
CA VAL D 52 36.27 -21.91 -12.60
C VAL D 52 34.82 -22.17 -13.04
N ALA D 53 34.52 -21.90 -14.30
CA ALA D 53 33.16 -22.11 -14.81
C ALA D 53 32.78 -23.60 -14.80
N GLU D 54 33.78 -24.47 -14.94
CA GLU D 54 33.53 -25.91 -14.94
C GLU D 54 33.25 -26.46 -13.53
N LYS D 55 33.74 -25.76 -12.52
CA LYS D 55 33.54 -26.18 -11.14
C LYS D 55 32.37 -25.48 -10.47
N LEU D 56 31.57 -24.78 -11.26
CA LEU D 56 30.39 -24.10 -10.75
C LEU D 56 29.46 -25.08 -10.04
N PRO D 57 29.19 -26.25 -10.64
CA PRO D 57 28.30 -27.17 -9.93
C PRO D 57 28.80 -27.47 -8.51
N TYR D 58 30.12 -27.51 -8.35
CA TYR D 58 30.70 -27.74 -7.04
C TYR D 58 30.38 -26.56 -6.11
N LEU D 59 30.47 -25.35 -6.65
CA LEU D 59 30.20 -24.14 -5.88
C LEU D 59 28.70 -24.01 -5.58
N LEU D 60 27.87 -24.39 -6.55
CA LEU D 60 26.43 -24.34 -6.37
C LEU D 60 26.03 -25.30 -5.27
N ASP D 61 26.63 -26.49 -5.30
CA ASP D 61 26.35 -27.52 -4.31
C ASP D 61 26.71 -27.05 -2.90
N LEU D 62 27.78 -26.27 -2.80
CA LEU D 62 28.23 -25.76 -1.52
C LEU D 62 27.30 -24.66 -1.01
N GLY D 63 26.58 -24.02 -1.93
CA GLY D 63 25.65 -22.95 -1.56
C GLY D 63 26.16 -21.54 -1.87
N VAL D 64 27.27 -21.44 -2.60
CA VAL D 64 27.88 -20.16 -2.95
C VAL D 64 26.91 -19.24 -3.71
N GLU D 65 26.89 -17.96 -3.34
CA GLU D 65 26.00 -17.00 -3.97
C GLU D 65 26.77 -15.93 -4.72
N ALA D 66 28.06 -15.83 -4.44
CA ALA D 66 28.90 -14.85 -5.10
C ALA D 66 30.36 -15.30 -5.06
N ILE D 67 31.06 -15.06 -6.17
CA ILE D 67 32.46 -15.39 -6.28
C ILE D 67 33.29 -14.12 -6.25
N TYR D 68 34.24 -14.04 -5.33
CA TYR D 68 35.13 -12.91 -5.25
C TYR D 68 36.41 -13.44 -5.87
N LEU D 69 36.78 -12.88 -7.02
CA LEU D 69 37.99 -13.32 -7.71
C LEU D 69 39.17 -12.39 -7.45
N ASN D 70 40.35 -12.99 -7.28
CA ASN D 70 41.55 -12.22 -7.11
C ASN D 70 41.80 -11.67 -8.53
N PRO D 71 42.74 -10.73 -8.71
CA PRO D 71 42.98 -10.16 -10.05
C PRO D 71 43.02 -11.14 -11.23
N VAL D 72 42.31 -10.78 -12.29
CA VAL D 72 42.25 -11.60 -13.50
C VAL D 72 42.84 -10.89 -14.73
N PHE D 73 43.26 -9.63 -14.58
CA PHE D 73 43.81 -8.92 -15.74
C PHE D 73 45.25 -9.35 -16.05
N ALA D 74 45.67 -9.11 -17.29
CA ALA D 74 47.01 -9.48 -17.73
C ALA D 74 48.05 -8.99 -16.73
N SER D 75 48.86 -9.92 -16.26
CA SER D 75 49.89 -9.63 -15.28
C SER D 75 51.07 -10.57 -15.44
N THR D 76 52.22 -10.16 -14.91
CA THR D 76 53.42 -10.98 -14.98
C THR D 76 53.54 -11.81 -13.69
N ALA D 77 52.66 -11.55 -12.73
CA ALA D 77 52.70 -12.27 -11.45
C ALA D 77 51.60 -13.33 -11.34
N ASN D 78 51.93 -14.46 -10.72
CA ASN D 78 50.96 -15.54 -10.56
C ASN D 78 49.76 -15.11 -9.72
N HIS D 79 49.95 -14.16 -8.82
CA HIS D 79 48.86 -13.66 -7.99
C HIS D 79 48.13 -12.53 -8.72
N ARG D 80 48.75 -12.08 -9.80
CA ARG D 80 48.25 -11.03 -10.70
C ARG D 80 48.05 -9.62 -10.14
N TYR D 81 48.74 -9.28 -9.04
CA TYR D 81 48.61 -7.95 -8.47
C TYR D 81 49.59 -6.96 -9.13
N HIS D 82 50.35 -7.44 -10.12
CA HIS D 82 51.31 -6.61 -10.87
C HIS D 82 50.71 -6.45 -12.26
N THR D 83 49.73 -5.55 -12.37
CA THR D 83 49.00 -5.34 -13.61
C THR D 83 49.75 -4.81 -14.81
N VAL D 84 49.55 -5.49 -15.94
CA VAL D 84 50.18 -5.13 -17.21
C VAL D 84 49.16 -4.47 -18.14
N ASP D 85 47.89 -4.88 -18.06
CA ASP D 85 46.83 -4.30 -18.90
C ASP D 85 45.47 -4.53 -18.25
N TYR D 86 44.85 -3.44 -17.79
CA TYR D 86 43.55 -3.50 -17.12
C TYR D 86 42.36 -3.79 -18.04
N PHE D 87 42.58 -3.73 -19.36
CA PHE D 87 41.49 -3.98 -20.30
C PHE D 87 41.50 -5.38 -20.93
N GLN D 88 42.37 -6.25 -20.43
CA GLN D 88 42.46 -7.60 -20.95
C GLN D 88 42.58 -8.62 -19.84
N VAL D 89 41.74 -9.65 -19.87
CA VAL D 89 41.84 -10.71 -18.90
C VAL D 89 43.10 -11.48 -19.30
N ASP D 90 43.87 -11.92 -18.32
CA ASP D 90 45.12 -12.62 -18.57
C ASP D 90 44.99 -13.77 -19.57
N PRO D 91 45.92 -13.88 -20.52
CA PRO D 91 45.94 -14.93 -21.54
C PRO D 91 45.91 -16.33 -20.91
N ILE D 92 46.69 -16.54 -19.85
CA ILE D 92 46.75 -17.84 -19.18
C ILE D 92 45.38 -18.22 -18.63
N LEU D 93 44.64 -17.23 -18.16
CA LEU D 93 43.31 -17.47 -17.60
C LEU D 93 42.28 -17.76 -18.69
N GLY D 94 42.66 -17.52 -19.95
CA GLY D 94 41.74 -17.77 -21.04
C GLY D 94 41.31 -16.52 -21.79
N GLY D 95 41.74 -15.35 -21.32
CA GLY D 95 41.39 -14.13 -22.00
C GLY D 95 39.96 -13.70 -21.73
N ASN D 96 39.54 -12.61 -22.38
CA ASN D 96 38.21 -12.06 -22.20
C ASN D 96 37.06 -13.07 -22.33
N GLU D 97 37.16 -13.98 -23.29
CA GLU D 97 36.13 -14.97 -23.51
C GLU D 97 35.92 -15.89 -22.32
N ALA D 98 37.01 -16.22 -21.63
CA ALA D 98 36.90 -17.07 -20.45
C ALA D 98 36.09 -16.38 -19.35
N LEU D 99 36.32 -15.08 -19.15
CA LEU D 99 35.58 -14.35 -18.12
C LEU D 99 34.13 -14.20 -18.57
N ARG D 100 33.94 -13.84 -19.83
CA ARG D 100 32.60 -13.70 -20.42
C ARG D 100 31.80 -14.96 -20.10
N HIS D 101 32.37 -16.13 -20.44
CA HIS D 101 31.73 -17.41 -20.20
C HIS D 101 31.41 -17.68 -18.72
N LEU D 102 32.31 -17.26 -17.83
CA LEU D 102 32.09 -17.46 -16.41
C LEU D 102 30.89 -16.64 -15.92
N LEU D 103 30.79 -15.40 -16.38
CA LEU D 103 29.68 -14.56 -15.95
C LEU D 103 28.36 -15.14 -16.49
N GLU D 104 28.33 -15.53 -17.76
CA GLU D 104 27.12 -16.09 -18.35
C GLU D 104 26.62 -17.27 -17.54
N VAL D 105 27.48 -18.27 -17.35
CA VAL D 105 27.10 -19.45 -16.59
C VAL D 105 26.80 -19.16 -15.12
N ALA D 106 27.57 -18.28 -14.49
CA ALA D 106 27.33 -17.94 -13.08
C ALA D 106 25.97 -17.25 -12.92
N HIS D 107 25.73 -16.25 -13.77
CA HIS D 107 24.49 -15.49 -13.74
C HIS D 107 23.28 -16.37 -14.05
N ALA D 108 23.44 -17.29 -14.99
CA ALA D 108 22.35 -18.19 -15.34
C ALA D 108 21.95 -18.99 -14.11
N HIS D 109 22.85 -19.11 -13.15
CA HIS D 109 22.56 -19.87 -11.94
C HIS D 109 22.41 -19.03 -10.68
N GLY D 110 22.24 -17.72 -10.86
CA GLY D 110 22.05 -16.84 -9.73
C GLY D 110 23.28 -16.48 -8.90
N VAL D 111 24.46 -16.74 -9.45
CA VAL D 111 25.71 -16.43 -8.74
C VAL D 111 26.33 -15.13 -9.29
N ARG D 112 26.72 -14.24 -8.37
CA ARG D 112 27.34 -12.97 -8.74
C ARG D 112 28.85 -13.13 -8.76
N VAL D 113 29.54 -12.23 -9.45
CA VAL D 113 30.99 -12.29 -9.54
C VAL D 113 31.57 -10.88 -9.42
N ILE D 114 32.50 -10.69 -8.49
CA ILE D 114 33.14 -9.39 -8.34
C ILE D 114 34.63 -9.58 -8.56
N LEU D 115 35.27 -8.54 -9.09
CA LEU D 115 36.69 -8.59 -9.38
C LEU D 115 37.50 -7.77 -8.40
N ASP D 116 38.81 -8.02 -8.42
CA ASP D 116 39.75 -7.33 -7.57
C ASP D 116 40.26 -6.13 -8.36
N GLY D 117 40.27 -4.96 -7.72
CA GLY D 117 40.75 -3.77 -8.41
C GLY D 117 42.03 -3.26 -7.79
N VAL D 118 43.11 -3.27 -8.57
CA VAL D 118 44.41 -2.82 -8.08
C VAL D 118 44.69 -1.51 -8.79
N PHE D 119 44.17 -0.43 -8.24
CA PHE D 119 44.30 0.87 -8.88
C PHE D 119 45.36 1.81 -8.34
N ASN D 120 46.05 1.39 -7.27
CA ASN D 120 47.08 2.23 -6.69
C ASN D 120 48.41 2.14 -7.42
N HIS D 121 48.66 0.98 -8.03
CA HIS D 121 49.92 0.75 -8.72
C HIS D 121 49.79 -0.32 -9.81
N THR D 122 50.74 -0.31 -10.72
CA THR D 122 50.78 -1.28 -11.80
C THR D 122 52.04 -2.13 -11.65
N GLY D 123 52.25 -3.02 -12.61
CA GLY D 123 53.46 -3.80 -12.62
C GLY D 123 54.43 -3.00 -13.48
N ARG D 124 55.67 -3.43 -13.57
CA ARG D 124 56.66 -2.75 -14.39
C ARG D 124 56.38 -2.99 -15.88
N GLY D 125 55.58 -4.01 -16.18
CA GLY D 125 55.26 -4.32 -17.56
C GLY D 125 54.15 -3.48 -18.17
N PHE D 126 53.51 -2.64 -17.36
CA PHE D 126 52.42 -1.78 -17.83
C PHE D 126 52.99 -0.87 -18.93
N PHE D 127 52.20 -0.60 -19.95
CA PHE D 127 52.63 0.23 -21.08
C PHE D 127 53.28 1.56 -20.69
N ALA D 128 52.62 2.30 -19.79
CA ALA D 128 53.14 3.59 -19.36
C ALA D 128 54.50 3.47 -18.68
N PHE D 129 54.67 2.48 -17.81
CA PHE D 129 55.95 2.32 -17.12
C PHE D 129 57.05 2.01 -18.12
N GLN D 130 56.81 1.01 -18.96
CA GLN D 130 57.76 0.61 -20.00
C GLN D 130 58.18 1.81 -20.87
N HIS D 131 57.22 2.71 -21.11
CA HIS D 131 57.48 3.89 -21.93
C HIS D 131 58.48 4.78 -21.19
N LEU D 132 58.40 4.80 -19.86
CA LEU D 132 59.33 5.59 -19.05
C LEU D 132 60.70 4.94 -19.07
N GLU D 134 62.05 2.98 -21.39
CA GLU D 134 62.72 3.08 -22.67
C GLU D 134 63.07 4.51 -23.10
N ASN D 135 62.32 5.50 -22.62
CA ASN D 135 62.55 6.88 -23.05
C ASN D 135 62.95 7.90 -21.97
N GLY D 136 62.82 7.53 -20.70
CA GLY D 136 63.19 8.43 -19.63
C GLY D 136 62.42 9.73 -19.64
N GLU D 137 63.15 10.83 -19.46
CA GLU D 137 62.61 12.19 -19.43
C GLU D 137 61.78 12.53 -20.65
N GLN D 138 62.15 11.96 -21.79
CA GLN D 138 61.44 12.23 -23.04
C GLN D 138 60.15 11.45 -23.23
N SER D 139 59.75 10.69 -22.23
CA SER D 139 58.53 9.92 -22.33
C SER D 139 57.27 10.73 -22.04
N PRO D 140 56.32 10.74 -22.98
CA PRO D 140 55.07 11.47 -22.80
C PRO D 140 54.11 10.78 -21.80
N TYR D 141 54.63 9.80 -21.06
CA TYR D 141 53.84 9.09 -20.05
C TYR D 141 54.49 9.32 -18.68
N ARG D 142 55.46 10.24 -18.67
CA ARG D 142 56.20 10.58 -17.46
C ARG D 142 55.35 10.90 -16.25
N ASP D 143 54.26 11.63 -16.44
CA ASP D 143 53.39 12.00 -15.33
C ASP D 143 52.46 10.90 -14.83
N TRP D 144 52.60 9.71 -15.40
CA TRP D 144 51.78 8.60 -14.96
C TRP D 144 52.29 8.05 -13.64
N TYR D 145 53.52 8.41 -13.29
CA TYR D 145 54.13 7.92 -12.05
C TYR D 145 54.81 9.00 -11.20
N HIS D 146 55.23 8.62 -10.00
CA HIS D 146 55.92 9.53 -9.10
C HIS D 146 57.42 9.26 -9.28
N VAL D 147 57.98 9.82 -10.35
CA VAL D 147 59.38 9.64 -10.68
C VAL D 147 60.29 10.57 -9.88
N LYS D 148 61.20 9.98 -9.11
CA LYS D 148 62.13 10.76 -8.31
C LYS D 148 63.20 11.33 -9.23
N GLY D 149 63.81 10.45 -10.03
CA GLY D 149 64.84 10.87 -10.96
C GLY D 149 65.23 9.74 -11.91
N PHE D 150 66.14 10.03 -12.83
CA PHE D 150 66.60 9.04 -13.79
C PHE D 150 68.08 8.76 -13.57
N PRO D 151 68.52 7.52 -13.86
CA PRO D 151 67.71 6.40 -14.37
C PRO D 151 66.77 5.85 -13.29
N LEU D 152 65.75 5.10 -13.71
CA LEU D 152 64.75 4.56 -12.78
C LEU D 152 65.24 3.52 -11.80
N LYS D 153 66.28 2.76 -12.16
CA LYS D 153 66.81 1.73 -11.28
C LYS D 153 65.67 0.80 -10.86
N ALA D 154 64.82 0.45 -11.81
CA ALA D 154 63.66 -0.40 -11.56
C ALA D 154 63.95 -1.80 -11.07
N TYR D 155 65.17 -2.29 -11.25
CA TYR D 155 65.49 -3.65 -10.80
C TYR D 155 66.41 -3.74 -9.59
N THR D 156 66.36 -2.72 -8.75
CA THR D 156 67.15 -2.69 -7.52
C THR D 156 66.17 -2.50 -6.38
N ALA D 157 66.67 -2.58 -5.15
CA ALA D 157 65.83 -2.41 -3.98
C ALA D 157 65.63 -0.93 -3.67
N HIS D 158 66.22 -0.07 -4.50
CA HIS D 158 66.11 1.39 -4.31
C HIS D 158 65.68 2.09 -5.60
N PRO D 159 64.44 1.83 -6.06
CA PRO D 159 63.91 2.44 -7.28
C PRO D 159 63.80 3.96 -7.21
N ASN D 160 63.98 4.61 -8.36
CA ASN D 160 63.88 6.06 -8.43
C ASN D 160 62.46 6.54 -8.67
N TYR D 161 61.49 5.93 -7.99
CA TYR D 161 60.09 6.31 -8.12
C TYR D 161 59.31 5.73 -6.94
N GLU D 162 58.19 6.36 -6.61
CA GLU D 162 57.38 5.86 -5.52
C GLU D 162 56.83 4.49 -5.93
N ALA D 163 56.86 3.55 -4.99
CA ALA D 163 56.40 2.19 -5.22
C ALA D 163 55.72 1.66 -3.96
N TRP D 164 54.79 0.73 -4.12
CA TRP D 164 54.09 0.15 -2.97
C TRP D 164 55.05 -0.52 -1.98
N TRP D 165 55.15 0.04 -0.78
CA TRP D 165 56.02 -0.50 0.26
C TRP D 165 57.49 -0.51 -0.18
N GLY D 166 57.83 0.38 -1.09
CA GLY D 166 59.20 0.47 -1.58
C GLY D 166 59.62 -0.67 -2.48
N ASN D 167 58.68 -1.54 -2.85
CA ASN D 167 58.99 -2.68 -3.73
C ASN D 167 58.99 -2.16 -5.16
N PRO D 168 60.12 -2.30 -5.87
CA PRO D 168 60.25 -1.83 -7.25
C PRO D 168 59.29 -2.48 -8.23
N GLU D 169 58.76 -3.65 -7.88
CA GLU D 169 57.85 -4.37 -8.75
C GLU D 169 56.44 -3.77 -8.85
N LEU D 170 56.14 -2.81 -7.97
CA LEU D 170 54.84 -2.16 -7.95
C LEU D 170 54.88 -0.63 -8.01
N PRO D 171 55.21 -0.07 -9.18
CA PRO D 171 55.29 1.39 -9.40
C PRO D 171 53.96 2.07 -9.03
N LYS D 172 54.01 3.10 -8.21
CA LYS D 172 52.80 3.81 -7.80
C LYS D 172 52.27 4.78 -8.85
N LEU D 173 51.00 4.62 -9.19
CA LEU D 173 50.32 5.46 -10.16
C LEU D 173 50.09 6.88 -9.61
N LYS D 174 50.21 7.87 -10.46
CA LYS D 174 49.99 9.26 -10.08
C LYS D 174 48.53 9.60 -10.40
N VAL D 175 47.63 9.29 -9.47
CA VAL D 175 46.20 9.54 -9.68
C VAL D 175 45.80 10.98 -9.99
N GLU D 176 46.55 11.96 -9.47
CA GLU D 176 46.23 13.37 -9.71
C GLU D 176 46.40 13.77 -11.18
N THR D 177 47.11 12.96 -11.95
CA THR D 177 47.30 13.24 -13.36
C THR D 177 45.98 12.92 -14.04
N PRO D 178 45.42 13.87 -14.82
CA PRO D 178 44.15 13.65 -15.52
C PRO D 178 44.06 12.36 -16.33
N ALA D 179 45.07 12.08 -17.14
CA ALA D 179 45.08 10.89 -17.98
C ALA D 179 44.98 9.60 -17.16
N VAL D 180 45.55 9.60 -15.96
CA VAL D 180 45.51 8.41 -15.10
C VAL D 180 44.13 8.20 -14.47
N ARG D 181 43.59 9.26 -13.87
CA ARG D 181 42.28 9.17 -13.25
C ARG D 181 41.28 8.70 -14.30
N GLU D 182 41.33 9.30 -15.49
CA GLU D 182 40.45 8.96 -16.59
C GLU D 182 40.58 7.48 -16.95
N TYR D 183 41.81 6.99 -16.99
CA TYR D 183 42.06 5.59 -17.32
C TYR D 183 41.42 4.66 -16.27
N LEU D 184 41.70 4.92 -15.00
CA LEU D 184 41.18 4.11 -13.89
C LEU D 184 39.66 4.09 -13.78
N LEU D 185 39.01 5.23 -14.00
CA LEU D 185 37.56 5.28 -13.90
C LEU D 185 36.95 4.55 -15.10
N ALA D 186 37.63 4.59 -16.23
CA ALA D 186 37.15 3.89 -17.41
C ALA D 186 37.29 2.39 -17.15
N VAL D 187 38.28 2.00 -16.35
CA VAL D 187 38.47 0.58 -16.03
C VAL D 187 37.33 0.15 -15.12
N ALA D 188 37.08 0.95 -14.08
CA ALA D 188 36.02 0.66 -13.12
C ALA D 188 34.67 0.46 -13.81
N GLU D 189 34.36 1.34 -14.75
CA GLU D 189 33.10 1.30 -15.50
C GLU D 189 33.04 0.14 -16.51
N HIS D 190 34.08 0.02 -17.32
CA HIS D 190 34.16 -0.99 -18.36
C HIS D 190 33.82 -2.42 -17.94
N TRP D 191 34.39 -2.89 -16.84
CA TRP D 191 34.14 -4.25 -16.42
C TRP D 191 32.74 -4.45 -15.84
N ILE D 192 32.18 -3.38 -15.27
CA ILE D 192 30.84 -3.45 -14.74
C ILE D 192 29.88 -3.59 -15.91
N ARG D 193 30.15 -2.84 -16.98
CA ARG D 193 29.32 -2.89 -18.19
C ARG D 193 29.52 -4.24 -18.88
N PHE D 194 30.70 -4.83 -18.71
CA PHE D 194 31.05 -6.12 -19.30
C PHE D 194 30.24 -7.22 -18.61
N GLY D 195 29.72 -6.94 -17.43
CA GLY D 195 28.92 -7.93 -16.73
C GLY D 195 29.31 -8.27 -15.31
N VAL D 196 30.44 -7.75 -14.85
CA VAL D 196 30.92 -7.99 -13.50
C VAL D 196 29.99 -7.31 -12.47
N ASP D 197 29.76 -7.98 -11.33
CA ASP D 197 28.85 -7.45 -10.31
C ASP D 197 29.43 -6.62 -9.16
N GLY D 198 30.73 -6.34 -9.20
CA GLY D 198 31.30 -5.55 -8.14
C GLY D 198 32.81 -5.44 -8.17
N TRP D 199 33.35 -4.68 -7.24
CA TRP D 199 34.79 -4.47 -7.13
C TRP D 199 35.29 -4.59 -5.70
N ARG D 200 36.33 -5.38 -5.50
CA ARG D 200 36.96 -5.49 -4.19
C ARG D 200 38.22 -4.64 -4.39
N LEU D 201 38.27 -3.49 -3.72
CA LEU D 201 39.38 -2.55 -3.87
C LEU D 201 40.63 -2.84 -3.04
N ASP D 202 41.76 -2.94 -3.73
CA ASP D 202 43.05 -3.23 -3.12
C ASP D 202 43.65 -1.97 -2.43
N VAL D 203 44.04 -2.12 -1.16
CA VAL D 203 44.64 -1.05 -0.35
C VAL D 203 44.19 0.35 -0.73
N PRO D 204 42.88 0.62 -0.65
CA PRO D 204 42.32 1.92 -1.00
C PRO D 204 42.90 3.12 -0.24
N ASN D 205 43.42 2.88 0.96
CA ASN D 205 44.00 3.96 1.75
C ASN D 205 45.23 4.57 1.05
N GLU D 206 45.84 3.82 0.14
CA GLU D 206 47.02 4.29 -0.58
C GLU D 206 46.70 5.41 -1.56
N ILE D 207 45.41 5.67 -1.78
CA ILE D 207 44.96 6.74 -2.65
C ILE D 207 44.08 7.65 -1.78
N PRO D 208 44.72 8.59 -1.06
CA PRO D 208 44.02 9.53 -0.17
C PRO D 208 43.16 10.60 -0.84
N ASP D 209 43.00 10.53 -2.15
CA ASP D 209 42.17 11.51 -2.86
C ASP D 209 40.70 11.16 -2.64
N PRO D 210 40.02 11.86 -1.72
CA PRO D 210 38.61 11.60 -1.42
C PRO D 210 37.70 11.67 -2.64
N THR D 211 37.91 12.69 -3.47
CA THR D 211 37.08 12.86 -4.65
C THR D 211 37.22 11.70 -5.62
N PHE D 212 38.35 11.02 -5.60
CA PHE D 212 38.56 9.89 -6.51
C PHE D 212 37.59 8.76 -6.21
N TRP D 213 37.57 8.32 -4.95
CA TRP D 213 36.69 7.23 -4.53
C TRP D 213 35.22 7.58 -4.62
N ARG D 214 34.89 8.86 -4.50
CA ARG D 214 33.50 9.30 -4.59
C ARG D 214 33.12 9.20 -6.06
N GLU D 215 34.03 9.64 -6.92
CA GLU D 215 33.80 9.59 -8.36
C GLU D 215 33.71 8.14 -8.81
N PHE D 216 34.61 7.31 -8.27
CA PHE D 216 34.65 5.88 -8.59
C PHE D 216 33.29 5.26 -8.28
N ARG D 217 32.73 5.60 -7.12
CA ARG D 217 31.44 5.07 -6.74
C ARG D 217 30.35 5.42 -7.76
N GLN D 218 30.24 6.70 -8.09
CA GLN D 218 29.23 7.16 -9.03
C GLN D 218 29.38 6.51 -10.41
N ARG D 219 30.61 6.31 -10.84
CA ARG D 219 30.85 5.69 -12.14
C ARG D 219 30.43 4.23 -12.11
N VAL D 220 30.76 3.53 -11.03
CA VAL D 220 30.39 2.11 -10.93
C VAL D 220 28.89 1.92 -10.69
N LYS D 221 28.32 2.68 -9.77
CA LYS D 221 26.88 2.58 -9.49
C LYS D 221 26.12 3.10 -10.70
N GLY D 222 26.75 4.01 -11.43
CA GLY D 222 26.12 4.56 -12.62
C GLY D 222 25.99 3.51 -13.70
N ALA D 223 26.91 2.55 -13.74
CA ALA D 223 26.86 1.50 -14.75
C ALA D 223 25.98 0.34 -14.27
N ASN D 224 25.89 0.17 -12.96
CA ASN D 224 25.07 -0.88 -12.36
C ASN D 224 24.79 -0.50 -10.91
N PRO D 225 23.57 0.02 -10.64
CA PRO D 225 23.16 0.44 -9.30
C PRO D 225 23.25 -0.66 -8.24
N GLU D 226 23.32 -1.91 -8.69
CA GLU D 226 23.40 -3.03 -7.77
C GLU D 226 24.83 -3.57 -7.64
N ALA D 227 25.80 -2.86 -8.21
CA ALA D 227 27.19 -3.27 -8.12
C ALA D 227 27.60 -3.16 -6.66
N TYR D 228 28.44 -4.09 -6.22
CA TYR D 228 28.92 -4.14 -4.85
C TYR D 228 30.35 -3.61 -4.81
N ILE D 229 30.61 -2.71 -3.87
CA ILE D 229 31.94 -2.10 -3.74
C ILE D 229 32.45 -2.32 -2.32
N VAL D 230 33.49 -3.15 -2.19
CA VAL D 230 34.05 -3.44 -0.88
C VAL D 230 35.55 -3.11 -0.86
N GLY D 231 35.97 -2.40 0.18
CA GLY D 231 37.37 -2.02 0.29
C GLY D 231 38.17 -2.83 1.28
N GLU D 232 39.46 -2.99 0.99
CA GLU D 232 40.34 -3.72 1.88
C GLU D 232 40.95 -2.78 2.93
N ILE D 233 40.30 -2.68 4.07
CA ILE D 233 40.78 -1.87 5.20
C ILE D 233 40.87 -2.90 6.33
N TRP D 234 42.04 -3.04 6.92
CA TRP D 234 42.23 -4.04 7.97
C TRP D 234 41.82 -3.66 9.38
N GLU D 235 41.46 -2.40 9.58
CA GLU D 235 41.02 -1.91 10.89
C GLU D 235 39.73 -1.11 10.71
N GLU D 236 39.43 -0.22 11.67
CA GLU D 236 38.22 0.59 11.59
C GLU D 236 38.21 1.39 10.28
N ALA D 237 37.06 1.47 9.63
CA ALA D 237 36.96 2.16 8.34
C ALA D 237 35.83 3.17 8.20
N ASP D 238 35.47 3.85 9.28
CA ASP D 238 34.39 4.84 9.25
C ASP D 238 34.53 5.75 8.03
N PHE D 239 35.75 6.26 7.84
CA PHE D 239 36.06 7.16 6.73
C PHE D 239 35.52 6.72 5.37
N TRP D 240 35.63 5.42 5.08
CA TRP D 240 35.18 4.87 3.81
C TRP D 240 33.75 4.35 3.78
N LEU D 241 33.06 4.44 4.91
CA LEU D 241 31.70 3.91 4.99
C LEU D 241 30.59 4.89 5.37
N GLN D 242 30.79 6.16 5.07
CA GLN D 242 29.79 7.16 5.40
C GLN D 242 28.65 7.19 4.39
N GLY D 243 28.83 6.50 3.27
CA GLY D 243 27.79 6.44 2.26
C GLY D 243 28.16 6.92 0.86
N ASP D 244 29.23 7.69 0.76
CA ASP D 244 29.64 8.23 -0.54
C ASP D 244 30.86 7.52 -1.15
N PHE D 246 32.58 3.37 -0.24
CA PHE D 246 32.36 1.92 -0.33
C PHE D 246 31.04 1.51 0.31
N ASP D 247 30.57 0.31 -0.04
CA ASP D 247 29.34 -0.22 0.55
C ASP D 247 29.77 -1.01 1.79
N ALA D 248 31.01 -1.48 1.78
CA ALA D 248 31.53 -2.25 2.89
C ALA D 248 33.03 -2.45 2.74
N VAL D 249 33.61 -3.13 3.71
CA VAL D 249 35.03 -3.42 3.70
C VAL D 249 35.22 -4.87 4.13
N ASN D 251 35.95 -7.36 6.63
CA ASN D 251 35.85 -7.36 8.08
C ASN D 251 36.96 -8.09 8.84
N TYR D 252 38.20 -7.67 8.65
CA TYR D 252 39.30 -8.30 9.36
C TYR D 252 39.12 -8.14 10.87
N PRO D 253 38.45 -7.07 11.32
CA PRO D 253 38.28 -6.94 12.76
C PRO D 253 37.43 -8.10 13.30
N LEU D 254 36.41 -8.50 12.55
CA LEU D 254 35.55 -9.60 12.97
C LEU D 254 36.34 -10.91 12.97
N ALA D 255 37.17 -11.09 11.95
CA ALA D 255 37.99 -12.28 11.83
C ALA D 255 38.86 -12.46 13.07
N ARG D 256 39.47 -11.37 13.54
CA ARG D 256 40.32 -11.43 14.72
C ARG D 256 39.51 -11.87 15.93
N ALA D 257 38.33 -11.30 16.10
CA ALA D 257 37.44 -11.61 17.21
C ALA D 257 37.02 -13.08 17.24
N VAL D 258 36.52 -13.57 16.11
CA VAL D 258 36.08 -14.96 16.01
C VAL D 258 37.24 -15.92 16.24
N LEU D 259 38.40 -15.62 15.64
CA LEU D 259 39.56 -16.49 15.81
C LEU D 259 40.03 -16.49 17.25
N GLY D 260 40.01 -15.32 17.88
CA GLY D 260 40.43 -15.21 19.27
C GLY D 260 39.53 -15.98 20.21
N PHE D 261 38.22 -15.91 19.98
CA PHE D 261 37.27 -16.61 20.83
C PHE D 261 37.32 -18.12 20.61
N VAL D 262 36.93 -18.58 19.43
CA VAL D 262 36.95 -19.99 19.12
C VAL D 262 38.34 -20.59 19.28
N GLY D 263 39.35 -19.86 18.80
CA GLY D 263 40.71 -20.33 18.90
C GLY D 263 41.18 -20.46 20.34
N GLY D 264 40.68 -19.56 21.19
CA GLY D 264 41.06 -19.59 22.59
C GLY D 264 42.57 -19.63 22.78
N GLU D 265 43.02 -20.60 23.58
CA GLU D 265 44.45 -20.77 23.84
C GLU D 265 45.14 -21.66 22.81
N ALA D 266 44.35 -22.36 22.01
CA ALA D 266 44.89 -23.26 20.99
C ALA D 266 45.37 -22.52 19.74
N LEU D 267 44.90 -21.30 19.56
CA LEU D 267 45.27 -20.50 18.40
C LEU D 267 46.78 -20.29 18.32
N ASP D 268 47.35 -20.49 17.13
CA ASP D 268 48.78 -20.30 16.93
C ASP D 268 49.00 -18.82 16.68
N ARG D 269 49.10 -18.05 17.77
CA ARG D 269 49.30 -16.62 17.68
C ARG D 269 50.54 -16.20 16.89
N ASP D 270 51.62 -16.96 17.00
CA ASP D 270 52.85 -16.64 16.28
C ASP D 270 52.63 -16.67 14.77
N LEU D 271 51.84 -17.63 14.31
CA LEU D 271 51.55 -17.75 12.89
C LEU D 271 50.77 -16.54 12.41
N ALA D 272 49.69 -16.21 13.12
CA ALA D 272 48.86 -15.06 12.79
C ALA D 272 49.66 -13.75 12.80
N ALA D 273 50.66 -13.68 13.66
CA ALA D 273 51.48 -12.48 13.78
C ALA D 273 52.39 -12.26 12.56
N GLN D 274 52.55 -13.29 11.73
CA GLN D 274 53.38 -13.18 10.53
C GLN D 274 52.65 -12.48 9.38
N THR D 275 51.39 -12.14 9.59
CA THR D 275 50.60 -11.48 8.56
C THR D 275 49.84 -10.30 9.15
N GLY D 276 49.00 -9.66 8.34
CA GLY D 276 48.21 -8.52 8.78
C GLY D 276 47.22 -8.80 9.90
N LEU D 277 47.03 -10.08 10.24
CA LEU D 277 46.12 -10.43 11.32
C LEU D 277 46.73 -9.98 12.64
N GLY D 278 48.05 -9.94 12.69
CA GLY D 278 48.74 -9.54 13.91
C GLY D 278 48.62 -10.63 14.96
N ARG D 279 49.11 -10.34 16.16
CA ARG D 279 49.06 -11.29 17.26
C ARG D 279 47.68 -11.20 17.90
N ILE D 280 46.79 -12.11 17.52
CA ILE D 280 45.42 -12.13 18.04
C ILE D 280 45.37 -12.54 19.50
N GLU D 281 44.75 -11.71 20.33
CA GLU D 281 44.62 -11.99 21.75
C GLU D 281 43.42 -12.86 22.04
N PRO D 282 43.60 -13.92 22.84
CA PRO D 282 42.52 -14.85 23.20
C PRO D 282 41.34 -14.07 23.75
N LEU D 283 40.13 -14.61 23.56
CA LEU D 283 38.92 -13.94 24.03
C LEU D 283 37.97 -14.86 24.76
N GLN D 284 37.22 -14.29 25.69
CA GLN D 284 36.22 -15.03 26.46
C GLN D 284 34.87 -14.62 25.86
N ALA D 285 33.84 -15.42 26.10
CA ALA D 285 32.51 -15.16 25.57
C ALA D 285 32.02 -13.71 25.66
N LEU D 286 32.30 -13.03 26.77
CA LEU D 286 31.84 -11.64 26.95
C LEU D 286 32.72 -10.65 26.20
N ALA D 287 34.03 -10.84 26.26
CA ALA D 287 34.96 -9.96 25.58
C ALA D 287 34.63 -10.07 24.09
N PHE D 288 34.48 -11.31 23.63
CA PHE D 288 34.15 -11.57 22.24
C PHE D 288 32.83 -10.90 21.87
N SER D 289 31.79 -11.11 22.69
CA SER D 289 30.49 -10.51 22.41
C SER D 289 30.55 -8.98 22.38
N HIS D 290 31.42 -8.40 23.20
CA HIS D 290 31.58 -6.95 23.25
C HIS D 290 32.13 -6.45 21.92
N ARG D 291 33.08 -7.21 21.36
CA ARG D 291 33.66 -6.87 20.07
C ARG D 291 32.57 -6.84 19.01
N LEU D 292 31.79 -7.91 18.92
CA LEU D 292 30.71 -8.01 17.94
C LEU D 292 29.76 -6.81 18.07
N GLU D 293 29.41 -6.49 19.30
CA GLU D 293 28.52 -5.37 19.57
C GLU D 293 29.09 -4.08 18.98
N ASP D 294 30.39 -3.86 19.19
CA ASP D 294 31.04 -2.65 18.66
C ASP D 294 31.02 -2.64 17.14
N LEU D 295 31.50 -3.73 16.55
CA LEU D 295 31.55 -3.85 15.10
C LEU D 295 30.17 -3.69 14.47
N PHE D 296 29.15 -4.32 15.07
CA PHE D 296 27.80 -4.23 14.52
C PHE D 296 27.14 -2.89 14.83
N GLY D 297 27.80 -2.04 15.61
CA GLY D 297 27.21 -0.77 15.95
C GLY D 297 27.85 0.50 15.40
N ARG D 298 29.15 0.48 15.16
CA ARG D 298 29.84 1.67 14.66
C ARG D 298 29.55 2.08 13.21
N TYR D 299 28.95 1.19 12.43
CA TYR D 299 28.62 1.50 11.05
C TYR D 299 27.11 1.41 10.87
N ARG D 300 26.58 2.10 9.87
CA ARG D 300 25.14 2.06 9.63
C ARG D 300 24.75 0.60 9.44
N PRO D 301 23.49 0.26 9.70
CA PRO D 301 23.06 -1.13 9.53
C PRO D 301 23.23 -1.63 8.10
N GLU D 302 23.06 -0.75 7.12
CA GLU D 302 23.22 -1.14 5.71
C GLU D 302 24.64 -1.65 5.45
N VAL D 303 25.63 -0.98 6.04
CA VAL D 303 27.02 -1.36 5.90
C VAL D 303 27.26 -2.66 6.66
N VAL D 304 26.76 -2.71 7.89
CA VAL D 304 26.91 -3.90 8.73
C VAL D 304 26.43 -5.19 8.06
N ARG D 305 25.31 -5.13 7.36
CA ARG D 305 24.75 -6.30 6.70
C ARG D 305 25.46 -6.66 5.42
N ALA D 306 26.32 -5.78 4.93
CA ALA D 306 27.05 -6.02 3.70
C ALA D 306 28.54 -6.26 3.92
N GLN D 307 28.97 -6.25 5.17
CA GLN D 307 30.38 -6.46 5.49
C GLN D 307 30.91 -7.78 4.94
N ASN D 309 32.55 -10.60 5.77
CA ASN D 309 32.98 -11.36 6.94
C ASN D 309 33.75 -12.63 6.60
N LEU D 310 35.07 -12.52 6.63
CA LEU D 310 35.93 -13.66 6.33
C LEU D 310 36.79 -13.97 7.56
N LEU D 311 37.39 -15.16 7.57
CA LEU D 311 38.25 -15.55 8.67
C LEU D 311 39.67 -15.52 8.16
N THR D 312 39.82 -15.84 6.88
CA THR D 312 41.13 -15.86 6.23
C THR D 312 41.03 -15.42 4.77
N SER D 313 42.18 -15.32 4.12
CA SER D 313 42.24 -14.91 2.71
C SER D 313 43.62 -15.26 2.17
N HIS D 314 43.94 -14.73 1.00
CA HIS D 314 45.24 -15.00 0.37
C HIS D 314 46.38 -14.27 1.10
N ASP D 315 46.02 -13.39 2.05
CA ASP D 315 47.03 -12.65 2.82
C ASP D 315 47.18 -13.17 4.25
N THR D 316 46.49 -14.26 4.59
CA THR D 316 46.58 -14.82 5.94
C THR D 316 46.88 -16.30 5.89
N PRO D 317 47.29 -16.88 7.03
CA PRO D 317 47.58 -18.33 7.04
C PRO D 317 46.21 -18.99 6.93
N ARG D 318 46.17 -20.26 6.56
CA ARG D 318 44.90 -20.96 6.46
C ARG D 318 44.33 -21.31 7.83
N LEU D 319 43.00 -21.31 7.93
CA LEU D 319 42.30 -21.60 9.16
C LEU D 319 42.78 -22.84 9.91
N LEU D 320 42.75 -23.98 9.24
CA LEU D 320 43.16 -25.22 9.87
C LEU D 320 44.57 -25.10 10.45
N SER D 321 45.37 -24.20 9.89
CA SER D 321 46.72 -23.98 10.39
C SER D 321 46.68 -23.09 11.61
N LEU D 322 45.78 -22.11 11.60
CA LEU D 322 45.65 -21.21 12.74
C LEU D 322 45.11 -21.97 13.95
N ARG D 324 45.87 -25.02 14.63
CA ARG D 324 46.85 -26.08 14.87
C ARG D 324 46.41 -27.49 14.47
N GLY D 325 45.53 -27.60 13.47
CA GLY D 325 45.07 -28.89 13.03
C GLY D 325 43.76 -29.34 13.65
N SER D 326 43.22 -28.53 14.54
CA SER D 326 41.96 -28.86 15.20
C SER D 326 40.75 -28.59 14.32
N VAL D 327 40.24 -29.65 13.71
CA VAL D 327 39.08 -29.57 12.84
C VAL D 327 37.86 -29.02 13.56
N GLU D 328 37.62 -29.49 14.78
CA GLU D 328 36.45 -29.03 15.54
C GLU D 328 36.46 -27.51 15.73
N ARG D 329 37.64 -26.94 15.98
CA ARG D 329 37.75 -25.50 16.16
C ARG D 329 37.54 -24.78 14.82
N ALA D 330 38.20 -25.29 13.78
CA ALA D 330 38.06 -24.69 12.46
C ALA D 330 36.59 -24.73 12.04
N ARG D 331 35.91 -25.83 12.37
CA ARG D 331 34.50 -26.00 12.02
C ARG D 331 33.57 -25.04 12.74
N LEU D 332 33.80 -24.86 14.04
CA LEU D 332 32.96 -23.95 14.81
C LEU D 332 33.20 -22.49 14.38
N ALA D 333 34.41 -22.21 13.91
CA ALA D 333 34.76 -20.85 13.47
C ALA D 333 33.96 -20.50 12.22
N LEU D 334 33.95 -21.42 11.26
CA LEU D 334 33.24 -21.22 10.01
C LEU D 334 31.73 -21.15 10.24
N ALA D 335 31.22 -22.06 11.07
CA ALA D 335 29.80 -22.11 11.37
C ALA D 335 29.31 -20.80 11.97
N LEU D 336 30.06 -20.29 12.94
CA LEU D 336 29.68 -19.04 13.61
C LEU D 336 29.51 -17.86 12.64
N LEU D 337 30.28 -17.85 11.56
CA LEU D 337 30.21 -16.77 10.58
C LEU D 337 28.84 -16.69 9.90
N PHE D 338 28.21 -17.84 9.71
CA PHE D 338 26.91 -17.89 9.06
C PHE D 338 25.76 -17.53 10.00
N LEU D 339 26.06 -17.35 11.28
CA LEU D 339 25.02 -17.01 12.25
C LEU D 339 25.13 -15.56 12.69
N LEU D 340 25.80 -14.75 11.89
CA LEU D 340 25.99 -13.34 12.20
C LEU D 340 25.63 -12.45 11.01
N PRO D 341 25.35 -11.16 11.27
CA PRO D 341 25.00 -10.24 10.18
C PRO D 341 26.24 -9.92 9.35
N GLY D 342 26.07 -9.88 8.03
CA GLY D 342 27.17 -9.59 7.14
C GLY D 342 27.25 -10.67 6.07
N ASN D 343 28.27 -10.64 5.23
CA ASN D 343 28.41 -11.65 4.19
C ASN D 343 29.43 -12.70 4.58
N PRO D 344 28.98 -13.92 4.86
CA PRO D 344 29.95 -14.95 5.24
C PRO D 344 30.81 -15.23 4.00
N THR D 345 32.13 -15.16 4.17
CA THR D 345 33.04 -15.38 3.05
C THR D 345 34.08 -16.43 3.38
N VAL D 346 34.19 -17.41 2.49
CA VAL D 346 35.12 -18.51 2.65
C VAL D 346 36.23 -18.43 1.61
N TYR D 347 37.47 -18.59 2.07
CA TYR D 347 38.62 -18.57 1.18
C TYR D 347 38.69 -19.98 0.60
N TYR D 348 38.81 -20.09 -0.72
CA TYR D 348 38.82 -21.42 -1.35
C TYR D 348 39.70 -22.43 -0.61
N GLY D 349 39.17 -23.63 -0.43
CA GLY D 349 39.93 -24.67 0.23
C GLY D 349 39.72 -24.80 1.73
N GLU D 350 39.24 -23.75 2.38
CA GLU D 350 39.02 -23.82 3.82
C GLU D 350 37.87 -24.78 4.14
N GLU D 351 36.91 -24.87 3.22
CA GLU D 351 35.76 -25.76 3.42
C GLU D 351 36.15 -27.23 3.35
N VAL D 352 37.29 -27.54 2.73
CA VAL D 352 37.72 -28.94 2.63
C VAL D 352 38.94 -29.22 3.50
N GLY D 353 39.25 -28.30 4.39
CA GLY D 353 40.39 -28.47 5.28
C GLY D 353 41.79 -28.39 4.71
N ALA D 355 45.51 -26.91 4.41
CA ALA D 355 46.36 -26.26 5.41
C ALA D 355 47.54 -25.54 4.79
N GLY D 356 48.10 -24.60 5.54
CA GLY D 356 49.24 -23.85 5.06
C GLY D 356 49.50 -22.59 5.87
N GLY D 357 50.76 -22.15 5.87
CA GLY D 357 51.13 -20.94 6.59
C GLY D 357 50.95 -19.71 5.72
N LYS D 358 51.76 -18.68 5.95
CA LYS D 358 51.64 -17.46 5.18
C LYS D 358 52.06 -17.61 3.72
N ASP D 359 51.69 -16.60 2.94
CA ASP D 359 51.98 -16.50 1.52
C ASP D 359 53.43 -16.99 1.27
N PRO D 360 53.64 -17.90 0.30
CA PRO D 360 52.70 -18.56 -0.62
C PRO D 360 52.08 -19.88 -0.18
N GLU D 361 52.44 -20.38 0.99
CA GLU D 361 51.92 -21.66 1.48
C GLU D 361 50.39 -21.73 1.57
N ASN D 362 49.76 -20.58 1.62
CA ASN D 362 48.29 -20.51 1.72
C ASN D 362 47.63 -20.49 0.35
N ARG D 363 48.44 -20.63 -0.70
CA ARG D 363 47.94 -20.60 -2.07
C ARG D 363 48.17 -21.91 -2.80
N GLY D 364 47.93 -23.02 -2.11
CA GLY D 364 48.12 -24.31 -2.75
C GLY D 364 47.09 -24.54 -3.83
N GLY D 365 47.34 -25.54 -4.67
CA GLY D 365 46.38 -25.86 -5.73
C GLY D 365 45.17 -26.49 -5.09
N VAL D 367 42.35 -28.86 -3.98
CA VAL D 367 42.30 -30.33 -3.95
C VAL D 367 40.93 -30.81 -4.42
N TRP D 368 40.90 -31.59 -5.48
CA TRP D 368 39.63 -32.09 -6.00
C TRP D 368 39.34 -33.58 -5.71
N GLU D 369 40.29 -34.27 -5.09
CA GLU D 369 40.09 -35.68 -4.73
C GLU D 369 39.22 -35.69 -3.49
N GLU D 370 37.92 -35.91 -3.66
CA GLU D 370 36.98 -35.91 -2.53
C GLU D 370 37.47 -36.72 -1.33
N ALA D 371 38.02 -37.90 -1.60
CA ALA D 371 38.52 -38.77 -0.52
C ALA D 371 39.54 -38.06 0.37
N ARG D 372 40.00 -36.88 -0.06
CA ARG D 372 40.99 -36.13 0.73
C ARG D 372 40.39 -34.93 1.43
N TRP D 373 39.12 -34.64 1.16
CA TRP D 373 38.44 -33.51 1.80
C TRP D 373 38.06 -33.83 3.23
N GLN D 374 38.03 -32.79 4.05
CA GLN D 374 37.59 -32.93 5.43
C GLN D 374 36.08 -32.81 5.31
N LYS D 375 35.40 -33.95 5.24
CA LYS D 375 33.94 -34.00 5.09
C LYS D 375 33.20 -33.22 6.16
N ASP D 376 33.72 -33.22 7.39
CA ASP D 376 33.08 -32.52 8.49
C ASP D 376 33.04 -31.01 8.25
N LEU D 377 34.14 -30.46 7.77
CA LEU D 377 34.20 -29.02 7.51
C LEU D 377 33.27 -28.61 6.38
N ARG D 378 33.34 -29.32 5.27
CA ARG D 378 32.51 -29.00 4.12
C ARG D 378 31.02 -29.13 4.41
N GLU D 379 30.65 -30.18 5.15
CA GLU D 379 29.25 -30.38 5.50
C GLU D 379 28.71 -29.26 6.35
N THR D 380 29.52 -28.77 7.27
CA THR D 380 29.09 -27.68 8.13
C THR D 380 28.84 -26.42 7.32
N VAL D 381 29.75 -26.08 6.43
CA VAL D 381 29.59 -24.89 5.60
C VAL D 381 28.31 -25.03 4.77
N LYS D 382 28.20 -26.18 4.10
CA LYS D 382 27.03 -26.48 3.28
C LYS D 382 25.75 -26.35 4.10
N ARG D 383 25.73 -27.02 5.26
CA ARG D 383 24.58 -27.00 6.16
C ARG D 383 24.20 -25.59 6.62
N LEU D 384 25.17 -24.84 7.14
CA LEU D 384 24.88 -23.49 7.62
C LEU D 384 24.62 -22.45 6.55
N ALA D 385 25.05 -22.71 5.32
CA ALA D 385 24.79 -21.76 4.24
C ALA D 385 23.32 -21.93 3.86
N ARG D 386 22.88 -23.18 3.81
CA ARG D 386 21.50 -23.54 3.47
C ARG D 386 20.57 -22.92 4.51
N LEU D 387 20.92 -23.11 5.79
CA LEU D 387 20.14 -22.57 6.89
C LEU D 387 19.94 -21.07 6.73
N ARG D 388 21.06 -20.38 6.52
CA ARG D 388 21.05 -18.94 6.35
C ARG D 388 20.15 -18.57 5.16
N LYS D 389 20.16 -19.42 4.14
CA LYS D 389 19.38 -19.20 2.94
C LYS D 389 17.87 -19.33 3.17
N GLU D 390 17.48 -20.32 3.96
CA GLU D 390 16.07 -20.59 4.25
C GLU D 390 15.49 -19.72 5.35
N HIS D 391 16.35 -19.16 6.19
CA HIS D 391 15.93 -18.32 7.30
C HIS D 391 16.52 -16.94 7.17
N PRO D 392 15.92 -16.10 6.31
CA PRO D 392 16.34 -14.72 6.03
C PRO D 392 16.68 -13.87 7.24
N ALA D 393 16.04 -14.15 8.37
CA ALA D 393 16.30 -13.40 9.59
C ALA D 393 17.76 -13.52 9.99
N LEU D 394 18.38 -14.65 9.66
CA LEU D 394 19.78 -14.89 10.00
C LEU D 394 20.75 -13.90 9.39
N ARG D 395 20.28 -13.06 8.47
CA ARG D 395 21.14 -12.07 7.86
C ARG D 395 20.55 -10.66 7.96
N THR D 396 19.33 -10.55 8.47
CA THR D 396 18.69 -9.25 8.61
C THR D 396 18.47 -8.84 10.06
N ALA D 397 18.26 -9.83 10.92
CA ALA D 397 18.02 -9.57 12.34
C ALA D 397 19.23 -9.01 13.07
N PRO D 398 18.99 -8.19 14.12
CA PRO D 398 20.06 -7.58 14.91
C PRO D 398 20.79 -8.61 15.75
N TYR D 399 21.84 -8.17 16.44
CA TYR D 399 22.60 -9.06 17.30
C TYR D 399 22.14 -8.76 18.73
N LEU D 400 22.15 -9.78 19.58
CA LEU D 400 21.72 -9.59 20.96
C LEU D 400 22.26 -10.69 21.87
N ARG D 401 23.20 -10.34 22.74
CA ARG D 401 23.79 -11.31 23.65
C ARG D 401 22.72 -11.80 24.61
N ILE D 402 22.83 -13.05 25.05
CA ILE D 402 21.87 -13.64 25.98
C ILE D 402 22.62 -14.36 27.09
N TYR D 403 23.83 -14.80 26.80
CA TYR D 403 24.64 -15.51 27.79
C TYR D 403 26.10 -15.51 27.39
N ALA D 404 26.98 -15.38 28.39
CA ALA D 404 28.42 -15.37 28.15
C ALA D 404 29.16 -15.77 29.43
N GLN D 405 29.82 -16.92 29.38
CA GLN D 405 30.56 -17.44 30.52
C GLN D 405 31.60 -18.41 29.98
N ASP D 406 32.87 -18.07 30.14
CA ASP D 406 33.94 -18.92 29.64
C ASP D 406 33.82 -18.95 28.12
N GLY D 407 33.90 -20.15 27.55
CA GLY D 407 33.78 -20.31 26.11
C GLY D 407 32.35 -20.65 25.76
N HIS D 408 31.42 -20.15 26.57
CA HIS D 408 30.01 -20.41 26.36
C HIS D 408 29.28 -19.12 26.00
N LEU D 409 28.78 -19.03 24.78
CA LEU D 409 28.07 -17.86 24.33
C LEU D 409 26.74 -18.21 23.71
N ALA D 410 25.76 -17.37 23.97
CA ALA D 410 24.43 -17.54 23.41
C ALA D 410 23.99 -16.15 23.01
N PHE D 411 23.45 -16.00 21.81
CA PHE D 411 22.96 -14.71 21.34
C PHE D 411 21.73 -14.94 20.48
N ALA D 412 21.00 -13.87 20.23
CA ALA D 412 19.78 -13.98 19.45
C ALA D 412 19.75 -13.18 18.16
N ARG D 413 19.27 -13.81 17.10
CA ARG D 413 19.12 -13.18 15.81
C ARG D 413 17.63 -13.25 15.50
N GLY D 414 16.89 -12.27 15.99
CA GLY D 414 15.45 -12.26 15.77
C GLY D 414 14.80 -13.42 16.52
N PRO D 415 13.96 -14.22 15.84
CA PRO D 415 13.30 -15.35 16.49
C PRO D 415 14.24 -16.52 16.73
N TYR D 416 15.53 -16.31 16.52
CA TYR D 416 16.51 -17.37 16.69
C TYR D 416 17.46 -17.15 17.85
N LEU D 417 17.85 -18.23 18.49
CA LEU D 417 18.79 -18.19 19.60
C LEU D 417 19.93 -19.12 19.24
N ALA D 418 21.12 -18.58 19.09
CA ALA D 418 22.28 -19.40 18.76
C ALA D 418 23.03 -19.64 20.04
N VAL D 419 23.47 -20.88 20.25
CA VAL D 419 24.23 -21.21 21.44
C VAL D 419 25.54 -21.79 20.96
N VAL D 420 26.63 -21.14 21.33
CA VAL D 420 27.96 -21.56 20.91
C VAL D 420 28.82 -22.09 22.04
N ASN D 421 29.22 -23.35 21.93
CA ASN D 421 30.06 -23.97 22.95
C ASN D 421 31.49 -24.05 22.43
N ALA D 422 32.31 -23.06 22.77
CA ALA D 422 33.69 -23.02 22.35
C ALA D 422 34.65 -23.45 23.46
N SER D 423 34.54 -24.72 23.87
CA SER D 423 35.40 -25.25 24.92
C SER D 423 35.40 -26.77 24.88
N PRO D 424 36.49 -27.40 25.36
CA PRO D 424 36.62 -28.85 25.37
C PRO D 424 35.62 -29.52 26.33
N HIS D 425 34.96 -28.72 27.16
CA HIS D 425 33.99 -29.22 28.13
C HIS D 425 32.55 -29.03 27.67
N PRO D 426 31.72 -30.08 27.83
CA PRO D 426 30.32 -29.99 27.42
C PRO D 426 29.64 -28.77 28.05
N PHE D 427 28.48 -28.41 27.53
CA PHE D 427 27.74 -27.26 28.06
C PHE D 427 26.28 -27.58 28.27
N ARG D 428 25.81 -27.40 29.50
CA ARG D 428 24.42 -27.67 29.84
C ARG D 428 23.59 -26.46 29.42
N GLN D 429 22.80 -26.61 28.36
CA GLN D 429 21.97 -25.52 27.86
C GLN D 429 20.77 -25.33 28.79
N ASP D 430 20.98 -24.59 29.87
CA ASP D 430 19.92 -24.34 30.86
C ASP D 430 19.95 -22.92 31.41
N PHE D 431 20.78 -22.05 30.82
CA PHE D 431 20.90 -20.67 31.25
C PHE D 431 19.59 -19.90 31.01
N PRO D 432 19.45 -18.70 31.59
CA PRO D 432 18.25 -17.88 31.42
C PRO D 432 18.16 -17.33 30.01
N LEU D 433 16.94 -17.21 29.47
CA LEU D 433 16.75 -16.72 28.11
C LEU D 433 16.41 -15.24 28.01
N HIS D 434 16.38 -14.55 29.14
CA HIS D 434 16.09 -13.12 29.21
C HIS D 434 14.93 -12.61 28.33
N GLY D 435 13.92 -13.45 28.13
CA GLY D 435 12.75 -13.04 27.35
C GLY D 435 12.74 -13.34 25.86
N VAL D 436 13.68 -14.15 25.40
CA VAL D 436 13.72 -14.49 23.99
C VAL D 436 12.50 -15.32 23.58
N PHE D 437 12.06 -16.21 24.48
CA PHE D 437 10.91 -17.06 24.20
C PHE D 437 9.76 -16.90 25.19
N PRO D 438 8.51 -17.06 24.70
CA PRO D 438 7.31 -16.95 25.54
C PRO D 438 7.06 -18.25 26.29
N ARG D 439 6.82 -18.13 27.59
CA ARG D 439 6.56 -19.29 28.46
C ARG D 439 5.53 -20.23 27.84
N GLY D 440 5.75 -21.53 28.00
CA GLY D 440 4.82 -22.52 27.48
C GLY D 440 5.00 -22.92 26.03
N GLY D 441 5.91 -22.27 25.32
CA GLY D 441 6.13 -22.61 23.92
C GLY D 441 7.26 -23.60 23.70
N ARG D 442 7.01 -24.61 22.85
CA ARG D 442 8.02 -25.62 22.57
C ARG D 442 9.16 -25.02 21.73
N ALA D 443 10.39 -25.36 22.10
CA ALA D 443 11.57 -24.87 21.40
C ALA D 443 12.22 -26.03 20.63
N VAL D 444 12.91 -25.72 19.54
CA VAL D 444 13.54 -26.75 18.73
C VAL D 444 14.89 -26.31 18.14
N ASP D 445 15.86 -27.21 18.20
CA ASP D 445 17.19 -26.94 17.66
C ASP D 445 17.27 -27.37 16.20
N LEU D 446 17.25 -26.38 15.31
CA LEU D 446 17.32 -26.63 13.87
C LEU D 446 18.53 -27.46 13.43
N LEU D 447 19.60 -27.43 14.21
CA LEU D 447 20.80 -28.17 13.88
C LEU D 447 20.75 -29.66 14.26
N SER D 448 20.50 -29.94 15.53
CA SER D 448 20.45 -31.33 16.01
C SER D 448 19.06 -31.96 15.89
N GLY D 449 18.03 -31.12 15.88
CA GLY D 449 16.68 -31.64 15.79
C GLY D 449 16.07 -31.81 17.17
N GLU D 450 16.87 -31.54 18.19
CA GLU D 450 16.41 -31.66 19.57
C GLU D 450 15.17 -30.80 19.77
N VAL D 451 14.33 -31.19 20.72
CA VAL D 451 13.11 -30.44 21.00
C VAL D 451 12.87 -30.43 22.50
N CYS D 452 12.20 -29.40 22.98
CA CYS D 452 11.88 -29.29 24.40
C CYS D 452 11.12 -28.01 24.73
N THR D 453 10.48 -27.98 25.89
CA THR D 453 9.72 -26.83 26.33
C THR D 453 10.42 -26.13 27.48
N PRO D 454 10.78 -24.85 27.29
CA PRO D 454 11.46 -24.06 28.32
C PRO D 454 10.62 -23.89 29.59
N GLN D 455 11.28 -24.00 30.74
CA GLN D 455 10.60 -23.85 32.02
C GLN D 455 11.44 -22.98 32.96
N GLY D 456 10.82 -21.97 33.55
CA GLY D 456 11.52 -21.10 34.47
C GLY D 456 12.40 -20.05 33.80
N GLY D 457 12.02 -19.64 32.60
CA GLY D 457 12.80 -18.65 31.88
C GLY D 457 14.18 -19.18 31.55
N ARG D 458 14.31 -20.51 31.58
CA ARG D 458 15.58 -21.16 31.29
C ARG D 458 15.44 -22.08 30.08
N LEU D 459 16.57 -22.34 29.41
CA LEU D 459 16.56 -23.22 28.26
C LEU D 459 16.33 -24.64 28.76
N CYS D 460 15.98 -25.54 27.86
CA CYS D 460 15.70 -26.92 28.23
C CYS D 460 16.42 -27.94 27.36
N GLY D 461 17.44 -27.49 26.65
CA GLY D 461 18.18 -28.40 25.79
C GLY D 461 19.19 -29.26 26.53
N PRO D 462 19.58 -30.40 25.95
CA PRO D 462 20.55 -31.30 26.56
C PRO D 462 21.93 -30.69 26.59
N VAL D 463 22.95 -31.52 26.77
CA VAL D 463 24.32 -31.04 26.81
C VAL D 463 24.87 -30.79 25.41
N LEU D 464 25.54 -29.66 25.24
CA LEU D 464 26.13 -29.31 23.95
C LEU D 464 27.55 -29.85 23.95
N PRO D 465 27.81 -30.87 23.13
CA PRO D 465 29.16 -31.47 23.06
C PRO D 465 30.25 -30.44 22.79
N PRO D 466 31.51 -30.79 23.09
CA PRO D 466 32.66 -29.91 22.89
C PRO D 466 32.71 -29.28 21.49
N PHE D 467 32.90 -27.96 21.45
CA PHE D 467 32.97 -27.21 20.20
C PHE D 467 31.82 -27.53 19.26
N SER D 468 30.61 -27.46 19.79
CA SER D 468 29.41 -27.72 19.00
C SER D 468 28.58 -26.45 18.93
N LEU D 469 27.53 -26.49 18.11
CA LEU D 469 26.68 -25.34 17.92
C LEU D 469 25.21 -25.72 17.89
N ALA D 470 24.35 -24.81 18.32
CA ALA D 470 22.92 -25.06 18.32
C ALA D 470 22.16 -23.79 17.97
N LEU D 471 21.05 -23.95 17.28
CA LEU D 471 20.21 -22.83 16.88
C LEU D 471 18.76 -23.16 17.21
N TRP D 472 18.24 -22.55 18.26
CA TRP D 472 16.87 -22.79 18.70
C TRP D 472 15.90 -21.74 18.16
N ARG D 473 14.60 -22.04 18.26
CA ARG D 473 13.57 -21.12 17.80
C ARG D 473 12.19 -21.57 18.25
N GLU D 474 11.22 -20.67 18.16
CA GLU D 474 9.84 -20.98 18.53
C GLU D 474 9.24 -21.92 17.50
N ALA D 475 8.88 -23.11 17.94
CA ALA D 475 8.28 -24.11 17.05
C ALA D 475 6.77 -23.96 17.03
#